data_3T98
# 
_entry.id   3T98 
# 
_audit_conform.dict_name       mmcif_pdbx.dic 
_audit_conform.dict_version    5.387 
_audit_conform.dict_location   http://mmcif.pdb.org/dictionaries/ascii/mmcif_pdbx.dic 
# 
loop_
_database_2.database_id 
_database_2.database_code 
_database_2.pdbx_database_accession 
_database_2.pdbx_DOI 
PDB   3T98         pdb_00003t98 10.2210/pdb3t98/pdb 
RCSB  RCSB067196   ?            ?                   
WWPDB D_1000067196 ?            ?                   
# 
loop_
_pdbx_audit_revision_history.ordinal 
_pdbx_audit_revision_history.data_content_type 
_pdbx_audit_revision_history.major_revision 
_pdbx_audit_revision_history.minor_revision 
_pdbx_audit_revision_history.revision_date 
1 'Structure model' 1 0 2011-11-02 
2 'Structure model' 1 1 2011-11-09 
3 'Structure model' 1 2 2024-02-28 
# 
_pdbx_audit_revision_details.ordinal             1 
_pdbx_audit_revision_details.revision_ordinal    1 
_pdbx_audit_revision_details.data_content_type   'Structure model' 
_pdbx_audit_revision_details.provider            repository 
_pdbx_audit_revision_details.type                'Initial release' 
_pdbx_audit_revision_details.description         ? 
_pdbx_audit_revision_details.details             ? 
# 
loop_
_pdbx_audit_revision_group.ordinal 
_pdbx_audit_revision_group.revision_ordinal 
_pdbx_audit_revision_group.data_content_type 
_pdbx_audit_revision_group.group 
1 2 'Structure model' 'Database references' 
2 3 'Structure model' 'Data collection'     
3 3 'Structure model' 'Database references' 
# 
loop_
_pdbx_audit_revision_category.ordinal 
_pdbx_audit_revision_category.revision_ordinal 
_pdbx_audit_revision_category.data_content_type 
_pdbx_audit_revision_category.category 
1 3 'Structure model' chem_comp_atom     
2 3 'Structure model' chem_comp_bond     
3 3 'Structure model' database_2         
4 3 'Structure model' struct_ref_seq_dif 
# 
loop_
_pdbx_audit_revision_item.ordinal 
_pdbx_audit_revision_item.revision_ordinal 
_pdbx_audit_revision_item.data_content_type 
_pdbx_audit_revision_item.item 
1 3 'Structure model' '_database_2.pdbx_DOI'                
2 3 'Structure model' '_database_2.pdbx_database_accession' 
3 3 'Structure model' '_struct_ref_seq_dif.details'         
# 
_pdbx_database_status.status_code                     REL 
_pdbx_database_status.entry_id                        3T98 
_pdbx_database_status.recvd_initial_deposition_date   2011-08-02 
_pdbx_database_status.deposit_site                    RCSB 
_pdbx_database_status.process_site                    RCSB 
_pdbx_database_status.status_code_sf                  REL 
_pdbx_database_status.status_code_mr                  ? 
_pdbx_database_status.SG_entry                        ? 
_pdbx_database_status.status_code_cs                  ? 
_pdbx_database_status.pdb_format_compatible           Y 
_pdbx_database_status.status_code_nmr_data            ? 
_pdbx_database_status.methods_development_category    ? 
# 
loop_
_pdbx_database_related.db_name 
_pdbx_database_related.db_id 
_pdbx_database_related.details 
_pdbx_database_related.content_type 
PDB 3T97 . unspecified 
PDB 2OSZ . unspecified 
# 
loop_
_audit_author.name 
_audit_author.pdbx_ordinal 
'Solmaz, S.R.' 1 
'Blobel, G.'   2 
'Melcak, I.'   3 
# 
_citation.id                        primary 
_citation.title                     'Molecular architecture of the transport channel of the nuclear pore complex.' 
_citation.journal_abbrev            'Cell(Cambridge,Mass.)' 
_citation.journal_volume            147 
_citation.page_first                590 
_citation.page_last                 602 
_citation.year                      2011 
_citation.journal_id_ASTM           CELLB5 
_citation.country                   US 
_citation.journal_id_ISSN           0092-8674 
_citation.journal_id_CSD            0998 
_citation.book_publisher            ? 
_citation.pdbx_database_id_PubMed   22036567 
_citation.pdbx_database_id_DOI      10.1016/j.cell.2011.09.034 
# 
loop_
_citation_author.citation_id 
_citation_author.name 
_citation_author.ordinal 
_citation_author.identifier_ORCID 
primary 'Solmaz, S.R.' 1 ? 
primary 'Chauhan, R.'  2 ? 
primary 'Blobel, G.'   3 ? 
primary 'Melcak, I.'   4 ? 
# 
loop_
_entity.id 
_entity.type 
_entity.src_method 
_entity.pdbx_description 
_entity.formula_weight 
_entity.pdbx_number_of_molecules 
_entity.pdbx_ec 
_entity.pdbx_mutation 
_entity.pdbx_fragment 
_entity.details 
1 polymer man 'Nuclear pore complex protein Nup54' 6003.876  2  ? ? 'UNP residues 445-494' ? 
2 polymer man 'Nucleoporin Nup58/Nup45'            10781.189 1  ? ? 'UNP residues 327-415' ? 
3 water   nat water                                18.015    56 ? ? ?                      ? 
# 
loop_
_entity_name_com.entity_id 
_entity_name_com.name 
1 '54 kDa nucleoporin, Nucleoporin Nup54'           
2 'NUCLEOPORIN P58/P45, Nucleoporin-like protein 1' 
# 
loop_
_entity_poly.entity_id 
_entity_poly.type 
_entity_poly.nstd_linkage 
_entity_poly.nstd_monomer 
_entity_poly.pdbx_seq_one_letter_code 
_entity_poly.pdbx_seq_one_letter_code_can 
_entity_poly.pdbx_strand_id 
_entity_poly.pdbx_target_identifier 
1 'polypeptide(L)' no no MNHFGAVKSEEKYYIDADLLREIKQHLKQQQEGLSHLISIIKDDLEDIKLV                                              
MNHFGAVKSEEKYYIDADLLREIKQHLKQQQEGLSHLISIIKDDLEDIKLV                                              A,C ? 
2 'polypeptide(L)' no no 
;GSHMAPADYFRVLVQQFEVQLQQYRQQIEELENHLATQANNSHITPQDLSMAMQKIYQTFVALAAQLQSIHENVKVLKEQ
YLSYRKMFLGDAG
;
;GSHMAPADYFRVLVQQFEVQLQQYRQQIEELENHLATQANNSHITPQDLSMAMQKIYQTFVALAAQLQSIHENVKVLKEQ
YLSYRKMFLGDAG
;
B   ? 
# 
_pdbx_entity_nonpoly.entity_id   3 
_pdbx_entity_nonpoly.name        water 
_pdbx_entity_nonpoly.comp_id     HOH 
# 
loop_
_entity_poly_seq.entity_id 
_entity_poly_seq.num 
_entity_poly_seq.mon_id 
_entity_poly_seq.hetero 
1 1  MET n 
1 2  ASN n 
1 3  HIS n 
1 4  PHE n 
1 5  GLY n 
1 6  ALA n 
1 7  VAL n 
1 8  LYS n 
1 9  SER n 
1 10 GLU n 
1 11 GLU n 
1 12 LYS n 
1 13 TYR n 
1 14 TYR n 
1 15 ILE n 
1 16 ASP n 
1 17 ALA n 
1 18 ASP n 
1 19 LEU n 
1 20 LEU n 
1 21 ARG n 
1 22 GLU n 
1 23 ILE n 
1 24 LYS n 
1 25 GLN n 
1 26 HIS n 
1 27 LEU n 
1 28 LYS n 
1 29 GLN n 
1 30 GLN n 
1 31 GLN n 
1 32 GLU n 
1 33 GLY n 
1 34 LEU n 
1 35 SER n 
1 36 HIS n 
1 37 LEU n 
1 38 ILE n 
1 39 SER n 
1 40 ILE n 
1 41 ILE n 
1 42 LYS n 
1 43 ASP n 
1 44 ASP n 
1 45 LEU n 
1 46 GLU n 
1 47 ASP n 
1 48 ILE n 
1 49 LYS n 
1 50 LEU n 
1 51 VAL n 
2 1  GLY n 
2 2  SER n 
2 3  HIS n 
2 4  MET n 
2 5  ALA n 
2 6  PRO n 
2 7  ALA n 
2 8  ASP n 
2 9  TYR n 
2 10 PHE n 
2 11 ARG n 
2 12 VAL n 
2 13 LEU n 
2 14 VAL n 
2 15 GLN n 
2 16 GLN n 
2 17 PHE n 
2 18 GLU n 
2 19 VAL n 
2 20 GLN n 
2 21 LEU n 
2 22 GLN n 
2 23 GLN n 
2 24 TYR n 
2 25 ARG n 
2 26 GLN n 
2 27 GLN n 
2 28 ILE n 
2 29 GLU n 
2 30 GLU n 
2 31 LEU n 
2 32 GLU n 
2 33 ASN n 
2 34 HIS n 
2 35 LEU n 
2 36 ALA n 
2 37 THR n 
2 38 GLN n 
2 39 ALA n 
2 40 ASN n 
2 41 ASN n 
2 42 SER n 
2 43 HIS n 
2 44 ILE n 
2 45 THR n 
2 46 PRO n 
2 47 GLN n 
2 48 ASP n 
2 49 LEU n 
2 50 SER n 
2 51 MET n 
2 52 ALA n 
2 53 MET n 
2 54 GLN n 
2 55 LYS n 
2 56 ILE n 
2 57 TYR n 
2 58 GLN n 
2 59 THR n 
2 60 PHE n 
2 61 VAL n 
2 62 ALA n 
2 63 LEU n 
2 64 ALA n 
2 65 ALA n 
2 66 GLN n 
2 67 LEU n 
2 68 GLN n 
2 69 SER n 
2 70 ILE n 
2 71 HIS n 
2 72 GLU n 
2 73 ASN n 
2 74 VAL n 
2 75 LYS n 
2 76 VAL n 
2 77 LEU n 
2 78 LYS n 
2 79 GLU n 
2 80 GLN n 
2 81 TYR n 
2 82 LEU n 
2 83 SER n 
2 84 TYR n 
2 85 ARG n 
2 86 LYS n 
2 87 MET n 
2 88 PHE n 
2 89 LEU n 
2 90 GLY n 
2 91 ASP n 
2 92 ALA n 
2 93 GLY n 
# 
loop_
_entity_src_gen.entity_id 
_entity_src_gen.pdbx_src_id 
_entity_src_gen.pdbx_alt_source_flag 
_entity_src_gen.pdbx_seq_type 
_entity_src_gen.pdbx_beg_seq_num 
_entity_src_gen.pdbx_end_seq_num 
_entity_src_gen.gene_src_common_name 
_entity_src_gen.gene_src_genus 
_entity_src_gen.pdbx_gene_src_gene 
_entity_src_gen.gene_src_species 
_entity_src_gen.gene_src_strain 
_entity_src_gen.gene_src_tissue 
_entity_src_gen.gene_src_tissue_fraction 
_entity_src_gen.gene_src_details 
_entity_src_gen.pdbx_gene_src_fragment 
_entity_src_gen.pdbx_gene_src_scientific_name 
_entity_src_gen.pdbx_gene_src_ncbi_taxonomy_id 
_entity_src_gen.pdbx_gene_src_variant 
_entity_src_gen.pdbx_gene_src_cell_line 
_entity_src_gen.pdbx_gene_src_atcc 
_entity_src_gen.pdbx_gene_src_organ 
_entity_src_gen.pdbx_gene_src_organelle 
_entity_src_gen.pdbx_gene_src_cell 
_entity_src_gen.pdbx_gene_src_cellular_location 
_entity_src_gen.host_org_common_name 
_entity_src_gen.pdbx_host_org_scientific_name 
_entity_src_gen.pdbx_host_org_ncbi_taxonomy_id 
_entity_src_gen.host_org_genus 
_entity_src_gen.pdbx_host_org_gene 
_entity_src_gen.pdbx_host_org_organ 
_entity_src_gen.host_org_species 
_entity_src_gen.pdbx_host_org_tissue 
_entity_src_gen.pdbx_host_org_tissue_fraction 
_entity_src_gen.pdbx_host_org_strain 
_entity_src_gen.pdbx_host_org_variant 
_entity_src_gen.pdbx_host_org_cell_line 
_entity_src_gen.pdbx_host_org_atcc 
_entity_src_gen.pdbx_host_org_culture_collection 
_entity_src_gen.pdbx_host_org_cell 
_entity_src_gen.pdbx_host_org_organelle 
_entity_src_gen.pdbx_host_org_cellular_location 
_entity_src_gen.pdbx_host_org_vector_type 
_entity_src_gen.pdbx_host_org_vector 
_entity_src_gen.host_org_details 
_entity_src_gen.expression_system_id 
_entity_src_gen.plasmid_name 
_entity_src_gen.plasmid_details 
_entity_src_gen.pdbx_description 
1 1 sample ? ? ? rat ? Nup54 ? ? ? ? ? ? 'Rattus norvegicus' 10116 ? ? ? ? ? ? ? ? 'Escherichia coli' 469008 ? ? ? ? ? ? 
'Bl21(DE3)RIL' ? ? ? ? ? ? ? Pet28 ? ? ? ? ? ? 
2 1 sample ? ? ? rat ? Nupl1 ? ? ? ? ? ? 'Rattus norvegicus' 10116 ? ? ? ? ? ? ? ? 'Escherichia coli' 469008 ? ? ? ? ? ? 
'Bl21(DE3)RIL' ? ? ? ? ? ? ? Pet28 ? ? ? ? ? ? 
# 
loop_
_chem_comp.id 
_chem_comp.type 
_chem_comp.mon_nstd_flag 
_chem_comp.name 
_chem_comp.pdbx_synonyms 
_chem_comp.formula 
_chem_comp.formula_weight 
ALA 'L-peptide linking' y ALANINE         ? 'C3 H7 N O2'     89.093  
ARG 'L-peptide linking' y ARGININE        ? 'C6 H15 N4 O2 1' 175.209 
ASN 'L-peptide linking' y ASPARAGINE      ? 'C4 H8 N2 O3'    132.118 
ASP 'L-peptide linking' y 'ASPARTIC ACID' ? 'C4 H7 N O4'     133.103 
GLN 'L-peptide linking' y GLUTAMINE       ? 'C5 H10 N2 O3'   146.144 
GLU 'L-peptide linking' y 'GLUTAMIC ACID' ? 'C5 H9 N O4'     147.129 
GLY 'peptide linking'   y GLYCINE         ? 'C2 H5 N O2'     75.067  
HIS 'L-peptide linking' y HISTIDINE       ? 'C6 H10 N3 O2 1' 156.162 
HOH non-polymer         . WATER           ? 'H2 O'           18.015  
ILE 'L-peptide linking' y ISOLEUCINE      ? 'C6 H13 N O2'    131.173 
LEU 'L-peptide linking' y LEUCINE         ? 'C6 H13 N O2'    131.173 
LYS 'L-peptide linking' y LYSINE          ? 'C6 H15 N2 O2 1' 147.195 
MET 'L-peptide linking' y METHIONINE      ? 'C5 H11 N O2 S'  149.211 
PHE 'L-peptide linking' y PHENYLALANINE   ? 'C9 H11 N O2'    165.189 
PRO 'L-peptide linking' y PROLINE         ? 'C5 H9 N O2'     115.130 
SER 'L-peptide linking' y SERINE          ? 'C3 H7 N O3'     105.093 
THR 'L-peptide linking' y THREONINE       ? 'C4 H9 N O3'     119.119 
TYR 'L-peptide linking' y TYROSINE        ? 'C9 H11 N O3'    181.189 
VAL 'L-peptide linking' y VALINE          ? 'C5 H11 N O2'    117.146 
# 
loop_
_pdbx_poly_seq_scheme.asym_id 
_pdbx_poly_seq_scheme.entity_id 
_pdbx_poly_seq_scheme.seq_id 
_pdbx_poly_seq_scheme.mon_id 
_pdbx_poly_seq_scheme.ndb_seq_num 
_pdbx_poly_seq_scheme.pdb_seq_num 
_pdbx_poly_seq_scheme.auth_seq_num 
_pdbx_poly_seq_scheme.pdb_mon_id 
_pdbx_poly_seq_scheme.auth_mon_id 
_pdbx_poly_seq_scheme.pdb_strand_id 
_pdbx_poly_seq_scheme.pdb_ins_code 
_pdbx_poly_seq_scheme.hetero 
A 1 1  MET 1  444 ?   ?   ?   A . n 
A 1 2  ASN 2  445 ?   ?   ?   A . n 
A 1 3  HIS 3  446 ?   ?   ?   A . n 
A 1 4  PHE 4  447 ?   ?   ?   A . n 
A 1 5  GLY 5  448 ?   ?   ?   A . n 
A 1 6  ALA 6  449 ?   ?   ?   A . n 
A 1 7  VAL 7  450 ?   ?   ?   A . n 
A 1 8  LYS 8  451 ?   ?   ?   A . n 
A 1 9  SER 9  452 ?   ?   ?   A . n 
A 1 10 GLU 10 453 ?   ?   ?   A . n 
A 1 11 GLU 11 454 ?   ?   ?   A . n 
A 1 12 LYS 12 455 ?   ?   ?   A . n 
A 1 13 TYR 13 456 456 TYR TYR A . n 
A 1 14 TYR 14 457 457 TYR TYR A . n 
A 1 15 ILE 15 458 458 ILE ILE A . n 
A 1 16 ASP 16 459 459 ASP ASP A . n 
A 1 17 ALA 17 460 460 ALA ALA A . n 
A 1 18 ASP 18 461 461 ASP ASP A . n 
A 1 19 LEU 19 462 462 LEU LEU A . n 
A 1 20 LEU 20 463 463 LEU LEU A . n 
A 1 21 ARG 21 464 464 ARG ARG A . n 
A 1 22 GLU 22 465 465 GLU GLU A . n 
A 1 23 ILE 23 466 466 ILE ILE A . n 
A 1 24 LYS 24 467 467 LYS LYS A . n 
A 1 25 GLN 25 468 468 GLN GLN A . n 
A 1 26 HIS 26 469 469 HIS HIS A . n 
A 1 27 LEU 27 470 470 LEU LEU A . n 
A 1 28 LYS 28 471 471 LYS LYS A . n 
A 1 29 GLN 29 472 472 GLN GLN A . n 
A 1 30 GLN 30 473 473 GLN GLN A . n 
A 1 31 GLN 31 474 474 GLN GLN A . n 
A 1 32 GLU 32 475 475 GLU GLU A . n 
A 1 33 GLY 33 476 476 GLY GLY A . n 
A 1 34 LEU 34 477 477 LEU LEU A . n 
A 1 35 SER 35 478 478 SER SER A . n 
A 1 36 HIS 36 479 479 HIS HIS A . n 
A 1 37 LEU 37 480 480 LEU LEU A . n 
A 1 38 ILE 38 481 481 ILE ILE A . n 
A 1 39 SER 39 482 482 SER SER A . n 
A 1 40 ILE 40 483 483 ILE ILE A . n 
A 1 41 ILE 41 484 484 ILE ILE A . n 
A 1 42 LYS 42 485 485 LYS LYS A . n 
A 1 43 ASP 43 486 486 ASP ASP A . n 
A 1 44 ASP 44 487 487 ASP ASP A . n 
A 1 45 LEU 45 488 488 LEU LEU A . n 
A 1 46 GLU 46 489 489 GLU GLU A . n 
A 1 47 ASP 47 490 490 ASP ASP A . n 
A 1 48 ILE 48 491 491 ILE ILE A . n 
A 1 49 LYS 49 492 492 LYS LYS A . n 
A 1 50 LEU 50 493 493 LEU LEU A . n 
A 1 51 VAL 51 494 494 VAL VAL A . n 
B 2 1  GLY 1  323 ?   ?   ?   B . n 
B 2 2  SER 2  324 ?   ?   ?   B . n 
B 2 3  HIS 3  325 ?   ?   ?   B . n 
B 2 4  MET 4  326 ?   ?   ?   B . n 
B 2 5  ALA 5  327 327 ALA ALA B . n 
B 2 6  PRO 6  328 328 PRO PRO B . n 
B 2 7  ALA 7  329 329 ALA ALA B . n 
B 2 8  ASP 8  330 330 ASP ASP B . n 
B 2 9  TYR 9  331 331 TYR TYR B . n 
B 2 10 PHE 10 332 332 PHE PHE B . n 
B 2 11 ARG 11 333 333 ARG ARG B . n 
B 2 12 VAL 12 334 334 VAL VAL B . n 
B 2 13 LEU 13 335 335 LEU LEU B . n 
B 2 14 VAL 14 336 336 VAL VAL B . n 
B 2 15 GLN 15 337 337 GLN GLN B . n 
B 2 16 GLN 16 338 338 GLN GLN B . n 
B 2 17 PHE 17 339 339 PHE PHE B . n 
B 2 18 GLU 18 340 340 GLU GLU B . n 
B 2 19 VAL 19 341 341 VAL VAL B . n 
B 2 20 GLN 20 342 342 GLN GLN B . n 
B 2 21 LEU 21 343 343 LEU LEU B . n 
B 2 22 GLN 22 344 344 GLN GLN B . n 
B 2 23 GLN 23 345 345 GLN GLN B . n 
B 2 24 TYR 24 346 346 TYR TYR B . n 
B 2 25 ARG 25 347 347 ARG ARG B . n 
B 2 26 GLN 26 348 348 GLN GLN B . n 
B 2 27 GLN 27 349 349 GLN GLN B . n 
B 2 28 ILE 28 350 350 ILE ILE B . n 
B 2 29 GLU 29 351 351 GLU GLU B . n 
B 2 30 GLU 30 352 352 GLU GLU B . n 
B 2 31 LEU 31 353 353 LEU LEU B . n 
B 2 32 GLU 32 354 354 GLU GLU B . n 
B 2 33 ASN 33 355 355 ASN ASN B . n 
B 2 34 HIS 34 356 356 HIS HIS B . n 
B 2 35 LEU 35 357 357 LEU LEU B . n 
B 2 36 ALA 36 358 358 ALA ALA B . n 
B 2 37 THR 37 359 359 THR THR B . n 
B 2 38 GLN 38 360 360 GLN GLN B . n 
B 2 39 ALA 39 361 361 ALA ALA B . n 
B 2 40 ASN 40 362 362 ASN ASN B . n 
B 2 41 ASN 41 363 363 ASN ASN B . n 
B 2 42 SER 42 364 364 SER SER B . n 
B 2 43 HIS 43 365 365 HIS HIS B . n 
B 2 44 ILE 44 366 366 ILE ILE B . n 
B 2 45 THR 45 367 367 THR THR B . n 
B 2 46 PRO 46 368 368 PRO PRO B . n 
B 2 47 GLN 47 369 369 GLN GLN B . n 
B 2 48 ASP 48 370 370 ASP ASP B . n 
B 2 49 LEU 49 371 371 LEU LEU B . n 
B 2 50 SER 50 372 372 SER SER B . n 
B 2 51 MET 51 373 373 MET MET B . n 
B 2 52 ALA 52 374 374 ALA ALA B . n 
B 2 53 MET 53 375 375 MET MET B . n 
B 2 54 GLN 54 376 376 GLN GLN B . n 
B 2 55 LYS 55 377 377 LYS LYS B . n 
B 2 56 ILE 56 378 378 ILE ILE B . n 
B 2 57 TYR 57 379 379 TYR TYR B . n 
B 2 58 GLN 58 380 380 GLN GLN B . n 
B 2 59 THR 59 381 381 THR THR B . n 
B 2 60 PHE 60 382 382 PHE PHE B . n 
B 2 61 VAL 61 383 383 VAL VAL B . n 
B 2 62 ALA 62 384 384 ALA ALA B . n 
B 2 63 LEU 63 385 385 LEU LEU B . n 
B 2 64 ALA 64 386 386 ALA ALA B . n 
B 2 65 ALA 65 387 387 ALA ALA B . n 
B 2 66 GLN 66 388 388 GLN GLN B . n 
B 2 67 LEU 67 389 389 LEU LEU B . n 
B 2 68 GLN 68 390 390 GLN GLN B . n 
B 2 69 SER 69 391 391 SER SER B . n 
B 2 70 ILE 70 392 392 ILE ILE B . n 
B 2 71 HIS 71 393 393 HIS HIS B . n 
B 2 72 GLU 72 394 394 GLU GLU B . n 
B 2 73 ASN 73 395 395 ASN ASN B . n 
B 2 74 VAL 74 396 396 VAL VAL B . n 
B 2 75 LYS 75 397 397 LYS LYS B . n 
B 2 76 VAL 76 398 398 VAL VAL B . n 
B 2 77 LEU 77 399 399 LEU LEU B . n 
B 2 78 LYS 78 400 400 LYS LYS B . n 
B 2 79 GLU 79 401 401 GLU GLU B . n 
B 2 80 GLN 80 402 402 GLN GLN B . n 
B 2 81 TYR 81 403 403 TYR TYR B . n 
B 2 82 LEU 82 404 404 LEU LEU B . n 
B 2 83 SER 83 405 405 SER SER B . n 
B 2 84 TYR 84 406 406 TYR TYR B . n 
B 2 85 ARG 85 407 407 ARG ARG B . n 
B 2 86 LYS 86 408 408 LYS LYS B . n 
B 2 87 MET 87 409 409 MET MET B . n 
B 2 88 PHE 88 410 410 PHE PHE B . n 
B 2 89 LEU 89 411 411 LEU LEU B . n 
B 2 90 GLY 90 412 412 GLY GLY B . n 
B 2 91 ASP 91 413 ?   ?   ?   B . n 
B 2 92 ALA 92 414 ?   ?   ?   B . n 
B 2 93 GLY 93 415 ?   ?   ?   B . n 
C 1 1  MET 1  444 ?   ?   ?   C . n 
C 1 2  ASN 2  445 ?   ?   ?   C . n 
C 1 3  HIS 3  446 ?   ?   ?   C . n 
C 1 4  PHE 4  447 ?   ?   ?   C . n 
C 1 5  GLY 5  448 ?   ?   ?   C . n 
C 1 6  ALA 6  449 ?   ?   ?   C . n 
C 1 7  VAL 7  450 ?   ?   ?   C . n 
C 1 8  LYS 8  451 ?   ?   ?   C . n 
C 1 9  SER 9  452 ?   ?   ?   C . n 
C 1 10 GLU 10 453 ?   ?   ?   C . n 
C 1 11 GLU 11 454 ?   ?   ?   C . n 
C 1 12 LYS 12 455 ?   ?   ?   C . n 
C 1 13 TYR 13 456 ?   ?   ?   C . n 
C 1 14 TYR 14 457 457 TYR TYR C . n 
C 1 15 ILE 15 458 458 ILE ILE C . n 
C 1 16 ASP 16 459 459 ASP ASP C . n 
C 1 17 ALA 17 460 460 ALA ALA C . n 
C 1 18 ASP 18 461 461 ASP ASP C . n 
C 1 19 LEU 19 462 462 LEU LEU C . n 
C 1 20 LEU 20 463 463 LEU LEU C . n 
C 1 21 ARG 21 464 464 ARG ARG C . n 
C 1 22 GLU 22 465 465 GLU GLU C . n 
C 1 23 ILE 23 466 466 ILE ILE C . n 
C 1 24 LYS 24 467 467 LYS LYS C . n 
C 1 25 GLN 25 468 468 GLN GLN C . n 
C 1 26 HIS 26 469 469 HIS HIS C . n 
C 1 27 LEU 27 470 470 LEU LEU C . n 
C 1 28 LYS 28 471 471 LYS LYS C . n 
C 1 29 GLN 29 472 472 GLN GLN C . n 
C 1 30 GLN 30 473 473 GLN GLN C . n 
C 1 31 GLN 31 474 474 GLN GLN C . n 
C 1 32 GLU 32 475 475 GLU GLU C . n 
C 1 33 GLY 33 476 476 GLY GLY C . n 
C 1 34 LEU 34 477 477 LEU LEU C . n 
C 1 35 SER 35 478 478 SER SER C . n 
C 1 36 HIS 36 479 479 HIS HIS C . n 
C 1 37 LEU 37 480 480 LEU LEU C . n 
C 1 38 ILE 38 481 481 ILE ILE C . n 
C 1 39 SER 39 482 482 SER SER C . n 
C 1 40 ILE 40 483 483 ILE ILE C . n 
C 1 41 ILE 41 484 484 ILE ILE C . n 
C 1 42 LYS 42 485 485 LYS LYS C . n 
C 1 43 ASP 43 486 486 ASP ASP C . n 
C 1 44 ASP 44 487 487 ASP ASP C . n 
C 1 45 LEU 45 488 488 LEU LEU C . n 
C 1 46 GLU 46 489 489 GLU GLU C . n 
C 1 47 ASP 47 490 490 ASP ASP C . n 
C 1 48 ILE 48 491 491 ILE ILE C . n 
C 1 49 LYS 49 492 492 LYS LYS C . n 
C 1 50 LEU 50 493 ?   ?   ?   C . n 
C 1 51 VAL 51 494 ?   ?   ?   C . n 
# 
loop_
_pdbx_nonpoly_scheme.asym_id 
_pdbx_nonpoly_scheme.entity_id 
_pdbx_nonpoly_scheme.mon_id 
_pdbx_nonpoly_scheme.ndb_seq_num 
_pdbx_nonpoly_scheme.pdb_seq_num 
_pdbx_nonpoly_scheme.auth_seq_num 
_pdbx_nonpoly_scheme.pdb_mon_id 
_pdbx_nonpoly_scheme.auth_mon_id 
_pdbx_nonpoly_scheme.pdb_strand_id 
_pdbx_nonpoly_scheme.pdb_ins_code 
D 3 HOH 1  10  10  HOH HOH A . 
D 3 HOH 2  23  23  HOH HOH A . 
D 3 HOH 3  24  24  HOH HOH A . 
D 3 HOH 4  46  46  HOH HOH A . 
D 3 HOH 5  60  60  HOH HOH A . 
D 3 HOH 6  82  82  HOH HOH A . 
D 3 HOH 7  102 102 HOH HOH A . 
D 3 HOH 8  110 110 HOH HOH A . 
D 3 HOH 9  111 111 HOH HOH A . 
D 3 HOH 10 115 115 HOH HOH A . 
D 3 HOH 11 116 116 HOH HOH A . 
D 3 HOH 12 117 117 HOH HOH A . 
D 3 HOH 13 118 118 HOH HOH A . 
D 3 HOH 14 163 163 HOH HOH A . 
D 3 HOH 15 169 169 HOH HOH A . 
D 3 HOH 16 170 170 HOH HOH A . 
E 3 HOH 1  14  14  HOH HOH B . 
E 3 HOH 2  28  28  HOH HOH B . 
E 3 HOH 3  42  42  HOH HOH B . 
E 3 HOH 4  43  43  HOH HOH B . 
E 3 HOH 5  44  44  HOH HOH B . 
E 3 HOH 6  49  49  HOH HOH B . 
E 3 HOH 7  52  52  HOH HOH B . 
E 3 HOH 8  83  83  HOH HOH B . 
E 3 HOH 9  85  85  HOH HOH B . 
E 3 HOH 10 88  88  HOH HOH B . 
E 3 HOH 11 94  94  HOH HOH B . 
E 3 HOH 12 98  98  HOH HOH B . 
E 3 HOH 13 104 104 HOH HOH B . 
E 3 HOH 14 106 106 HOH HOH B . 
E 3 HOH 15 108 108 HOH HOH B . 
E 3 HOH 16 109 109 HOH HOH B . 
E 3 HOH 17 114 114 HOH HOH B . 
E 3 HOH 18 119 119 HOH HOH B . 
E 3 HOH 19 138 138 HOH HOH B . 
E 3 HOH 20 141 141 HOH HOH B . 
E 3 HOH 21 144 144 HOH HOH B . 
E 3 HOH 22 145 145 HOH HOH B . 
E 3 HOH 23 158 158 HOH HOH B . 
E 3 HOH 24 160 160 HOH HOH B . 
F 3 HOH 1  40  40  HOH HOH C . 
F 3 HOH 2  41  41  HOH HOH C . 
F 3 HOH 3  47  47  HOH HOH C . 
F 3 HOH 4  61  61  HOH HOH C . 
F 3 HOH 5  63  63  HOH HOH C . 
F 3 HOH 6  79  79  HOH HOH C . 
F 3 HOH 7  95  95  HOH HOH C . 
F 3 HOH 8  96  96  HOH HOH C . 
F 3 HOH 9  99  99  HOH HOH C . 
F 3 HOH 10 101 101 HOH HOH C . 
F 3 HOH 11 103 103 HOH HOH C . 
F 3 HOH 12 112 112 HOH HOH C . 
F 3 HOH 13 126 126 HOH HOH C . 
F 3 HOH 14 127 127 HOH HOH C . 
F 3 HOH 15 139 139 HOH HOH C . 
F 3 HOH 16 143 143 HOH HOH C . 
# 
loop_
_software.name 
_software.classification 
_software.version 
_software.citation_id 
_software.pdbx_ordinal 
SHARP    phasing          .   ? 1 
CNS      refinement       1.1 ? 2 
HKL-2000 'data reduction' .   ? 3 
HKL-2000 'data scaling'   .   ? 4 
# 
_cell.entry_id           3T98 
_cell.length_a           54.960 
_cell.length_b           54.960 
_cell.length_c           190.290 
_cell.angle_alpha        90.00 
_cell.angle_beta         90.00 
_cell.angle_gamma        90.00 
_cell.Z_PDB              16 
_cell.pdbx_unique_axis   ? 
_cell.length_a_esd       ? 
_cell.length_b_esd       ? 
_cell.length_c_esd       ? 
_cell.angle_alpha_esd    ? 
_cell.angle_beta_esd     ? 
_cell.angle_gamma_esd    ? 
# 
_symmetry.entry_id                         3T98 
_symmetry.space_group_name_H-M             'P 41 2 2' 
_symmetry.pdbx_full_space_group_name_H-M   ? 
_symmetry.cell_setting                     ? 
_symmetry.Int_Tables_number                91 
_symmetry.space_group_name_Hall            ? 
# 
_exptl.entry_id          3T98 
_exptl.method            'X-RAY DIFFRACTION' 
_exptl.crystals_number   1 
# 
_exptl_crystal.id                    1 
_exptl_crystal.density_meas          ? 
_exptl_crystal.density_Matthews      3.15 
_exptl_crystal.density_percent_sol   60.99 
_exptl_crystal.description           ? 
_exptl_crystal.F_000                 ? 
_exptl_crystal.preparation           ? 
# 
_exptl_crystal_grow.crystal_id      1 
_exptl_crystal_grow.method          'VAPOR DIFFUSION, HANGING DROP' 
_exptl_crystal_grow.temp            293 
_exptl_crystal_grow.temp_details    ? 
_exptl_crystal_grow.pH              4 
_exptl_crystal_grow.pdbx_details    
;Protein concentration 14-17 mg/ml    
Drop size 2.4 ul    
Reservoir: 0.1 M Sodium Acetate pH 3.8-4.1 and 0.08-0.1 M CaCl2    
, VAPOR DIFFUSION, HANGING DROP, temperature 293K
;
_exptl_crystal_grow.pdbx_pH_range   ? 
# 
_diffrn.id                     1 
_diffrn.ambient_temp           100 
_diffrn.ambient_temp_details   ? 
_diffrn.crystal_id             1 
# 
_diffrn_detector.diffrn_id              1 
_diffrn_detector.detector               CCD 
_diffrn_detector.type                   'ADSC QUANTUM 315r' 
_diffrn_detector.pdbx_collection_date   2008-08-15 
_diffrn_detector.details                ? 
# 
_diffrn_radiation.diffrn_id                        1 
_diffrn_radiation.wavelength_id                    1 
_diffrn_radiation.pdbx_monochromatic_or_laue_m_l   M 
_diffrn_radiation.monochromator                    'Double crystal, Si(111)' 
_diffrn_radiation.pdbx_diffrn_protocol             'SINGLE WAVELENGTH' 
_diffrn_radiation.pdbx_scattering_type             x-ray 
# 
_diffrn_radiation_wavelength.id           1 
_diffrn_radiation_wavelength.wavelength   0.9796 
_diffrn_radiation_wavelength.wt           1.0 
# 
_diffrn_source.diffrn_id                   1 
_diffrn_source.source                      SYNCHROTRON 
_diffrn_source.type                        'ALS BEAMLINE 8.2.1' 
_diffrn_source.pdbx_synchrotron_site       ALS 
_diffrn_source.pdbx_synchrotron_beamline   8.2.1 
_diffrn_source.pdbx_wavelength             ? 
_diffrn_source.pdbx_wavelength_list        0.9796 
# 
_reflns.entry_id                     3T98 
_reflns.observed_criterion_sigma_I   0 
_reflns.observed_criterion_sigma_F   0 
_reflns.d_resolution_low             50 
_reflns.d_resolution_high            2.5 
_reflns.number_obs                   11076 
_reflns.number_all                   11076 
_reflns.percent_possible_obs         99.9 
_reflns.pdbx_Rmerge_I_obs            ? 
_reflns.pdbx_Rsym_value              0.098 
_reflns.pdbx_netI_over_sigmaI        23 
_reflns.B_iso_Wilson_estimate        54 
_reflns.pdbx_redundancy              13.1 
_reflns.R_free_details               ? 
_reflns.limit_h_max                  ? 
_reflns.limit_h_min                  ? 
_reflns.limit_k_max                  ? 
_reflns.limit_k_min                  ? 
_reflns.limit_l_max                  ? 
_reflns.limit_l_min                  ? 
_reflns.observed_criterion_F_max     ? 
_reflns.observed_criterion_F_min     ? 
_reflns.pdbx_chi_squared             ? 
_reflns.pdbx_scaling_rejects         ? 
_reflns.pdbx_ordinal                 1 
_reflns.pdbx_diffrn_id               1 
# 
_reflns_shell.d_res_high             2.5 
_reflns_shell.d_res_low              2.59 
_reflns_shell.percent_possible_all   99.8 
_reflns_shell.Rmerge_I_obs           ? 
_reflns_shell.pdbx_Rsym_value        0.43 
_reflns_shell.meanI_over_sigI_obs    4.6 
_reflns_shell.pdbx_redundancy        11.3 
_reflns_shell.percent_possible_obs   ? 
_reflns_shell.number_unique_all      ? 
_reflns_shell.number_measured_all    ? 
_reflns_shell.number_measured_obs    ? 
_reflns_shell.number_unique_obs      ? 
_reflns_shell.pdbx_chi_squared       ? 
_reflns_shell.pdbx_ordinal           1 
_reflns_shell.pdbx_diffrn_id         1 
# 
_refine.entry_id                                 3T98 
_refine.ls_number_reflns_obs                     10263 
_refine.ls_number_reflns_all                     10263 
_refine.pdbx_ls_sigma_I                          ? 
_refine.pdbx_ls_sigma_F                          0 
_refine.pdbx_data_cutoff_high_absF               ? 
_refine.pdbx_data_cutoff_low_absF                ? 
_refine.pdbx_data_cutoff_high_rms_absF           ? 
_refine.ls_d_res_low                             50 
_refine.ls_d_res_high                            2.5 
_refine.ls_percent_reflns_obs                    ? 
_refine.ls_R_factor_obs                          0.253 
_refine.ls_R_factor_all                          0.253 
_refine.ls_R_factor_R_work                       0.25 
_refine.ls_R_factor_R_free                       0.272 
_refine.ls_R_factor_R_free_error                 ? 
_refine.ls_R_factor_R_free_error_details         ? 
_refine.ls_percent_reflns_R_free                 ? 
_refine.ls_number_reflns_R_free                  1053 
_refine.ls_number_parameters                     ? 
_refine.ls_number_restraints                     ? 
_refine.occupancy_min                            ? 
_refine.occupancy_max                            ? 
_refine.correlation_coeff_Fo_to_Fc               ? 
_refine.correlation_coeff_Fo_to_Fc_free          ? 
_refine.B_iso_mean                               ? 
_refine.aniso_B[1][1]                            ? 
_refine.aniso_B[2][2]                            ? 
_refine.aniso_B[3][3]                            ? 
_refine.aniso_B[1][2]                            ? 
_refine.aniso_B[1][3]                            ? 
_refine.aniso_B[2][3]                            ? 
_refine.solvent_model_details                    ? 
_refine.solvent_model_param_ksol                 ? 
_refine.solvent_model_param_bsol                 ? 
_refine.pdbx_solvent_vdw_probe_radii             ? 
_refine.pdbx_solvent_ion_probe_radii             ? 
_refine.pdbx_solvent_shrinkage_radii             ? 
_refine.pdbx_ls_cross_valid_method               THROUGHOUT 
_refine.details                                  ? 
_refine.pdbx_starting_model                      ? 
_refine.pdbx_method_to_determine_struct          SAD 
_refine.pdbx_isotropic_thermal_model             Anisotropic 
_refine.pdbx_stereochemistry_target_values       'Engh & Huber' 
_refine.pdbx_stereochem_target_val_spec_case     ? 
_refine.pdbx_R_Free_selection_details            RANDOM 
_refine.pdbx_overall_ESU_R_Free                  ? 
_refine.overall_SU_ML                            ? 
_refine.pdbx_overall_phase_error                 ? 
_refine.overall_SU_B                             ? 
_refine.overall_SU_R_Cruickshank_DPI             ? 
_refine.ls_redundancy_reflns_obs                 ? 
_refine.B_iso_min                                ? 
_refine.B_iso_max                                ? 
_refine.overall_SU_R_free                        ? 
_refine.ls_wR_factor_R_free                      ? 
_refine.ls_wR_factor_R_work                      ? 
_refine.overall_FOM_free_R_set                   ? 
_refine.overall_FOM_work_R_set                   ? 
_refine.pdbx_diffrn_id                           1 
_refine.pdbx_refine_id                           'X-RAY DIFFRACTION' 
_refine.pdbx_overall_ESU_R                       ? 
_refine.pdbx_TLS_residual_ADP_flag               ? 
_refine.pdbx_overall_SU_R_free_Cruickshank_DPI   ? 
_refine.pdbx_overall_SU_R_Blow_DPI               ? 
_refine.pdbx_overall_SU_R_free_Blow_DPI          ? 
# 
_refine_hist.pdbx_refine_id                   'X-RAY DIFFRACTION' 
_refine_hist.cycle_id                         LAST 
_refine_hist.pdbx_number_atoms_protein        1338 
_refine_hist.pdbx_number_atoms_nucleic_acid   0 
_refine_hist.pdbx_number_atoms_ligand         0 
_refine_hist.number_atoms_solvent             56 
_refine_hist.number_atoms_total               1394 
_refine_hist.d_res_high                       2.5 
_refine_hist.d_res_low                        50 
# 
loop_
_refine_ls_restr.type 
_refine_ls_restr.dev_ideal 
_refine_ls_restr.dev_ideal_target 
_refine_ls_restr.weight 
_refine_ls_restr.number 
_refine_ls_restr.pdbx_restraint_function 
_refine_ls_restr.pdbx_refine_id 
c_bond_d    0.007 ? ? ? ? 'X-RAY DIFFRACTION' 
c_angle_deg 1.097 ? ? ? ? 'X-RAY DIFFRACTION' 
# 
_struct.entry_id                  3T98 
_struct.title                     'Molecular Architecture of the Transport Channel of the Nuclear Pore Complex: Nup54/Nup58' 
_struct.pdbx_model_details        ? 
_struct.pdbx_CASP_flag            ? 
_struct.pdbx_model_type_details   ? 
# 
_struct_keywords.entry_id        3T98 
_struct_keywords.pdbx_keywords   'PROTEIN TRANSPORT' 
_struct_keywords.text            
;Nup58, Nup54, Nup62 complex, nuclear import, coiled-coil, helix, hairpin, FG-repeat, nucleoporin, NPC, nuclear tranport, transport channel, Nup62, Nup45, Nup93, karyopherin, nuclear pore complex, nuclear pore domain, nuclear envelope, PROTEIN TRANSPORT
;
# 
loop_
_struct_asym.id 
_struct_asym.pdbx_blank_PDB_chainid_flag 
_struct_asym.pdbx_modified 
_struct_asym.entity_id 
_struct_asym.details 
A N N 1 ? 
B N N 2 ? 
C N N 1 ? 
D N N 3 ? 
E N N 3 ? 
F N N 3 ? 
# 
loop_
_struct_ref.id 
_struct_ref.db_name 
_struct_ref.db_code 
_struct_ref.pdbx_db_accession 
_struct_ref.entity_id 
_struct_ref.pdbx_seq_one_letter_code 
_struct_ref.pdbx_align_begin 
_struct_ref.pdbx_db_isoform 
1 UNP NUP54_RAT P70582 1 NHFGAVKSEEKYYIDADLLREIKQHLKQQQEGLSHLISIIKDDLEDIKLV                                           445 ? 
2 UNP NUPL1_RAT P70581 2 
;APADYFRVLVQQFEVQLQQYRQQIEELENHLATQANNSHITPQDLSMAMQKIYQTFVALAAQLQSIHENVKVLKEQYLSY
RKMFLGDAG
;
327 ? 
# 
loop_
_struct_ref_seq.align_id 
_struct_ref_seq.ref_id 
_struct_ref_seq.pdbx_PDB_id_code 
_struct_ref_seq.pdbx_strand_id 
_struct_ref_seq.seq_align_beg 
_struct_ref_seq.pdbx_seq_align_beg_ins_code 
_struct_ref_seq.seq_align_end 
_struct_ref_seq.pdbx_seq_align_end_ins_code 
_struct_ref_seq.pdbx_db_accession 
_struct_ref_seq.db_align_beg 
_struct_ref_seq.pdbx_db_align_beg_ins_code 
_struct_ref_seq.db_align_end 
_struct_ref_seq.pdbx_db_align_end_ins_code 
_struct_ref_seq.pdbx_auth_seq_align_beg 
_struct_ref_seq.pdbx_auth_seq_align_end 
1 1 3T98 A 2 ? 51 ? P70582 445 ? 494 ? 445 494 
2 2 3T98 B 5 ? 93 ? P70581 327 ? 415 ? 327 415 
3 1 3T98 C 2 ? 51 ? P70582 445 ? 494 ? 445 494 
# 
loop_
_struct_ref_seq_dif.align_id 
_struct_ref_seq_dif.pdbx_pdb_id_code 
_struct_ref_seq_dif.mon_id 
_struct_ref_seq_dif.pdbx_pdb_strand_id 
_struct_ref_seq_dif.seq_num 
_struct_ref_seq_dif.pdbx_pdb_ins_code 
_struct_ref_seq_dif.pdbx_seq_db_name 
_struct_ref_seq_dif.pdbx_seq_db_accession_code 
_struct_ref_seq_dif.db_mon_id 
_struct_ref_seq_dif.pdbx_seq_db_seq_num 
_struct_ref_seq_dif.details 
_struct_ref_seq_dif.pdbx_auth_seq_num 
_struct_ref_seq_dif.pdbx_ordinal 
1 3T98 MET A 1 ? UNP P70582 ? ? 'initiating methionine' 444 1 
2 3T98 GLY B 1 ? UNP P70581 ? ? 'expression tag'        323 2 
2 3T98 SER B 2 ? UNP P70581 ? ? 'expression tag'        324 3 
2 3T98 HIS B 3 ? UNP P70581 ? ? 'expression tag'        325 4 
2 3T98 MET B 4 ? UNP P70581 ? ? 'expression tag'        326 5 
3 3T98 MET C 1 ? UNP P70582 ? ? 'initiating methionine' 444 6 
# 
_pdbx_struct_assembly.id                   1 
_pdbx_struct_assembly.details              author_defined_assembly 
_pdbx_struct_assembly.method_details       ? 
_pdbx_struct_assembly.oligomeric_details   96-meric 
_pdbx_struct_assembly.oligomeric_count     96 
# 
loop_
_pdbx_struct_assembly_prop.biol_id 
_pdbx_struct_assembly_prop.type 
_pdbx_struct_assembly_prop.value 
_pdbx_struct_assembly_prop.details 
1 'ABSA (A^2)' 11490 ? 
1 MORE         -93   ? 
1 'SSA (A^2)'  18680 ? 
# 
_pdbx_struct_assembly_gen.assembly_id       1 
_pdbx_struct_assembly_gen.oper_expression   1,2,3,4,5,6,7,8,9,10,11,12,13,14,15,16,17,18,19,20,21,22,23,24,25,26,27,28,29,30,31,32 
_pdbx_struct_assembly_gen.asym_id_list      A,B,C,D,E,F 
# 
loop_
_pdbx_struct_oper_list.id 
_pdbx_struct_oper_list.type 
_pdbx_struct_oper_list.name 
_pdbx_struct_oper_list.symmetry_operation 
_pdbx_struct_oper_list.matrix[1][1] 
_pdbx_struct_oper_list.matrix[1][2] 
_pdbx_struct_oper_list.matrix[1][3] 
_pdbx_struct_oper_list.vector[1] 
_pdbx_struct_oper_list.matrix[2][1] 
_pdbx_struct_oper_list.matrix[2][2] 
_pdbx_struct_oper_list.matrix[2][3] 
_pdbx_struct_oper_list.vector[2] 
_pdbx_struct_oper_list.matrix[3][1] 
_pdbx_struct_oper_list.matrix[3][2] 
_pdbx_struct_oper_list.matrix[3][3] 
_pdbx_struct_oper_list.vector[3] 
1  'identity operation'         1_555 x,y,z             1.0000000000  0.0000000000  0.0000000000  0.0000000000   0.0000000000  1.0000000000  0.0000000000  0.0000000000    0.0000000000  0.0000000000  1.0000000000  0.0000000000    
2  'crystal symmetry operation' 1_556 x,y,z+1           1.0000000000  0.0000000000  0.0000000000  -0.4874979768  0.0000000000  1.0000000000  0.0000000000  -181.3340993527 0.0000000000  0.0000000000  1.0000000000  -57.6887411690  
3  'crystal symmetry operation' 1_557 x,y,z+2           1.0000000000  0.0000000000  0.0000000000  -0.9749959537  0.0000000000  1.0000000000  0.0000000000  -362.6681987054 0.0000000000  0.0000000000  1.0000000000  -115.3774823379 
4  'crystal symmetry operation' 1_558 x,y,z+3           1.0000000000  0.0000000000  0.0000000000  -1.4624939305  0.0000000000  1.0000000000  0.0000000000  -544.0022980582 0.0000000000  0.0000000000  1.0000000000  -173.0662235069 
5  'crystal symmetry operation' 2_534 -x,-y-2,z-1/2     -0.9999868737 0.0048825912  0.0015533236  -39.1267873104 0.0048825912  0.8161721956  0.5777881164  74.8289335052   0.0015533236  0.5777881164  -0.8161853219 78.9613176619   
6  'crystal symmetry operation' 2_535 -x,-y-2,z+1/2     -0.9999868737 0.0048825912  0.0015533236  -39.6142852873 0.0048825912  0.8161721956  0.5777881164  -106.5051658475 0.0015533236  0.5777881164  -0.8161853219 21.2725764929   
7  'crystal symmetry operation' 2_536 -x,-y-2,z+3/2     -0.9999868737 0.0048825912  0.0015533236  -40.1017832641 0.0048825912  0.8161721956  0.5777881164  -287.8392652002 0.0015533236  0.5777881164  -0.8161853219 -36.4161646760  
8  'crystal symmetry operation' 2_537 -x,-y-2,z+5/2     -0.9999868737 0.0048825912  0.0015533236  -40.5892812410 0.0048825912  0.8161721956  0.5777881164  -469.1733645529 0.0015533236  0.5777881164  -0.8161853219 -94.1049058450  
9  'crystal symmetry operation' 3_445 -y-1,x-1,z+1/4    0.0000065632  0.3056035278  -0.9521588543 6.4727260962   -0.3007209366 0.9080860978  0.2914559268  -59.2846092744  0.9537121779  0.2863321896  0.0919073390  29.3747918231   
10 'crystal symmetry operation' 3_446 -y-1,x-1,z+5/4    0.0000065632  0.3056035278  -0.9521588543 5.9852281193   -0.3007209366 0.9080860978  0.2914559268  -240.6187086271 0.9537121779  0.2863321896  0.0919073390  -28.3139493459  
11 'crystal symmetry operation' 3_447 -y-1,x-1,z+9/4    0.0000065632  0.3056035278  -0.9521588543 5.4977301425   -0.3007209366 0.9080860978  0.2914559268  -421.9528079798 0.9537121779  0.2863321896  0.0919073390  -86.0026905148  
12 'crystal symmetry operation' 3_448 -y-1,x-1,z+13/4   0.0000065632  0.3056035278  -0.9521588543 5.0102321656   -0.3007209366 0.9080860978  0.2914559268  -603.2869073326 0.9537121779  0.2863321896  0.0919073390  -143.6914316838 
13 'crystal symmetry operation' 4_644 y+1,-x-1,z-1/4    0.0000065632  -0.3007209366 0.9537121779  -45.8432623950 0.3056035278  0.9080860978  0.2863321896  43.4464931033   -0.9521588543 0.2914559268  0.0919073390  20.7421552543   
14 'crystal symmetry operation' 4_645 y+1,-x-1,z+3/4    0.0000065632  -0.3007209366 0.9537121779  -46.3307603719 0.3056035278  0.9080860978  0.2863321896  -137.8876062494 -0.9521588543 0.2914559268  0.0919073390  -36.9465859146  
15 'crystal symmetry operation' 4_646 y+1,-x-1,z+7/4    0.0000065632  -0.3007209366 0.9537121779  -46.8182583487 0.3056035278  0.9080860978  0.2863321896  -319.2217056022 -0.9521588543 0.2914559268  0.0919073390  -94.6353270836  
16 'crystal symmetry operation' 4_647 y+1,-x-1,z+11/4   0.0000065632  -0.3007209366 0.9537121779  -47.3057563255 0.3056035278  0.9080860978  0.2863321896  -500.5558049549 -0.9521588543 0.2914559268  0.0919073390  -152.3240682526 
17 'crystal symmetry operation' 5_555 -x,y,-z           -0.8416246483 0.1633405261  -0.5147696805 -22.0608563964 0.1633405261  -0.8315386379 -0.5309080582 1.7075075509    -0.5147696805 -0.5309080582 0.6731632862  -6.2454935308   
18 'crystal symmetry operation' 5_556 -x,y,-z+1         -0.8416246483 0.1633405261  -0.5147696805 -22.5483543733 0.1633405261  -0.8315386379 -0.5309080582 -179.6265918019 -0.5147696805 -0.5309080582 0.6731632862  -63.9342346998  
19 'crystal symmetry operation' 5_557 -x,y,-z+2         -0.8416246483 0.1633405261  -0.5147696805 -23.0358523501 0.1633405261  -0.8315386379 -0.5309080582 -360.9606911546 -0.5147696805 -0.5309080582 0.6731632862  -121.6229758687 
20 'crystal symmetry operation' 5_558 -x,y,-z+3         -0.8416246483 0.1633405261  -0.5147696805 -23.5233503270 0.1633405261  -0.8315386379 -0.5309080582 -542.2947905073 -0.5147696805 -0.5309080582 0.6731632862  -179.3117170377 
21 'crystal symmetry operation' 6_535 x,-y-2,-z+1/2     0.8416115219  -0.1682231173 0.5132163568  -17.5550826804 -0.1682231173 -0.9846335577 -0.0468800582 -108.8278317465 0.5132163568  -0.0468800582 -0.8569779642 27.3223665634   
22 'crystal symmetry operation' 6_536 x,-y-2,-z+3/2     0.8416115219  -0.1682231173 0.5132163568  -18.0425806573 -0.1682231173 -0.9846335577 -0.0468800582 -290.1619310992 0.5132163568  -0.0468800582 -0.8569779642 -30.3663746056  
23 'crystal symmetry operation' 6_537 x,-y-2,-z+5/2     0.8416115219  -0.1682231173 0.5132163568  -18.5300786341 -0.1682231173 -0.9846335577 -0.0468800582 -471.4960304520 0.5132163568  -0.0468800582 -0.8569779642 -88.0551157746  
24 'crystal symmetry operation' 6_538 x,-y-2,-z+7/2     0.8416115219  -0.1682231173 0.5132163568  -19.0175766110 -0.1682231173 -0.9846335577 -0.0468800582 -652.8301298047 0.5132163568  -0.0468800582 -0.8569779642 -145.7438569435 
25 'crystal symmetry operation' 7_644 y+1,x-1,-z-1/4    -0.5400675528 -0.2562713304 0.8016558137  -52.3132936913 -0.2562713304 -0.8572073026 -0.4466773395 36.4668955932   0.8016558137  -0.4466773395 0.3972748554  41.6712515092   
26 'crystal symmetry operation' 7_645 y+1,x-1,-z+3/4    -0.5400675528 -0.2562713304 0.8016558137  -52.8007916682 -0.2562713304 -0.8572073026 -0.4466773395 -144.8672037595 0.8016558137  -0.4466773395 0.3972748554  -16.0174896598  
27 'crystal symmetry operation' 7_646 y+1,x-1,-z+7/4    -0.5400675528 -0.2562713304 0.8016558137  -53.2882896450 -0.2562713304 -0.8572073026 -0.4466773395 -326.2013031123 0.8016558137  -0.4466773395 0.3972748554  -73.7062308287  
28 'crystal symmetry operation' 7_647 y+1,x-1,-z+11/4   -0.5400675528 -0.2562713304 0.8016558137  -53.7757876219 -0.2562713304 -0.8572073026 -0.4466773395 -507.5354024650 0.8016558137  -0.4466773395 0.3972748554  -131.3949719977 
29 'crystal symmetry operation' 8_445 -y-1,-x-1,-z+1/4  0.5400544264  0.2513887392  -0.8032091373 12.9411036029  0.2513887392  -0.9589648930 -0.1311107769 -52.9201701125  -0.8032091373 -0.1311107769 -0.5810895335 8.2499921079    
30 'crystal symmetry operation' 8_446 -y-1,-x-1,-z+5/4  0.5400544264  0.2513887392  -0.8032091373 12.4536056260  0.2513887392  -0.9589648930 -0.1311107769 -234.2542694652 -0.8032091373 -0.1311107769 -0.5810895335 -49.4387490611  
31 'crystal symmetry operation' 8_447 -y-1,-x-1,-z+9/4  0.5400544264  0.2513887392  -0.8032091373 11.9661076492  0.2513887392  -0.9589648930 -0.1311107769 -415.5883688179 -0.8032091373 -0.1311107769 -0.5810895335 -107.1274902301 
32 'crystal symmetry operation' 8_448 -y-1,-x-1,-z+13/4 0.5400544264  0.2513887392  -0.8032091373 11.4786096723  0.2513887392  -0.9589648930 -0.1311107769 -596.9224681706 -0.8032091373 -0.1311107769 -0.5810895335 -164.8162313990 
# 
_struct_biol.id        1 
_struct_biol.details   'THE BIOLOGICAL UNIT IS A 32MER OF THE ASYMMETRIC UNIT IN THE SHAPE OF A SPIRAL.' 
# 
loop_
_struct_conf.conf_type_id 
_struct_conf.id 
_struct_conf.pdbx_PDB_helix_id 
_struct_conf.beg_label_comp_id 
_struct_conf.beg_label_asym_id 
_struct_conf.beg_label_seq_id 
_struct_conf.pdbx_beg_PDB_ins_code 
_struct_conf.end_label_comp_id 
_struct_conf.end_label_asym_id 
_struct_conf.end_label_seq_id 
_struct_conf.pdbx_end_PDB_ins_code 
_struct_conf.beg_auth_comp_id 
_struct_conf.beg_auth_asym_id 
_struct_conf.beg_auth_seq_id 
_struct_conf.end_auth_comp_id 
_struct_conf.end_auth_asym_id 
_struct_conf.end_auth_seq_id 
_struct_conf.pdbx_PDB_helix_class 
_struct_conf.details 
_struct_conf.pdbx_PDB_helix_length 
HELX_P HELX_P1 1 ASP A 16 ? VAL A 51 ? ASP A 459 VAL A 494 1 ? 36 
HELX_P HELX_P2 2 ALA B 5  ? ALA B 36 ? ALA B 327 ALA B 358 1 ? 32 
HELX_P HELX_P3 3 THR B 37 ? SER B 42 ? THR B 359 SER B 364 1 ? 6  
HELX_P HELX_P4 4 THR B 45 ? LEU B 89 ? THR B 367 LEU B 411 1 ? 45 
HELX_P HELX_P5 5 ASP C 16 ? GLN C 30 ? ASP C 459 GLN C 473 1 ? 15 
HELX_P HELX_P6 6 GLY C 33 ? ASP C 47 ? GLY C 476 ASP C 490 1 ? 15 
# 
_struct_conf_type.id          HELX_P 
_struct_conf_type.criteria    ? 
_struct_conf_type.reference   ? 
# 
_pdbx_validate_torsion.id              1 
_pdbx_validate_torsion.PDB_model_num   1 
_pdbx_validate_torsion.auth_comp_id    ILE 
_pdbx_validate_torsion.auth_asym_id    C 
_pdbx_validate_torsion.auth_seq_id     491 
_pdbx_validate_torsion.PDB_ins_code    ? 
_pdbx_validate_torsion.label_alt_id    ? 
_pdbx_validate_torsion.phi             -127.05 
_pdbx_validate_torsion.psi             -72.69 
# 
_pdbx_struct_special_symmetry.id              1 
_pdbx_struct_special_symmetry.PDB_model_num   1 
_pdbx_struct_special_symmetry.auth_asym_id    B 
_pdbx_struct_special_symmetry.auth_comp_id    HOH 
_pdbx_struct_special_symmetry.auth_seq_id     44 
_pdbx_struct_special_symmetry.PDB_ins_code    ? 
_pdbx_struct_special_symmetry.label_asym_id   E 
_pdbx_struct_special_symmetry.label_comp_id   HOH 
_pdbx_struct_special_symmetry.label_seq_id    . 
# 
loop_
_pdbx_unobs_or_zero_occ_residues.id 
_pdbx_unobs_or_zero_occ_residues.PDB_model_num 
_pdbx_unobs_or_zero_occ_residues.polymer_flag 
_pdbx_unobs_or_zero_occ_residues.occupancy_flag 
_pdbx_unobs_or_zero_occ_residues.auth_asym_id 
_pdbx_unobs_or_zero_occ_residues.auth_comp_id 
_pdbx_unobs_or_zero_occ_residues.auth_seq_id 
_pdbx_unobs_or_zero_occ_residues.PDB_ins_code 
_pdbx_unobs_or_zero_occ_residues.label_asym_id 
_pdbx_unobs_or_zero_occ_residues.label_comp_id 
_pdbx_unobs_or_zero_occ_residues.label_seq_id 
1  1 Y 1 A MET 444 ? A MET 1  
2  1 Y 1 A ASN 445 ? A ASN 2  
3  1 Y 1 A HIS 446 ? A HIS 3  
4  1 Y 1 A PHE 447 ? A PHE 4  
5  1 Y 1 A GLY 448 ? A GLY 5  
6  1 Y 1 A ALA 449 ? A ALA 6  
7  1 Y 1 A VAL 450 ? A VAL 7  
8  1 Y 1 A LYS 451 ? A LYS 8  
9  1 Y 1 A SER 452 ? A SER 9  
10 1 Y 1 A GLU 453 ? A GLU 10 
11 1 Y 1 A GLU 454 ? A GLU 11 
12 1 Y 1 A LYS 455 ? A LYS 12 
13 1 Y 1 B GLY 323 ? B GLY 1  
14 1 Y 1 B SER 324 ? B SER 2  
15 1 Y 1 B HIS 325 ? B HIS 3  
16 1 Y 1 B MET 326 ? B MET 4  
17 1 Y 1 B ASP 413 ? B ASP 91 
18 1 Y 1 B ALA 414 ? B ALA 92 
19 1 Y 1 B GLY 415 ? B GLY 93 
20 1 Y 1 C MET 444 ? C MET 1  
21 1 Y 1 C ASN 445 ? C ASN 2  
22 1 Y 1 C HIS 446 ? C HIS 3  
23 1 Y 1 C PHE 447 ? C PHE 4  
24 1 Y 1 C GLY 448 ? C GLY 5  
25 1 Y 1 C ALA 449 ? C ALA 6  
26 1 Y 1 C VAL 450 ? C VAL 7  
27 1 Y 1 C LYS 451 ? C LYS 8  
28 1 Y 1 C SER 452 ? C SER 9  
29 1 Y 1 C GLU 453 ? C GLU 10 
30 1 Y 1 C GLU 454 ? C GLU 11 
31 1 Y 1 C LYS 455 ? C LYS 12 
32 1 Y 1 C TYR 456 ? C TYR 13 
33 1 Y 1 C LEU 493 ? C LEU 50 
34 1 Y 1 C VAL 494 ? C VAL 51 
# 
loop_
_chem_comp_atom.comp_id 
_chem_comp_atom.atom_id 
_chem_comp_atom.type_symbol 
_chem_comp_atom.pdbx_aromatic_flag 
_chem_comp_atom.pdbx_stereo_config 
_chem_comp_atom.pdbx_ordinal 
ALA N    N N N 1   
ALA CA   C N S 2   
ALA C    C N N 3   
ALA O    O N N 4   
ALA CB   C N N 5   
ALA OXT  O N N 6   
ALA H    H N N 7   
ALA H2   H N N 8   
ALA HA   H N N 9   
ALA HB1  H N N 10  
ALA HB2  H N N 11  
ALA HB3  H N N 12  
ALA HXT  H N N 13  
ARG N    N N N 14  
ARG CA   C N S 15  
ARG C    C N N 16  
ARG O    O N N 17  
ARG CB   C N N 18  
ARG CG   C N N 19  
ARG CD   C N N 20  
ARG NE   N N N 21  
ARG CZ   C N N 22  
ARG NH1  N N N 23  
ARG NH2  N N N 24  
ARG OXT  O N N 25  
ARG H    H N N 26  
ARG H2   H N N 27  
ARG HA   H N N 28  
ARG HB2  H N N 29  
ARG HB3  H N N 30  
ARG HG2  H N N 31  
ARG HG3  H N N 32  
ARG HD2  H N N 33  
ARG HD3  H N N 34  
ARG HE   H N N 35  
ARG HH11 H N N 36  
ARG HH12 H N N 37  
ARG HH21 H N N 38  
ARG HH22 H N N 39  
ARG HXT  H N N 40  
ASN N    N N N 41  
ASN CA   C N S 42  
ASN C    C N N 43  
ASN O    O N N 44  
ASN CB   C N N 45  
ASN CG   C N N 46  
ASN OD1  O N N 47  
ASN ND2  N N N 48  
ASN OXT  O N N 49  
ASN H    H N N 50  
ASN H2   H N N 51  
ASN HA   H N N 52  
ASN HB2  H N N 53  
ASN HB3  H N N 54  
ASN HD21 H N N 55  
ASN HD22 H N N 56  
ASN HXT  H N N 57  
ASP N    N N N 58  
ASP CA   C N S 59  
ASP C    C N N 60  
ASP O    O N N 61  
ASP CB   C N N 62  
ASP CG   C N N 63  
ASP OD1  O N N 64  
ASP OD2  O N N 65  
ASP OXT  O N N 66  
ASP H    H N N 67  
ASP H2   H N N 68  
ASP HA   H N N 69  
ASP HB2  H N N 70  
ASP HB3  H N N 71  
ASP HD2  H N N 72  
ASP HXT  H N N 73  
GLN N    N N N 74  
GLN CA   C N S 75  
GLN C    C N N 76  
GLN O    O N N 77  
GLN CB   C N N 78  
GLN CG   C N N 79  
GLN CD   C N N 80  
GLN OE1  O N N 81  
GLN NE2  N N N 82  
GLN OXT  O N N 83  
GLN H    H N N 84  
GLN H2   H N N 85  
GLN HA   H N N 86  
GLN HB2  H N N 87  
GLN HB3  H N N 88  
GLN HG2  H N N 89  
GLN HG3  H N N 90  
GLN HE21 H N N 91  
GLN HE22 H N N 92  
GLN HXT  H N N 93  
GLU N    N N N 94  
GLU CA   C N S 95  
GLU C    C N N 96  
GLU O    O N N 97  
GLU CB   C N N 98  
GLU CG   C N N 99  
GLU CD   C N N 100 
GLU OE1  O N N 101 
GLU OE2  O N N 102 
GLU OXT  O N N 103 
GLU H    H N N 104 
GLU H2   H N N 105 
GLU HA   H N N 106 
GLU HB2  H N N 107 
GLU HB3  H N N 108 
GLU HG2  H N N 109 
GLU HG3  H N N 110 
GLU HE2  H N N 111 
GLU HXT  H N N 112 
GLY N    N N N 113 
GLY CA   C N N 114 
GLY C    C N N 115 
GLY O    O N N 116 
GLY OXT  O N N 117 
GLY H    H N N 118 
GLY H2   H N N 119 
GLY HA2  H N N 120 
GLY HA3  H N N 121 
GLY HXT  H N N 122 
HIS N    N N N 123 
HIS CA   C N S 124 
HIS C    C N N 125 
HIS O    O N N 126 
HIS CB   C N N 127 
HIS CG   C Y N 128 
HIS ND1  N Y N 129 
HIS CD2  C Y N 130 
HIS CE1  C Y N 131 
HIS NE2  N Y N 132 
HIS OXT  O N N 133 
HIS H    H N N 134 
HIS H2   H N N 135 
HIS HA   H N N 136 
HIS HB2  H N N 137 
HIS HB3  H N N 138 
HIS HD1  H N N 139 
HIS HD2  H N N 140 
HIS HE1  H N N 141 
HIS HE2  H N N 142 
HIS HXT  H N N 143 
HOH O    O N N 144 
HOH H1   H N N 145 
HOH H2   H N N 146 
ILE N    N N N 147 
ILE CA   C N S 148 
ILE C    C N N 149 
ILE O    O N N 150 
ILE CB   C N S 151 
ILE CG1  C N N 152 
ILE CG2  C N N 153 
ILE CD1  C N N 154 
ILE OXT  O N N 155 
ILE H    H N N 156 
ILE H2   H N N 157 
ILE HA   H N N 158 
ILE HB   H N N 159 
ILE HG12 H N N 160 
ILE HG13 H N N 161 
ILE HG21 H N N 162 
ILE HG22 H N N 163 
ILE HG23 H N N 164 
ILE HD11 H N N 165 
ILE HD12 H N N 166 
ILE HD13 H N N 167 
ILE HXT  H N N 168 
LEU N    N N N 169 
LEU CA   C N S 170 
LEU C    C N N 171 
LEU O    O N N 172 
LEU CB   C N N 173 
LEU CG   C N N 174 
LEU CD1  C N N 175 
LEU CD2  C N N 176 
LEU OXT  O N N 177 
LEU H    H N N 178 
LEU H2   H N N 179 
LEU HA   H N N 180 
LEU HB2  H N N 181 
LEU HB3  H N N 182 
LEU HG   H N N 183 
LEU HD11 H N N 184 
LEU HD12 H N N 185 
LEU HD13 H N N 186 
LEU HD21 H N N 187 
LEU HD22 H N N 188 
LEU HD23 H N N 189 
LEU HXT  H N N 190 
LYS N    N N N 191 
LYS CA   C N S 192 
LYS C    C N N 193 
LYS O    O N N 194 
LYS CB   C N N 195 
LYS CG   C N N 196 
LYS CD   C N N 197 
LYS CE   C N N 198 
LYS NZ   N N N 199 
LYS OXT  O N N 200 
LYS H    H N N 201 
LYS H2   H N N 202 
LYS HA   H N N 203 
LYS HB2  H N N 204 
LYS HB3  H N N 205 
LYS HG2  H N N 206 
LYS HG3  H N N 207 
LYS HD2  H N N 208 
LYS HD3  H N N 209 
LYS HE2  H N N 210 
LYS HE3  H N N 211 
LYS HZ1  H N N 212 
LYS HZ2  H N N 213 
LYS HZ3  H N N 214 
LYS HXT  H N N 215 
MET N    N N N 216 
MET CA   C N S 217 
MET C    C N N 218 
MET O    O N N 219 
MET CB   C N N 220 
MET CG   C N N 221 
MET SD   S N N 222 
MET CE   C N N 223 
MET OXT  O N N 224 
MET H    H N N 225 
MET H2   H N N 226 
MET HA   H N N 227 
MET HB2  H N N 228 
MET HB3  H N N 229 
MET HG2  H N N 230 
MET HG3  H N N 231 
MET HE1  H N N 232 
MET HE2  H N N 233 
MET HE3  H N N 234 
MET HXT  H N N 235 
PHE N    N N N 236 
PHE CA   C N S 237 
PHE C    C N N 238 
PHE O    O N N 239 
PHE CB   C N N 240 
PHE CG   C Y N 241 
PHE CD1  C Y N 242 
PHE CD2  C Y N 243 
PHE CE1  C Y N 244 
PHE CE2  C Y N 245 
PHE CZ   C Y N 246 
PHE OXT  O N N 247 
PHE H    H N N 248 
PHE H2   H N N 249 
PHE HA   H N N 250 
PHE HB2  H N N 251 
PHE HB3  H N N 252 
PHE HD1  H N N 253 
PHE HD2  H N N 254 
PHE HE1  H N N 255 
PHE HE2  H N N 256 
PHE HZ   H N N 257 
PHE HXT  H N N 258 
PRO N    N N N 259 
PRO CA   C N S 260 
PRO C    C N N 261 
PRO O    O N N 262 
PRO CB   C N N 263 
PRO CG   C N N 264 
PRO CD   C N N 265 
PRO OXT  O N N 266 
PRO H    H N N 267 
PRO HA   H N N 268 
PRO HB2  H N N 269 
PRO HB3  H N N 270 
PRO HG2  H N N 271 
PRO HG3  H N N 272 
PRO HD2  H N N 273 
PRO HD3  H N N 274 
PRO HXT  H N N 275 
SER N    N N N 276 
SER CA   C N S 277 
SER C    C N N 278 
SER O    O N N 279 
SER CB   C N N 280 
SER OG   O N N 281 
SER OXT  O N N 282 
SER H    H N N 283 
SER H2   H N N 284 
SER HA   H N N 285 
SER HB2  H N N 286 
SER HB3  H N N 287 
SER HG   H N N 288 
SER HXT  H N N 289 
THR N    N N N 290 
THR CA   C N S 291 
THR C    C N N 292 
THR O    O N N 293 
THR CB   C N R 294 
THR OG1  O N N 295 
THR CG2  C N N 296 
THR OXT  O N N 297 
THR H    H N N 298 
THR H2   H N N 299 
THR HA   H N N 300 
THR HB   H N N 301 
THR HG1  H N N 302 
THR HG21 H N N 303 
THR HG22 H N N 304 
THR HG23 H N N 305 
THR HXT  H N N 306 
TYR N    N N N 307 
TYR CA   C N S 308 
TYR C    C N N 309 
TYR O    O N N 310 
TYR CB   C N N 311 
TYR CG   C Y N 312 
TYR CD1  C Y N 313 
TYR CD2  C Y N 314 
TYR CE1  C Y N 315 
TYR CE2  C Y N 316 
TYR CZ   C Y N 317 
TYR OH   O N N 318 
TYR OXT  O N N 319 
TYR H    H N N 320 
TYR H2   H N N 321 
TYR HA   H N N 322 
TYR HB2  H N N 323 
TYR HB3  H N N 324 
TYR HD1  H N N 325 
TYR HD2  H N N 326 
TYR HE1  H N N 327 
TYR HE2  H N N 328 
TYR HH   H N N 329 
TYR HXT  H N N 330 
VAL N    N N N 331 
VAL CA   C N S 332 
VAL C    C N N 333 
VAL O    O N N 334 
VAL CB   C N N 335 
VAL CG1  C N N 336 
VAL CG2  C N N 337 
VAL OXT  O N N 338 
VAL H    H N N 339 
VAL H2   H N N 340 
VAL HA   H N N 341 
VAL HB   H N N 342 
VAL HG11 H N N 343 
VAL HG12 H N N 344 
VAL HG13 H N N 345 
VAL HG21 H N N 346 
VAL HG22 H N N 347 
VAL HG23 H N N 348 
VAL HXT  H N N 349 
# 
loop_
_chem_comp_bond.comp_id 
_chem_comp_bond.atom_id_1 
_chem_comp_bond.atom_id_2 
_chem_comp_bond.value_order 
_chem_comp_bond.pdbx_aromatic_flag 
_chem_comp_bond.pdbx_stereo_config 
_chem_comp_bond.pdbx_ordinal 
ALA N   CA   sing N N 1   
ALA N   H    sing N N 2   
ALA N   H2   sing N N 3   
ALA CA  C    sing N N 4   
ALA CA  CB   sing N N 5   
ALA CA  HA   sing N N 6   
ALA C   O    doub N N 7   
ALA C   OXT  sing N N 8   
ALA CB  HB1  sing N N 9   
ALA CB  HB2  sing N N 10  
ALA CB  HB3  sing N N 11  
ALA OXT HXT  sing N N 12  
ARG N   CA   sing N N 13  
ARG N   H    sing N N 14  
ARG N   H2   sing N N 15  
ARG CA  C    sing N N 16  
ARG CA  CB   sing N N 17  
ARG CA  HA   sing N N 18  
ARG C   O    doub N N 19  
ARG C   OXT  sing N N 20  
ARG CB  CG   sing N N 21  
ARG CB  HB2  sing N N 22  
ARG CB  HB3  sing N N 23  
ARG CG  CD   sing N N 24  
ARG CG  HG2  sing N N 25  
ARG CG  HG3  sing N N 26  
ARG CD  NE   sing N N 27  
ARG CD  HD2  sing N N 28  
ARG CD  HD3  sing N N 29  
ARG NE  CZ   sing N N 30  
ARG NE  HE   sing N N 31  
ARG CZ  NH1  sing N N 32  
ARG CZ  NH2  doub N N 33  
ARG NH1 HH11 sing N N 34  
ARG NH1 HH12 sing N N 35  
ARG NH2 HH21 sing N N 36  
ARG NH2 HH22 sing N N 37  
ARG OXT HXT  sing N N 38  
ASN N   CA   sing N N 39  
ASN N   H    sing N N 40  
ASN N   H2   sing N N 41  
ASN CA  C    sing N N 42  
ASN CA  CB   sing N N 43  
ASN CA  HA   sing N N 44  
ASN C   O    doub N N 45  
ASN C   OXT  sing N N 46  
ASN CB  CG   sing N N 47  
ASN CB  HB2  sing N N 48  
ASN CB  HB3  sing N N 49  
ASN CG  OD1  doub N N 50  
ASN CG  ND2  sing N N 51  
ASN ND2 HD21 sing N N 52  
ASN ND2 HD22 sing N N 53  
ASN OXT HXT  sing N N 54  
ASP N   CA   sing N N 55  
ASP N   H    sing N N 56  
ASP N   H2   sing N N 57  
ASP CA  C    sing N N 58  
ASP CA  CB   sing N N 59  
ASP CA  HA   sing N N 60  
ASP C   O    doub N N 61  
ASP C   OXT  sing N N 62  
ASP CB  CG   sing N N 63  
ASP CB  HB2  sing N N 64  
ASP CB  HB3  sing N N 65  
ASP CG  OD1  doub N N 66  
ASP CG  OD2  sing N N 67  
ASP OD2 HD2  sing N N 68  
ASP OXT HXT  sing N N 69  
GLN N   CA   sing N N 70  
GLN N   H    sing N N 71  
GLN N   H2   sing N N 72  
GLN CA  C    sing N N 73  
GLN CA  CB   sing N N 74  
GLN CA  HA   sing N N 75  
GLN C   O    doub N N 76  
GLN C   OXT  sing N N 77  
GLN CB  CG   sing N N 78  
GLN CB  HB2  sing N N 79  
GLN CB  HB3  sing N N 80  
GLN CG  CD   sing N N 81  
GLN CG  HG2  sing N N 82  
GLN CG  HG3  sing N N 83  
GLN CD  OE1  doub N N 84  
GLN CD  NE2  sing N N 85  
GLN NE2 HE21 sing N N 86  
GLN NE2 HE22 sing N N 87  
GLN OXT HXT  sing N N 88  
GLU N   CA   sing N N 89  
GLU N   H    sing N N 90  
GLU N   H2   sing N N 91  
GLU CA  C    sing N N 92  
GLU CA  CB   sing N N 93  
GLU CA  HA   sing N N 94  
GLU C   O    doub N N 95  
GLU C   OXT  sing N N 96  
GLU CB  CG   sing N N 97  
GLU CB  HB2  sing N N 98  
GLU CB  HB3  sing N N 99  
GLU CG  CD   sing N N 100 
GLU CG  HG2  sing N N 101 
GLU CG  HG3  sing N N 102 
GLU CD  OE1  doub N N 103 
GLU CD  OE2  sing N N 104 
GLU OE2 HE2  sing N N 105 
GLU OXT HXT  sing N N 106 
GLY N   CA   sing N N 107 
GLY N   H    sing N N 108 
GLY N   H2   sing N N 109 
GLY CA  C    sing N N 110 
GLY CA  HA2  sing N N 111 
GLY CA  HA3  sing N N 112 
GLY C   O    doub N N 113 
GLY C   OXT  sing N N 114 
GLY OXT HXT  sing N N 115 
HIS N   CA   sing N N 116 
HIS N   H    sing N N 117 
HIS N   H2   sing N N 118 
HIS CA  C    sing N N 119 
HIS CA  CB   sing N N 120 
HIS CA  HA   sing N N 121 
HIS C   O    doub N N 122 
HIS C   OXT  sing N N 123 
HIS CB  CG   sing N N 124 
HIS CB  HB2  sing N N 125 
HIS CB  HB3  sing N N 126 
HIS CG  ND1  sing Y N 127 
HIS CG  CD2  doub Y N 128 
HIS ND1 CE1  doub Y N 129 
HIS ND1 HD1  sing N N 130 
HIS CD2 NE2  sing Y N 131 
HIS CD2 HD2  sing N N 132 
HIS CE1 NE2  sing Y N 133 
HIS CE1 HE1  sing N N 134 
HIS NE2 HE2  sing N N 135 
HIS OXT HXT  sing N N 136 
HOH O   H1   sing N N 137 
HOH O   H2   sing N N 138 
ILE N   CA   sing N N 139 
ILE N   H    sing N N 140 
ILE N   H2   sing N N 141 
ILE CA  C    sing N N 142 
ILE CA  CB   sing N N 143 
ILE CA  HA   sing N N 144 
ILE C   O    doub N N 145 
ILE C   OXT  sing N N 146 
ILE CB  CG1  sing N N 147 
ILE CB  CG2  sing N N 148 
ILE CB  HB   sing N N 149 
ILE CG1 CD1  sing N N 150 
ILE CG1 HG12 sing N N 151 
ILE CG1 HG13 sing N N 152 
ILE CG2 HG21 sing N N 153 
ILE CG2 HG22 sing N N 154 
ILE CG2 HG23 sing N N 155 
ILE CD1 HD11 sing N N 156 
ILE CD1 HD12 sing N N 157 
ILE CD1 HD13 sing N N 158 
ILE OXT HXT  sing N N 159 
LEU N   CA   sing N N 160 
LEU N   H    sing N N 161 
LEU N   H2   sing N N 162 
LEU CA  C    sing N N 163 
LEU CA  CB   sing N N 164 
LEU CA  HA   sing N N 165 
LEU C   O    doub N N 166 
LEU C   OXT  sing N N 167 
LEU CB  CG   sing N N 168 
LEU CB  HB2  sing N N 169 
LEU CB  HB3  sing N N 170 
LEU CG  CD1  sing N N 171 
LEU CG  CD2  sing N N 172 
LEU CG  HG   sing N N 173 
LEU CD1 HD11 sing N N 174 
LEU CD1 HD12 sing N N 175 
LEU CD1 HD13 sing N N 176 
LEU CD2 HD21 sing N N 177 
LEU CD2 HD22 sing N N 178 
LEU CD2 HD23 sing N N 179 
LEU OXT HXT  sing N N 180 
LYS N   CA   sing N N 181 
LYS N   H    sing N N 182 
LYS N   H2   sing N N 183 
LYS CA  C    sing N N 184 
LYS CA  CB   sing N N 185 
LYS CA  HA   sing N N 186 
LYS C   O    doub N N 187 
LYS C   OXT  sing N N 188 
LYS CB  CG   sing N N 189 
LYS CB  HB2  sing N N 190 
LYS CB  HB3  sing N N 191 
LYS CG  CD   sing N N 192 
LYS CG  HG2  sing N N 193 
LYS CG  HG3  sing N N 194 
LYS CD  CE   sing N N 195 
LYS CD  HD2  sing N N 196 
LYS CD  HD3  sing N N 197 
LYS CE  NZ   sing N N 198 
LYS CE  HE2  sing N N 199 
LYS CE  HE3  sing N N 200 
LYS NZ  HZ1  sing N N 201 
LYS NZ  HZ2  sing N N 202 
LYS NZ  HZ3  sing N N 203 
LYS OXT HXT  sing N N 204 
MET N   CA   sing N N 205 
MET N   H    sing N N 206 
MET N   H2   sing N N 207 
MET CA  C    sing N N 208 
MET CA  CB   sing N N 209 
MET CA  HA   sing N N 210 
MET C   O    doub N N 211 
MET C   OXT  sing N N 212 
MET CB  CG   sing N N 213 
MET CB  HB2  sing N N 214 
MET CB  HB3  sing N N 215 
MET CG  SD   sing N N 216 
MET CG  HG2  sing N N 217 
MET CG  HG3  sing N N 218 
MET SD  CE   sing N N 219 
MET CE  HE1  sing N N 220 
MET CE  HE2  sing N N 221 
MET CE  HE3  sing N N 222 
MET OXT HXT  sing N N 223 
PHE N   CA   sing N N 224 
PHE N   H    sing N N 225 
PHE N   H2   sing N N 226 
PHE CA  C    sing N N 227 
PHE CA  CB   sing N N 228 
PHE CA  HA   sing N N 229 
PHE C   O    doub N N 230 
PHE C   OXT  sing N N 231 
PHE CB  CG   sing N N 232 
PHE CB  HB2  sing N N 233 
PHE CB  HB3  sing N N 234 
PHE CG  CD1  doub Y N 235 
PHE CG  CD2  sing Y N 236 
PHE CD1 CE1  sing Y N 237 
PHE CD1 HD1  sing N N 238 
PHE CD2 CE2  doub Y N 239 
PHE CD2 HD2  sing N N 240 
PHE CE1 CZ   doub Y N 241 
PHE CE1 HE1  sing N N 242 
PHE CE2 CZ   sing Y N 243 
PHE CE2 HE2  sing N N 244 
PHE CZ  HZ   sing N N 245 
PHE OXT HXT  sing N N 246 
PRO N   CA   sing N N 247 
PRO N   CD   sing N N 248 
PRO N   H    sing N N 249 
PRO CA  C    sing N N 250 
PRO CA  CB   sing N N 251 
PRO CA  HA   sing N N 252 
PRO C   O    doub N N 253 
PRO C   OXT  sing N N 254 
PRO CB  CG   sing N N 255 
PRO CB  HB2  sing N N 256 
PRO CB  HB3  sing N N 257 
PRO CG  CD   sing N N 258 
PRO CG  HG2  sing N N 259 
PRO CG  HG3  sing N N 260 
PRO CD  HD2  sing N N 261 
PRO CD  HD3  sing N N 262 
PRO OXT HXT  sing N N 263 
SER N   CA   sing N N 264 
SER N   H    sing N N 265 
SER N   H2   sing N N 266 
SER CA  C    sing N N 267 
SER CA  CB   sing N N 268 
SER CA  HA   sing N N 269 
SER C   O    doub N N 270 
SER C   OXT  sing N N 271 
SER CB  OG   sing N N 272 
SER CB  HB2  sing N N 273 
SER CB  HB3  sing N N 274 
SER OG  HG   sing N N 275 
SER OXT HXT  sing N N 276 
THR N   CA   sing N N 277 
THR N   H    sing N N 278 
THR N   H2   sing N N 279 
THR CA  C    sing N N 280 
THR CA  CB   sing N N 281 
THR CA  HA   sing N N 282 
THR C   O    doub N N 283 
THR C   OXT  sing N N 284 
THR CB  OG1  sing N N 285 
THR CB  CG2  sing N N 286 
THR CB  HB   sing N N 287 
THR OG1 HG1  sing N N 288 
THR CG2 HG21 sing N N 289 
THR CG2 HG22 sing N N 290 
THR CG2 HG23 sing N N 291 
THR OXT HXT  sing N N 292 
TYR N   CA   sing N N 293 
TYR N   H    sing N N 294 
TYR N   H2   sing N N 295 
TYR CA  C    sing N N 296 
TYR CA  CB   sing N N 297 
TYR CA  HA   sing N N 298 
TYR C   O    doub N N 299 
TYR C   OXT  sing N N 300 
TYR CB  CG   sing N N 301 
TYR CB  HB2  sing N N 302 
TYR CB  HB3  sing N N 303 
TYR CG  CD1  doub Y N 304 
TYR CG  CD2  sing Y N 305 
TYR CD1 CE1  sing Y N 306 
TYR CD1 HD1  sing N N 307 
TYR CD2 CE2  doub Y N 308 
TYR CD2 HD2  sing N N 309 
TYR CE1 CZ   doub Y N 310 
TYR CE1 HE1  sing N N 311 
TYR CE2 CZ   sing Y N 312 
TYR CE2 HE2  sing N N 313 
TYR CZ  OH   sing N N 314 
TYR OH  HH   sing N N 315 
TYR OXT HXT  sing N N 316 
VAL N   CA   sing N N 317 
VAL N   H    sing N N 318 
VAL N   H2   sing N N 319 
VAL CA  C    sing N N 320 
VAL CA  CB   sing N N 321 
VAL CA  HA   sing N N 322 
VAL C   O    doub N N 323 
VAL C   OXT  sing N N 324 
VAL CB  CG1  sing N N 325 
VAL CB  CG2  sing N N 326 
VAL CB  HB   sing N N 327 
VAL CG1 HG11 sing N N 328 
VAL CG1 HG12 sing N N 329 
VAL CG1 HG13 sing N N 330 
VAL CG2 HG21 sing N N 331 
VAL CG2 HG22 sing N N 332 
VAL CG2 HG23 sing N N 333 
VAL OXT HXT  sing N N 334 
# 
_atom_sites.entry_id                    3T98 
_atom_sites.fract_transf_matrix[1][1]   -0.01745967 
_atom_sites.fract_transf_matrix[1][2]   0.00159486 
_atom_sites.fract_transf_matrix[1][3]   -0.00486562 
_atom_sites.fract_transf_matrix[2][1]   0.00512013 
_atom_sites.fract_transf_matrix[2][2]   0.00528065 
_atom_sites.fract_transf_matrix[2][3]   -0.01664203 
_atom_sites.fract_transf_matrix[3][1]   -0.00001346 
_atom_sites.fract_transf_matrix[3][2]   -0.00500768 
_atom_sites.fract_transf_matrix[3][3]   -0.00159312 
_atom_sites.fract_transf_vector[1]      -0.209143 
_atom_sites.fract_transf_vector[2]      -0.440365 
_atom_sites.fract_transf_vector[3]      -0.000848 
# 
loop_
_atom_type.symbol 
C 
N 
O 
S 
# 
loop_
_atom_site.group_PDB 
_atom_site.id 
_atom_site.type_symbol 
_atom_site.label_atom_id 
_atom_site.label_alt_id 
_atom_site.label_comp_id 
_atom_site.label_asym_id 
_atom_site.label_entity_id 
_atom_site.label_seq_id 
_atom_site.pdbx_PDB_ins_code 
_atom_site.Cartn_x 
_atom_site.Cartn_y 
_atom_site.Cartn_z 
_atom_site.occupancy 
_atom_site.B_iso_or_equiv 
_atom_site.pdbx_formal_charge 
_atom_site.auth_seq_id 
_atom_site.auth_comp_id 
_atom_site.auth_asym_id 
_atom_site.auth_atom_id 
_atom_site.pdbx_PDB_model_num 
ATOM   1    N N   . TYR A 1 13 ? -10.583 24.103  -5.252  1.00 115.37 ? 456 TYR A N   1 
ATOM   2    C CA  . TYR A 1 13 ? -9.577  23.858  -6.323  1.00 114.70 ? 456 TYR A CA  1 
ATOM   3    C C   . TYR A 1 13 ? -8.641  22.679  -6.024  1.00 113.54 ? 456 TYR A C   1 
ATOM   4    O O   . TYR A 1 13 ? -8.983  21.526  -6.309  1.00 113.81 ? 456 TYR A O   1 
ATOM   5    C CB  . TYR A 1 13 ? -8.778  25.147  -6.600  1.00 116.08 ? 456 TYR A CB  1 
ATOM   6    C CG  . TYR A 1 13 ? -8.573  26.061  -5.395  1.00 117.73 ? 456 TYR A CG  1 
ATOM   7    C CD1 . TYR A 1 13 ? -7.642  25.749  -4.397  1.00 118.30 ? 456 TYR A CD1 1 
ATOM   8    C CD2 . TYR A 1 13 ? -9.314  27.237  -5.254  1.00 118.39 ? 456 TYR A CD2 1 
ATOM   9    C CE1 . TYR A 1 13 ? -7.454  26.585  -3.292  1.00 118.32 ? 456 TYR A CE1 1 
ATOM   10   C CE2 . TYR A 1 13 ? -9.137  28.081  -4.151  1.00 118.40 ? 456 TYR A CE2 1 
ATOM   11   C CZ  . TYR A 1 13 ? -8.206  27.746  -3.176  1.00 118.68 ? 456 TYR A CZ  1 
ATOM   12   O OH  . TYR A 1 13 ? -8.028  28.563  -2.084  1.00 119.03 ? 456 TYR A OH  1 
ATOM   13   N N   . TYR A 1 14 ? -7.479  22.967  -5.437  1.00 111.35 ? 457 TYR A N   1 
ATOM   14   C CA  . TYR A 1 14 ? -6.481  21.943  -5.101  1.00 108.34 ? 457 TYR A CA  1 
ATOM   15   C C   . TYR A 1 14 ? -5.993  22.063  -3.654  1.00 106.56 ? 457 TYR A C   1 
ATOM   16   O O   . TYR A 1 14 ? -6.567  22.798  -2.848  1.00 106.08 ? 457 TYR A O   1 
ATOM   17   C CB  . TYR A 1 14 ? -5.281  22.063  -6.043  1.00 108.21 ? 457 TYR A CB  1 
ATOM   18   C CG  . TYR A 1 14 ? -4.886  23.494  -6.302  1.00 108.76 ? 457 TYR A CG  1 
ATOM   19   C CD1 . TYR A 1 14 ? -5.472  24.221  -7.338  1.00 108.75 ? 457 TYR A CD1 1 
ATOM   20   C CD2 . TYR A 1 14 ? -3.952  24.139  -5.488  1.00 109.06 ? 457 TYR A CD2 1 
ATOM   21   C CE1 . TYR A 1 14 ? -5.138  25.556  -7.563  1.00 109.10 ? 457 TYR A CE1 1 
ATOM   22   C CE2 . TYR A 1 14 ? -3.610  25.473  -5.702  1.00 109.42 ? 457 TYR A CE2 1 
ATOM   23   C CZ  . TYR A 1 14 ? -4.207  26.174  -6.744  1.00 109.66 ? 457 TYR A CZ  1 
ATOM   24   O OH  . TYR A 1 14 ? -3.861  27.485  -6.979  1.00 109.88 ? 457 TYR A OH  1 
ATOM   25   N N   . ILE A 1 15 ? -4.916  21.347  -3.341  1.00 104.53 ? 458 ILE A N   1 
ATOM   26   C CA  . ILE A 1 15 ? -4.338  21.349  -1.997  1.00 101.89 ? 458 ILE A CA  1 
ATOM   27   C C   . ILE A 1 15 ? -2.923  21.954  -1.938  1.00 100.11 ? 458 ILE A C   1 
ATOM   28   O O   . ILE A 1 15 ? -2.254  22.086  -2.965  1.00 99.87  ? 458 ILE A O   1 
ATOM   29   C CB  . ILE A 1 15 ? -4.290  19.913  -1.418  1.00 101.73 ? 458 ILE A CB  1 
ATOM   30   C CG1 . ILE A 1 15 ? -3.477  18.999  -2.340  1.00 101.48 ? 458 ILE A CG1 1 
ATOM   31   C CG2 . ILE A 1 15 ? -5.710  19.383  -1.241  1.00 100.53 ? 458 ILE A CG2 1 
ATOM   32   C CD1 . ILE A 1 15 ? -3.245  17.596  -1.796  1.00 101.98 ? 458 ILE A CD1 1 
ATOM   33   N N   . ASP A 1 16 ? -2.479  22.315  -0.730  1.00 97.88  ? 459 ASP A N   1 
ATOM   34   C CA  . ASP A 1 16 ? -1.153  22.912  -0.508  1.00 95.07  ? 459 ASP A CA  1 
ATOM   35   C C   . ASP A 1 16 ? -0.045  22.205  -1.271  1.00 92.64  ? 459 ASP A C   1 
ATOM   36   O O   . ASP A 1 16 ? -0.044  20.981  -1.397  1.00 91.88  ? 459 ASP A O   1 
ATOM   37   C CB  . ASP A 1 16 ? -0.790  22.877  0.981   1.00 95.59  ? 459 ASP A CB  1 
ATOM   38   C CG  . ASP A 1 16 ? -1.775  23.629  1.844   1.00 96.80  ? 459 ASP A CG  1 
ATOM   39   O OD1 . ASP A 1 16 ? -1.756  24.878  1.815   1.00 98.35  ? 459 ASP A OD1 1 
ATOM   40   O OD2 . ASP A 1 16 ? -2.570  22.967  2.547   1.00 97.07  ? 459 ASP A OD2 1 
ATOM   41   N N   . ALA A 1 17 ? 0.912   22.986  -1.758  1.00 90.52  ? 460 ALA A N   1 
ATOM   42   C CA  . ALA A 1 17 ? 2.047   22.432  -2.484  1.00 88.32  ? 460 ALA A CA  1 
ATOM   43   C C   . ALA A 1 17 ? 2.884   21.595  -1.517  1.00 86.88  ? 460 ALA A C   1 
ATOM   44   O O   . ALA A 1 17 ? 3.656   20.729  -1.940  1.00 85.92  ? 460 ALA A O   1 
ATOM   45   C CB  . ALA A 1 17 ? 2.894   23.553  -3.081  1.00 87.43  ? 460 ALA A CB  1 
ATOM   46   N N   . ASP A 1 18 ? 2.727   21.860  -0.218  1.00 84.90  ? 461 ASP A N   1 
ATOM   47   C CA  . ASP A 1 18 ? 3.466   21.115  0.799   1.00 82.96  ? 461 ASP A CA  1 
ATOM   48   C C   . ASP A 1 18 ? 2.634   19.985  1.397   1.00 79.40  ? 461 ASP A C   1 
ATOM   49   O O   . ASP A 1 18 ? 3.183   19.033  1.953   1.00 79.67  ? 461 ASP A O   1 
ATOM   50   C CB  . ASP A 1 18 ? 3.977   22.048  1.908   1.00 86.10  ? 461 ASP A CB  1 
ATOM   51   C CG  . ASP A 1 18 ? 2.867   22.800  2.611   1.00 89.51  ? 461 ASP A CG  1 
ATOM   52   O OD1 . ASP A 1 18 ? 1.898   22.152  3.074   1.00 91.20  ? 461 ASP A OD1 1 
ATOM   53   O OD2 . ASP A 1 18 ? 2.973   24.043  2.711   1.00 91.31  ? 461 ASP A OD2 1 
ATOM   54   N N   . LEU A 1 19 ? 1.314   20.091  1.298   1.00 75.10  ? 462 LEU A N   1 
ATOM   55   C CA  . LEU A 1 19 ? 0.448   19.033  1.798   1.00 70.21  ? 462 LEU A CA  1 
ATOM   56   C C   . LEU A 1 19 ? 0.652   17.893  0.813   1.00 68.27  ? 462 LEU A C   1 
ATOM   57   O O   . LEU A 1 19 ? 0.549   16.714  1.160   1.00 66.98  ? 462 LEU A O   1 
ATOM   58   C CB  . LEU A 1 19 ? -1.012  19.483  1.795   1.00 69.19  ? 462 LEU A CB  1 
ATOM   59   C CG  . LEU A 1 19 ? -2.102  18.460  2.137   1.00 67.93  ? 462 LEU A CG  1 
ATOM   60   C CD1 . LEU A 1 19 ? -1.638  17.477  3.199   1.00 67.65  ? 462 LEU A CD1 1 
ATOM   61   C CD2 . LEU A 1 19 ? -3.328  19.218  2.612   1.00 66.72  ? 462 LEU A CD2 1 
ATOM   62   N N   . LEU A 1 20 ? 0.954   18.265  -0.426  1.00 65.16  ? 463 LEU A N   1 
ATOM   63   C CA  . LEU A 1 20 ? 1.215   17.293  -1.464  1.00 63.38  ? 463 LEU A CA  1 
ATOM   64   C C   . LEU A 1 20 ? 2.496   16.560  -1.074  1.00 62.26  ? 463 LEU A C   1 
ATOM   65   O O   . LEU A 1 20 ? 2.546   15.329  -1.080  1.00 61.96  ? 463 LEU A O   1 
ATOM   66   C CB  . LEU A 1 20 ? 1.399   17.999  -2.808  1.00 64.14  ? 463 LEU A CB  1 
ATOM   67   C CG  . LEU A 1 20 ? 1.842   17.112  -3.976  1.00 65.80  ? 463 LEU A CG  1 
ATOM   68   C CD1 . LEU A 1 20 ? 0.796   16.035  -4.231  1.00 66.04  ? 463 LEU A CD1 1 
ATOM   69   C CD2 . LEU A 1 20 ? 2.058   17.958  -5.223  1.00 65.69  ? 463 LEU A CD2 1 
ATOM   70   N N   . ARG A 1 21 ? 3.521   17.341  -0.727  1.00 61.13  ? 464 ARG A N   1 
ATOM   71   C CA  . ARG A 1 21 ? 4.833   16.843  -0.309  1.00 57.51  ? 464 ARG A CA  1 
ATOM   72   C C   . ARG A 1 21 ? 4.747   15.890  0.876   1.00 55.39  ? 464 ARG A C   1 
ATOM   73   O O   . ARG A 1 21 ? 5.470   14.897  0.940   1.00 53.09  ? 464 ARG A O   1 
ATOM   74   C CB  . ARG A 1 21 ? 5.740   18.019  0.046   1.00 59.74  ? 464 ARG A CB  1 
ATOM   75   C CG  . ARG A 1 21 ? 6.908   18.183  -0.908  1.00 63.83  ? 464 ARG A CG  1 
ATOM   76   C CD  . ARG A 1 21 ? 7.110   19.636  -1.317  1.00 67.21  ? 464 ARG A CD  1 
ATOM   77   N NE  . ARG A 1 21 ? 7.577   20.472  -0.216  1.00 70.79  ? 464 ARG A NE  1 
ATOM   78   C CZ  . ARG A 1 21 ? 7.689   21.794  -0.286  1.00 72.38  ? 464 ARG A CZ  1 
ATOM   79   N NH1 . ARG A 1 21 ? 7.363   22.428  -1.409  1.00 73.32  ? 464 ARG A NH1 1 
ATOM   80   N NH2 . ARG A 1 21 ? 8.129   22.484  0.762   1.00 72.65  ? 464 ARG A NH2 1 
ATOM   81   N N   . GLU A 1 22 ? 3.861   16.199  1.813   1.00 52.87  ? 465 GLU A N   1 
ATOM   82   C CA  . GLU A 1 22 ? 3.671   15.358  2.982   1.00 53.80  ? 465 GLU A CA  1 
ATOM   83   C C   . GLU A 1 22 ? 3.142   13.987  2.574   1.00 53.48  ? 465 GLU A C   1 
ATOM   84   O O   . GLU A 1 22 ? 3.673   12.959  2.979   1.00 54.41  ? 465 GLU A O   1 
ATOM   85   C CB  . GLU A 1 22 ? 2.720   16.053  3.955   1.00 54.46  ? 465 GLU A CB  1 
ATOM   86   C CG  . GLU A 1 22 ? 3.300   17.382  4.456   1.00 60.53  ? 465 GLU A CG  1 
ATOM   87   C CD  . GLU A 1 22 ? 2.290   18.304  5.142   1.00 64.23  ? 465 GLU A CD  1 
ATOM   88   O OE1 . GLU A 1 22 ? 2.677   19.451  5.460   1.00 66.42  ? 465 GLU A OE1 1 
ATOM   89   O OE2 . GLU A 1 22 ? 1.124   17.900  5.367   1.00 66.47  ? 465 GLU A OE2 1 
ATOM   90   N N   . ILE A 1 23 ? 2.106   13.978  1.747   1.00 54.01  ? 466 ILE A N   1 
ATOM   91   C CA  . ILE A 1 23 ? 1.500   12.744  1.264   1.00 52.05  ? 466 ILE A CA  1 
ATOM   92   C C   . ILE A 1 23 ? 2.496   11.937  0.435   1.00 52.00  ? 466 ILE A C   1 
ATOM   93   O O   . ILE A 1 23 ? 2.597   10.720  0.570   1.00 51.01  ? 466 ILE A O   1 
ATOM   94   C CB  . ILE A 1 23 ? 0.263   13.059  0.393   1.00 52.65  ? 466 ILE A CB  1 
ATOM   95   C CG1 . ILE A 1 23 ? -0.810  13.739  1.252   1.00 52.16  ? 466 ILE A CG1 1 
ATOM   96   C CG2 . ILE A 1 23 ? -0.266  11.790  -0.251  1.00 50.62  ? 466 ILE A CG2 1 
ATOM   97   C CD1 . ILE A 1 23 ? -1.990  14.284  0.459   1.00 54.35  ? 466 ILE A CD1 1 
ATOM   98   N N   . LYS A 1 24 ? 3.226   12.628  -0.430  1.00 51.55  ? 467 LYS A N   1 
ATOM   99   C CA  . LYS A 1 24 ? 4.208   11.991  -1.293  1.00 52.22  ? 467 LYS A CA  1 
ATOM   100  C C   . LYS A 1 24 ? 5.286   11.333  -0.428  1.00 51.68  ? 467 LYS A C   1 
ATOM   101  O O   . LYS A 1 24 ? 5.843   10.286  -0.775  1.00 50.81  ? 467 LYS A O   1 
ATOM   102  C CB  . LYS A 1 24 ? 4.811   13.045  -2.220  1.00 54.46  ? 467 LYS A CB  1 
ATOM   103  C CG  . LYS A 1 24 ? 5.669   12.501  -3.342  1.00 59.79  ? 467 LYS A CG  1 
ATOM   104  C CD  . LYS A 1 24 ? 5.897   13.572  -4.418  1.00 64.24  ? 467 LYS A CD  1 
ATOM   105  C CE  . LYS A 1 24 ? 4.594   13.929  -5.156  1.00 67.10  ? 467 LYS A CE  1 
ATOM   106  N NZ  . LYS A 1 24 ? 4.786   15.006  -6.188  1.00 67.00  ? 467 LYS A NZ  1 
ATOM   107  N N   . GLN A 1 25 ? 5.558   11.950  0.712   1.00 50.43  ? 468 GLN A N   1 
ATOM   108  C CA  . GLN A 1 25 ? 6.548   11.433  1.642   1.00 49.47  ? 468 GLN A CA  1 
ATOM   109  C C   . GLN A 1 25 ? 5.981   10.191  2.302   1.00 48.38  ? 468 GLN A C   1 
ATOM   110  O O   . GLN A 1 25 ? 6.655   9.174   2.409   1.00 49.94  ? 468 GLN A O   1 
ATOM   111  C CB  . GLN A 1 25 ? 6.877   12.488  2.706   1.00 49.88  ? 468 GLN A CB  1 
ATOM   112  C CG  . GLN A 1 25 ? 7.717   11.988  3.876   1.00 53.80  ? 468 GLN A CG  1 
ATOM   113  C CD  . GLN A 1 25 ? 9.151   11.628  3.505   1.00 55.65  ? 468 GLN A CD  1 
ATOM   114  O OE1 . GLN A 1 25 ? 9.901   11.134  4.342   1.00 59.05  ? 468 GLN A OE1 1 
ATOM   115  N NE2 . GLN A 1 25 ? 9.538   11.881  2.262   1.00 54.67  ? 468 GLN A NE2 1 
ATOM   116  N N   . HIS A 1 26 ? 4.733   10.279  2.739   1.00 46.12  ? 469 HIS A N   1 
ATOM   117  C CA  . HIS A 1 26 ? 4.089   9.159   3.395   1.00 45.37  ? 469 HIS A CA  1 
ATOM   118  C C   . HIS A 1 26 ? 4.076   7.939   2.484   1.00 45.05  ? 469 HIS A C   1 
ATOM   119  O O   . HIS A 1 26 ? 4.406   6.824   2.896   1.00 42.88  ? 469 HIS A O   1 
ATOM   120  C CB  . HIS A 1 26 ? 2.657   9.523   3.754   1.00 46.62  ? 469 HIS A CB  1 
ATOM   121  C CG  . HIS A 1 26 ? 1.927   8.437   4.474   1.00 48.78  ? 469 HIS A CG  1 
ATOM   122  N ND1 . HIS A 1 26 ? 2.191   8.110   5.788   1.00 51.02  ? 469 HIS A ND1 1 
ATOM   123  C CD2 . HIS A 1 26 ? 0.971   7.576   4.054   1.00 50.10  ? 469 HIS A CD2 1 
ATOM   124  C CE1 . HIS A 1 26 ? 1.428   7.092   6.147   1.00 52.90  ? 469 HIS A CE1 1 
ATOM   125  N NE2 . HIS A 1 26 ? 0.678   6.749   5.114   1.00 53.19  ? 469 HIS A NE2 1 
ATOM   126  N N   . LEU A 1 27 ? 3.673   8.154   1.243   1.00 44.56  ? 470 LEU A N   1 
ATOM   127  C CA  . LEU A 1 27 ? 3.613   7.071   0.286   1.00 45.84  ? 470 LEU A CA  1 
ATOM   128  C C   . LEU A 1 27 ? 4.982   6.462   0.083   1.00 45.37  ? 470 LEU A C   1 
ATOM   129  O O   . LEU A 1 27 ? 5.098   5.245   -0.056  1.00 45.13  ? 470 LEU A O   1 
ATOM   130  C CB  . LEU A 1 27 ? 3.059   7.568   -1.052  1.00 47.52  ? 470 LEU A CB  1 
ATOM   131  C CG  . LEU A 1 27 ? 1.638   8.135   -0.958  1.00 50.02  ? 470 LEU A CG  1 
ATOM   132  C CD1 . LEU A 1 27 ? 1.142   8.508   -2.352  1.00 49.54  ? 470 LEU A CD1 1 
ATOM   133  C CD2 . LEU A 1 27 ? 0.716   7.111   -0.298  1.00 48.05  ? 470 LEU A CD2 1 
ATOM   134  N N   . LYS A 1 28 ? 6.015   7.306   0.063   1.00 45.34  ? 471 LYS A N   1 
ATOM   135  C CA  . LYS A 1 28 ? 7.384   6.832   -0.120  1.00 42.65  ? 471 LYS A CA  1 
ATOM   136  C C   . LYS A 1 28 ? 7.772   5.910   1.033   1.00 42.66  ? 471 LYS A C   1 
ATOM   137  O O   . LYS A 1 28 ? 8.331   4.834   0.810   1.00 44.96  ? 471 LYS A O   1 
ATOM   138  C CB  . LYS A 1 28 ? 8.353   7.999   -0.184  1.00 43.67  ? 471 LYS A CB  1 
ATOM   139  C CG  . LYS A 1 28 ? 9.778   7.570   -0.440  1.00 46.80  ? 471 LYS A CG  1 
ATOM   140  C CD  . LYS A 1 28 ? 10.729  8.759   -0.398  1.00 51.60  ? 471 LYS A CD  1 
ATOM   141  C CE  . LYS A 1 28 ? 11.643  8.718   0.826   1.00 54.37  ? 471 LYS A CE  1 
ATOM   142  N NZ  . LYS A 1 28 ? 10.915  8.819   2.122   1.00 56.09  ? 471 LYS A NZ  1 
ATOM   143  N N   . GLN A 1 29 ? 7.477   6.322   2.262   1.00 38.32  ? 472 GLN A N   1 
ATOM   144  C CA  . GLN A 1 29 ? 7.781   5.493   3.417   1.00 38.05  ? 472 GLN A CA  1 
ATOM   145  C C   . GLN A 1 29 ? 7.089   4.137   3.283   1.00 40.08  ? 472 GLN A C   1 
ATOM   146  O O   . GLN A 1 29 ? 7.694   3.091   3.541   1.00 40.42  ? 472 GLN A O   1 
ATOM   147  C CB  . GLN A 1 29 ? 7.344   6.203   4.690   1.00 36.63  ? 472 GLN A CB  1 
ATOM   148  C CG  . GLN A 1 29 ? 7.932   7.606   4.792   1.00 40.50  ? 472 GLN A CG  1 
ATOM   149  C CD  . GLN A 1 29 ? 7.704   8.227   6.147   1.00 40.89  ? 472 GLN A CD  1 
ATOM   150  O OE1 . GLN A 1 29 ? 6.876   7.744   6.910   1.00 44.65  ? 472 GLN A OE1 1 
ATOM   151  N NE2 . GLN A 1 29 ? 8.425   9.314   6.451   1.00 38.95  ? 472 GLN A NE2 1 
ATOM   152  N N   . GLN A 1 30 ? 5.822   4.147   2.872   1.00 42.78  ? 473 GLN A N   1 
ATOM   153  C CA  . GLN A 1 30 ? 5.080   2.903   2.672   1.00 43.86  ? 473 GLN A CA  1 
ATOM   154  C C   . GLN A 1 30 ? 5.832   2.029   1.678   1.00 44.29  ? 473 GLN A C   1 
ATOM   155  O O   . GLN A 1 30 ? 5.955   0.827   1.867   1.00 44.71  ? 473 GLN A O   1 
ATOM   156  C CB  . GLN A 1 30 ? 3.684   3.176   2.107   1.00 42.77  ? 473 GLN A CB  1 
ATOM   157  C CG  . GLN A 1 30 ? 2.668   3.701   3.097   1.00 44.73  ? 473 GLN A CG  1 
ATOM   158  C CD  . GLN A 1 30 ? 1.254   3.740   2.504   1.00 45.61  ? 473 GLN A CD  1 
ATOM   159  O OE1 . GLN A 1 30 ? 0.359   4.378   3.050   1.00 45.61  ? 473 GLN A OE1 1 
ATOM   160  N NE2 . GLN A 1 30 ? 1.056   3.045   1.388   1.00 44.80  ? 473 GLN A NE2 1 
ATOM   161  N N   . GLN A 1 31 ? 6.312   2.646   0.604   1.00 44.75  ? 474 GLN A N   1 
ATOM   162  C CA  . GLN A 1 31 ? 7.048   1.938   -0.421  1.00 47.24  ? 474 GLN A CA  1 
ATOM   163  C C   . GLN A 1 31 ? 8.328   1.346   0.177   1.00 48.02  ? 474 GLN A C   1 
ATOM   164  O O   . GLN A 1 31 ? 8.597   0.152   0.031   1.00 47.48  ? 474 GLN A O   1 
ATOM   165  C CB  . GLN A 1 31 ? 7.393   2.899   -1.557  1.00 50.16  ? 474 GLN A CB  1 
ATOM   166  C CG  . GLN A 1 31 ? 8.185   2.273   -2.687  1.00 58.03  ? 474 GLN A CG  1 
ATOM   167  C CD  . GLN A 1 31 ? 8.706   3.317   -3.667  1.00 64.87  ? 474 GLN A CD  1 
ATOM   168  O OE1 . GLN A 1 31 ? 9.303   4.325   -3.259  1.00 67.97  ? 474 GLN A OE1 1 
ATOM   169  N NE2 . GLN A 1 31 ? 8.492   3.081   -4.967  1.00 65.40  ? 474 GLN A NE2 1 
ATOM   170  N N   . GLU A 1 32 ? 9.119   2.186   0.837   1.00 47.19  ? 475 GLU A N   1 
ATOM   171  C CA  . GLU A 1 32 ? 10.354  1.739   1.474   1.00 47.93  ? 475 GLU A CA  1 
ATOM   172  C C   . GLU A 1 32 ? 10.040  0.597   2.442   1.00 47.73  ? 475 GLU A C   1 
ATOM   173  O O   . GLU A 1 32 ? 10.820  -0.354  2.573   1.00 47.56  ? 475 GLU A O   1 
ATOM   174  C CB  . GLU A 1 32 ? 11.005  2.890   2.247   1.00 49.74  ? 475 GLU A CB  1 
ATOM   175  C CG  . GLU A 1 32 ? 11.376  4.091   1.388   1.00 53.87  ? 475 GLU A CG  1 
ATOM   176  C CD  . GLU A 1 32 ? 12.054  5.199   2.186   1.00 57.37  ? 475 GLU A CD  1 
ATOM   177  O OE1 . GLU A 1 32 ? 11.479  5.628   3.219   1.00 58.88  ? 475 GLU A OE1 1 
ATOM   178  O OE2 . GLU A 1 32 ? 13.157  5.638   1.778   1.00 57.83  ? 475 GLU A OE2 1 
ATOM   179  N N   . GLY A 1 33 ? 8.899   0.703   3.123   1.00 45.75  ? 476 GLY A N   1 
ATOM   180  C CA  . GLY A 1 33 ? 8.494   -0.329  4.053   1.00 41.68  ? 476 GLY A CA  1 
ATOM   181  C C   . GLY A 1 33 ? 8.360   -1.659  3.339   1.00 42.20  ? 476 GLY A C   1 
ATOM   182  O O   . GLY A 1 33 ? 9.045   -2.619  3.683   1.00 44.92  ? 476 GLY A O   1 
ATOM   183  N N   . LEU A 1 34 ? 7.488   -1.722  2.335   1.00 40.19  ? 477 LEU A N   1 
ATOM   184  C CA  . LEU A 1 34 ? 7.267   -2.951  1.580   1.00 38.92  ? 477 LEU A CA  1 
ATOM   185  C C   . LEU A 1 34 ? 8.534   -3.501  0.911   1.00 37.32  ? 477 LEU A C   1 
ATOM   186  O O   . LEU A 1 34 ? 8.753   -4.712  0.905   1.00 35.76  ? 477 LEU A O   1 
ATOM   187  C CB  . LEU A 1 34 ? 6.163   -2.728  0.537   1.00 37.47  ? 477 LEU A CB  1 
ATOM   188  C CG  . LEU A 1 34 ? 4.804   -2.269  1.109   1.00 38.57  ? 477 LEU A CG  1 
ATOM   189  C CD1 . LEU A 1 34 ? 3.885   -1.899  -0.040  1.00 41.83  ? 477 LEU A CD1 1 
ATOM   190  C CD2 . LEU A 1 34 ? 4.167   -3.354  1.974   1.00 33.80  ? 477 LEU A CD2 1 
ATOM   191  N N   . SER A 1 35 ? 9.356   -2.618  0.351   1.00 37.50  ? 478 SER A N   1 
ATOM   192  C CA  . SER A 1 35 ? 10.609  -3.022  -0.301  1.00 39.93  ? 478 SER A CA  1 
ATOM   193  C C   . SER A 1 35 ? 11.565  -3.667  0.696   1.00 40.79  ? 478 SER A C   1 
ATOM   194  O O   . SER A 1 35 ? 12.267  -4.609  0.350   1.00 39.60  ? 478 SER A O   1 
ATOM   195  C CB  . SER A 1 35 ? 11.319  -1.825  -0.940  1.00 40.13  ? 478 SER A CB  1 
ATOM   196  O OG  . SER A 1 35 ? 10.514  -1.205  -1.919  1.00 43.42  ? 478 SER A OG  1 
ATOM   197  N N   . HIS A 1 36 ? 11.601  -3.155  1.926   1.00 39.99  ? 479 HIS A N   1 
ATOM   198  C CA  . HIS A 1 36 ? 12.470  -3.729  2.934   1.00 43.61  ? 479 HIS A CA  1 
ATOM   199  C C   . HIS A 1 36 ? 12.087  -5.181  3.216   1.00 44.37  ? 479 HIS A C   1 
ATOM   200  O O   . HIS A 1 36 ? 12.959  -6.046  3.351   1.00 45.89  ? 479 HIS A O   1 
ATOM   201  C CB  . HIS A 1 36 ? 12.410  -2.952  4.240   1.00 45.84  ? 479 HIS A CB  1 
ATOM   202  C CG  . HIS A 1 36 ? 13.445  -3.392  5.228   1.00 49.64  ? 479 HIS A CG  1 
ATOM   203  N ND1 . HIS A 1 36 ? 13.140  -3.763  6.521   1.00 49.66  ? 479 HIS A ND1 1 
ATOM   204  C CD2 . HIS A 1 36 ? 14.783  -3.558  5.096   1.00 49.02  ? 479 HIS A CD2 1 
ATOM   205  C CE1 . HIS A 1 36 ? 14.242  -4.139  7.143   1.00 48.48  ? 479 HIS A CE1 1 
ATOM   206  N NE2 . HIS A 1 36 ? 15.255  -4.023  6.298   1.00 50.56  ? 479 HIS A NE2 1 
ATOM   207  N N   . LEU A 1 37 ? 10.783  -5.435  3.319   1.00 42.92  ? 480 LEU A N   1 
ATOM   208  C CA  . LEU A 1 37 ? 10.261  -6.779  3.556   1.00 40.15  ? 480 LEU A CA  1 
ATOM   209  C C   . LEU A 1 37 ? 10.590  -7.700  2.368   1.00 38.68  ? 480 LEU A C   1 
ATOM   210  O O   . LEU A 1 37 ? 10.988  -8.844  2.557   1.00 39.28  ? 480 LEU A O   1 
ATOM   211  C CB  . LEU A 1 37 ? 8.741   -6.716  3.785   1.00 39.41  ? 480 LEU A CB  1 
ATOM   212  C CG  . LEU A 1 37 ? 8.266   -5.964  5.039   1.00 39.04  ? 480 LEU A CG  1 
ATOM   213  C CD1 . LEU A 1 37 ? 6.744   -5.918  5.065   1.00 39.91  ? 480 LEU A CD1 1 
ATOM   214  C CD2 . LEU A 1 37 ? 8.796   -6.640  6.294   1.00 36.74  ? 480 LEU A CD2 1 
ATOM   215  N N   . ILE A 1 38 ? 10.413  -7.197  1.149   1.00 37.91  ? 481 ILE A N   1 
ATOM   216  C CA  . ILE A 1 38 ? 10.731  -7.959  -0.066  1.00 36.37  ? 481 ILE A CA  1 
ATOM   217  C C   . ILE A 1 38 ? 12.235  -8.324  -0.016  1.00 37.17  ? 481 ILE A C   1 
ATOM   218  O O   . ILE A 1 38 ? 12.622  -9.461  -0.314  1.00 36.98  ? 481 ILE A O   1 
ATOM   219  C CB  . ILE A 1 38 ? 10.508  -7.104  -1.338  1.00 35.03  ? 481 ILE A CB  1 
ATOM   220  C CG1 . ILE A 1 38 ? 9.078   -6.538  -1.365  1.00 38.14  ? 481 ILE A CG1 1 
ATOM   221  C CG2 . ILE A 1 38 ? 10.844  -7.914  -2.571  1.00 29.18  ? 481 ILE A CG2 1 
ATOM   222  C CD1 . ILE A 1 38 ? 8.020   -7.470  -1.913  1.00 36.98  ? 481 ILE A CD1 1 
ATOM   223  N N   . SER A 1 39 ? 13.061  -7.336  0.347   1.00 35.43  ? 482 SER A N   1 
ATOM   224  C CA  . SER A 1 39 ? 14.516  -7.482  0.472   1.00 34.94  ? 482 SER A CA  1 
ATOM   225  C C   . SER A 1 39 ? 14.838  -8.678  1.328   1.00 33.52  ? 482 SER A C   1 
ATOM   226  O O   . SER A 1 39 ? 15.560  -9.582  0.907   1.00 31.61  ? 482 SER A O   1 
ATOM   227  C CB  . SER A 1 39 ? 15.138  -6.253  1.154   1.00 37.96  ? 482 SER A CB  1 
ATOM   228  O OG  . SER A 1 39 ? 15.339  -5.178  0.252   1.00 45.78  ? 482 SER A OG  1 
ATOM   229  N N   . ILE A 1 40 ? 14.303  -8.651  2.547   1.00 32.88  ? 483 ILE A N   1 
ATOM   230  C CA  . ILE A 1 40 ? 14.508  -9.713  3.514   1.00 33.09  ? 483 ILE A CA  1 
ATOM   231  C C   . ILE A 1 40 ? 14.109  -11.052 2.923   1.00 35.21  ? 483 ILE A C   1 
ATOM   232  O O   . ILE A 1 40 ? 14.873  -12.001 2.985   1.00 40.14  ? 483 ILE A O   1 
ATOM   233  C CB  . ILE A 1 40 ? 13.717  -9.429  4.799   1.00 33.94  ? 483 ILE A CB  1 
ATOM   234  C CG1 . ILE A 1 40 ? 14.344  -8.236  5.516   1.00 33.35  ? 483 ILE A CG1 1 
ATOM   235  C CG2 . ILE A 1 40 ? 13.703  -10.659 5.701   1.00 34.32  ? 483 ILE A CG2 1 
ATOM   236  C CD1 . ILE A 1 40 ? 13.565  -7.762  6.700   1.00 38.37  ? 483 ILE A CD1 1 
ATOM   237  N N   . ILE A 1 41 ? 12.923  -11.126 2.336   1.00 36.06  ? 484 ILE A N   1 
ATOM   238  C CA  . ILE A 1 41 ? 12.470  -12.356 1.715   1.00 36.19  ? 484 ILE A CA  1 
ATOM   239  C C   . ILE A 1 41 ? 13.483  -12.841 0.676   1.00 36.07  ? 484 ILE A C   1 
ATOM   240  O O   . ILE A 1 41 ? 13.798  -14.026 0.618   1.00 36.87  ? 484 ILE A O   1 
ATOM   241  C CB  . ILE A 1 41 ? 11.077  -12.147 1.040   1.00 37.13  ? 484 ILE A CB  1 
ATOM   242  C CG1 . ILE A 1 41 ? 10.003  -11.989 2.125   1.00 36.13  ? 484 ILE A CG1 1 
ATOM   243  C CG2 . ILE A 1 41 ? 10.740  -13.327 0.110   1.00 31.95  ? 484 ILE A CG2 1 
ATOM   244  C CD1 . ILE A 1 41 ? 8.707   -11.377 1.628   1.00 34.39  ? 484 ILE A CD1 1 
ATOM   245  N N   . LYS A 1 42 ? 13.990  -11.930 -0.151  1.00 36.79  ? 485 LYS A N   1 
ATOM   246  C CA  . LYS A 1 42 ? 14.966  -12.308 -1.179  1.00 39.54  ? 485 LYS A CA  1 
ATOM   247  C C   . LYS A 1 42 ? 16.253  -12.857 -0.567  1.00 41.32  ? 485 LYS A C   1 
ATOM   248  O O   . LYS A 1 42 ? 16.849  -13.787 -1.103  1.00 40.85  ? 485 LYS A O   1 
ATOM   249  C CB  . LYS A 1 42 ? 15.287  -11.117 -2.077  1.00 39.34  ? 485 LYS A CB  1 
ATOM   250  C CG  . LYS A 1 42 ? 14.130  -10.721 -2.948  1.00 40.71  ? 485 LYS A CG  1 
ATOM   251  C CD  . LYS A 1 42 ? 14.391  -9.424  -3.655  1.00 43.16  ? 485 LYS A CD  1 
ATOM   252  C CE  . LYS A 1 42 ? 15.380  -9.602  -4.787  1.00 45.39  ? 485 LYS A CE  1 
ATOM   253  N NZ  . LYS A 1 42 ? 15.477  -8.350  -5.591  1.00 47.74  ? 485 LYS A NZ  1 
ATOM   254  N N   . ASP A 1 43 ? 16.681  -12.289 0.555   1.00 43.68  ? 486 ASP A N   1 
ATOM   255  C CA  . ASP A 1 43 ? 17.882  -12.786 1.213   1.00 47.06  ? 486 ASP A CA  1 
ATOM   256  C C   . ASP A 1 43 ? 17.630  -14.216 1.665   1.00 46.06  ? 486 ASP A C   1 
ATOM   257  O O   . ASP A 1 43 ? 18.513  -15.066 1.560   1.00 44.70  ? 486 ASP A O   1 
ATOM   258  C CB  . ASP A 1 43 ? 18.268  -11.904 2.410   1.00 50.16  ? 486 ASP A CB  1 
ATOM   259  C CG  . ASP A 1 43 ? 18.915  -10.590 1.982   1.00 54.03  ? 486 ASP A CG  1 
ATOM   260  O OD1 . ASP A 1 43 ? 19.702  -10.626 1.012   1.00 56.99  ? 486 ASP A OD1 1 
ATOM   261  O OD2 . ASP A 1 43 ? 18.655  -9.532  2.612   1.00 57.78  ? 486 ASP A OD2 1 
ATOM   262  N N   . ASP A 1 44 ? 16.417  -14.485 2.144   1.00 45.52  ? 487 ASP A N   1 
ATOM   263  C CA  . ASP A 1 44 ? 16.062  -15.826 2.588   1.00 46.28  ? 487 ASP A CA  1 
ATOM   264  C C   . ASP A 1 44 ? 16.156  -16.829 1.446   1.00 44.69  ? 487 ASP A C   1 
ATOM   265  O O   . ASP A 1 44 ? 16.752  -17.896 1.581   1.00 44.89  ? 487 ASP A O   1 
ATOM   266  C CB  . ASP A 1 44 ? 14.641  -15.858 3.141   1.00 51.40  ? 487 ASP A CB  1 
ATOM   267  C CG  . ASP A 1 44 ? 14.535  -15.246 4.524   1.00 57.01  ? 487 ASP A CG  1 
ATOM   268  O OD1 . ASP A 1 44 ? 15.388  -15.552 5.391   1.00 60.02  ? 487 ASP A OD1 1 
ATOM   269  O OD2 . ASP A 1 44 ? 13.578  -14.471 4.748   1.00 60.48  ? 487 ASP A OD2 1 
ATOM   270  N N   . LEU A 1 45 ? 15.548  -16.485 0.320   1.00 42.99  ? 488 LEU A N   1 
ATOM   271  C CA  . LEU A 1 45 ? 15.574  -17.365 -0.840  1.00 41.25  ? 488 LEU A CA  1 
ATOM   272  C C   . LEU A 1 45 ? 17.004  -17.538 -1.343  1.00 39.59  ? 488 LEU A C   1 
ATOM   273  O O   . LEU A 1 45 ? 17.412  -18.649 -1.667  1.00 41.08  ? 488 LEU A O   1 
ATOM   274  C CB  . LEU A 1 45 ? 14.678  -16.807 -1.958  1.00 38.36  ? 488 LEU A CB  1 
ATOM   275  C CG  . LEU A 1 45 ? 13.185  -16.675 -1.608  1.00 36.57  ? 488 LEU A CG  1 
ATOM   276  C CD1 . LEU A 1 45 ? 12.475  -15.893 -2.688  1.00 34.81  ? 488 LEU A CD1 1 
ATOM   277  C CD2 . LEU A 1 45 ? 12.556  -18.049 -1.455  1.00 35.40  ? 488 LEU A CD2 1 
ATOM   278  N N   . GLU A 1 46 ? 17.770  -16.456 -1.402  1.00 38.19  ? 489 GLU A N   1 
ATOM   279  C CA  . GLU A 1 46 ? 19.149  -16.555 -1.876  1.00 41.79  ? 489 GLU A CA  1 
ATOM   280  C C   . GLU A 1 46 ? 20.003  -17.414 -0.935  1.00 40.37  ? 489 GLU A C   1 
ATOM   281  O O   . GLU A 1 46 ? 20.777  -18.258 -1.382  1.00 35.48  ? 489 GLU A O   1 
ATOM   282  C CB  . GLU A 1 46 ? 19.758  -15.160 -2.021  1.00 44.35  ? 489 GLU A CB  1 
ATOM   283  C CG  . GLU A 1 46 ? 18.971  -14.288 -2.974  1.00 50.11  ? 489 GLU A CG  1 
ATOM   284  C CD  . GLU A 1 46 ? 19.494  -12.877 -3.043  1.00 53.30  ? 489 GLU A CD  1 
ATOM   285  O OE1 . GLU A 1 46 ? 19.916  -12.343 -1.990  1.00 56.85  ? 489 GLU A OE1 1 
ATOM   286  O OE2 . GLU A 1 46 ? 19.468  -12.296 -4.149  1.00 56.60  ? 489 GLU A OE2 1 
ATOM   287  N N   . ASP A 1 47 ? 19.842  -17.195 0.366   1.00 41.19  ? 490 ASP A N   1 
ATOM   288  C CA  . ASP A 1 47 ? 20.574  -17.955 1.366   1.00 42.39  ? 490 ASP A CA  1 
ATOM   289  C C   . ASP A 1 47 ? 20.186  -19.440 1.328   1.00 42.70  ? 490 ASP A C   1 
ATOM   290  O O   . ASP A 1 47 ? 20.964  -20.295 1.749   1.00 44.93  ? 490 ASP A O   1 
ATOM   291  C CB  . ASP A 1 47 ? 20.323  -17.367 2.755   1.00 45.30  ? 490 ASP A CB  1 
ATOM   292  C CG  . ASP A 1 47 ? 21.070  -16.051 2.985   1.00 50.11  ? 490 ASP A CG  1 
ATOM   293  O OD1 . ASP A 1 47 ? 21.510  -15.406 1.996   1.00 51.62  ? 490 ASP A OD1 1 
ATOM   294  O OD2 . ASP A 1 47 ? 21.211  -15.652 4.165   1.00 52.08  ? 490 ASP A OD2 1 
ATOM   295  N N   . ILE A 1 48 ? 18.994  -19.751 0.825   1.00 41.41  ? 491 ILE A N   1 
ATOM   296  C CA  . ILE A 1 48 ? 18.574  -21.147 0.718   1.00 39.51  ? 491 ILE A CA  1 
ATOM   297  C C   . ILE A 1 48 ? 19.450  -21.824 -0.329  1.00 39.32  ? 491 ILE A C   1 
ATOM   298  O O   . ILE A 1 48 ? 19.925  -22.941 -0.125  1.00 37.99  ? 491 ILE A O   1 
ATOM   299  C CB  . ILE A 1 48 ? 17.071  -21.282 0.306   1.00 38.09  ? 491 ILE A CB  1 
ATOM   300  C CG1 . ILE A 1 48 ? 16.175  -21.033 1.523   1.00 38.47  ? 491 ILE A CG1 1 
ATOM   301  C CG2 . ILE A 1 48 ? 16.788  -22.673 -0.264  1.00 34.37  ? 491 ILE A CG2 1 
ATOM   302  C CD1 . ILE A 1 48 ? 14.712  -21.264 1.254   1.00 34.06  ? 491 ILE A CD1 1 
ATOM   303  N N   . LYS A 1 49 ? 19.667  -21.135 -1.450  1.00 41.30  ? 492 LYS A N   1 
ATOM   304  C CA  . LYS A 1 49 ? 20.492  -21.670 -2.529  1.00 43.65  ? 492 LYS A CA  1 
ATOM   305  C C   . LYS A 1 49 ? 21.953  -21.784 -2.097  1.00 45.39  ? 492 LYS A C   1 
ATOM   306  O O   . LYS A 1 49 ? 22.714  -22.566 -2.656  1.00 45.90  ? 492 LYS A O   1 
ATOM   307  C CB  . LYS A 1 49 ? 20.412  -20.774 -3.761  1.00 45.67  ? 492 LYS A CB  1 
ATOM   308  C CG  . LYS A 1 49 ? 21.088  -21.387 -4.984  1.00 48.17  ? 492 LYS A CG  1 
ATOM   309  C CD  . LYS A 1 49 ? 20.869  -20.555 -6.243  1.00 52.15  ? 492 LYS A CD  1 
ATOM   310  C CE  . LYS A 1 49 ? 21.468  -21.243 -7.471  1.00 53.62  ? 492 LYS A CE  1 
ATOM   311  N NZ  . LYS A 1 49 ? 20.870  -22.597 -7.695  1.00 55.71  ? 492 LYS A NZ  1 
ATOM   312  N N   . LEU A 1 50 ? 22.332  -21.011 -1.087  1.00 46.59  ? 493 LEU A N   1 
ATOM   313  C CA  . LEU A 1 50 ? 23.691  -21.017 -0.589  1.00 49.35  ? 493 LEU A CA  1 
ATOM   314  C C   . LEU A 1 50 ? 23.948  -22.045 0.511   1.00 52.94  ? 493 LEU A C   1 
ATOM   315  O O   . LEU A 1 50 ? 25.092  -22.399 0.769   1.00 54.97  ? 493 LEU A O   1 
ATOM   316  C CB  . LEU A 1 50 ? 24.048  -19.620 -0.070  1.00 48.09  ? 493 LEU A CB  1 
ATOM   317  C CG  . LEU A 1 50 ? 24.070  -18.460 -1.078  1.00 46.95  ? 493 LEU A CG  1 
ATOM   318  C CD1 . LEU A 1 50 ? 24.477  -17.204 -0.350  1.00 47.74  ? 493 LEU A CD1 1 
ATOM   319  C CD2 . LEU A 1 50 ? 25.041  -18.732 -2.217  1.00 44.46  ? 493 LEU A CD2 1 
ATOM   320  N N   . VAL A 1 51 ? 22.890  -22.538 1.145   1.00 56.68  ? 494 VAL A N   1 
ATOM   321  C CA  . VAL A 1 51 ? 23.023  -23.498 2.251   1.00 59.76  ? 494 VAL A CA  1 
ATOM   322  C C   . VAL A 1 51 ? 22.712  -24.962 1.900   1.00 60.35  ? 494 VAL A C   1 
ATOM   323  O O   . VAL A 1 51 ? 22.427  -25.248 0.719   1.00 62.88  ? 494 VAL A O   1 
ATOM   324  C CB  . VAL A 1 51 ? 22.119  -23.058 3.427   1.00 60.45  ? 494 VAL A CB  1 
ATOM   325  C CG1 . VAL A 1 51 ? 20.668  -23.068 2.979   1.00 61.41  ? 494 VAL A CG1 1 
ATOM   326  C CG2 . VAL A 1 51 ? 22.327  -23.957 4.643   1.00 62.78  ? 494 VAL A CG2 1 
ATOM   327  O OXT . VAL A 1 51 ? 22.771  -25.820 2.807   0.01 60.94  ? 494 VAL A OXT 1 
ATOM   328  N N   . ALA B 2 5  ? -4.206  -31.091 0.732   1.00 112.43 ? 327 ALA B N   1 
ATOM   329  C CA  . ALA B 2 5  ? -2.828  -31.005 0.166   1.00 112.73 ? 327 ALA B CA  1 
ATOM   330  C C   . ALA B 2 5  ? -2.260  -29.595 0.365   1.00 112.77 ? 327 ALA B C   1 
ATOM   331  O O   . ALA B 2 5  ? -3.007  -28.613 0.320   1.00 113.62 ? 327 ALA B O   1 
ATOM   332  C CB  . ALA B 2 5  ? -2.860  -31.355 -1.325  1.00 111.89 ? 327 ALA B CB  1 
ATOM   333  N N   . PRO B 2 6  ? -0.935  -29.480 0.614   1.00 112.19 ? 328 PRO B N   1 
ATOM   334  C CA  . PRO B 2 6  ? -0.280  -28.175 0.817   1.00 111.13 ? 328 PRO B CA  1 
ATOM   335  C C   . PRO B 2 6  ? -0.387  -27.246 -0.405  1.00 109.76 ? 328 PRO B C   1 
ATOM   336  O O   . PRO B 2 6  ? -0.176  -26.032 -0.296  1.00 109.17 ? 328 PRO B O   1 
ATOM   337  C CB  . PRO B 2 6  ? 1.165   -28.562 1.134   1.00 111.14 ? 328 PRO B CB  1 
ATOM   338  C CG  . PRO B 2 6  ? 1.002   -29.867 1.849   1.00 111.12 ? 328 PRO B CG  1 
ATOM   339  C CD  . PRO B 2 6  ? -0.017  -30.577 0.980   1.00 111.61 ? 328 PRO B CD  1 
ATOM   340  N N   . ALA B 2 7  ? -0.714  -27.834 -1.558  1.00 107.94 ? 329 ALA B N   1 
ATOM   341  C CA  . ALA B 2 7  ? -0.875  -27.102 -2.813  1.00 105.11 ? 329 ALA B CA  1 
ATOM   342  C C   . ALA B 2 7  ? -2.181  -26.307 -2.789  1.00 103.39 ? 329 ALA B C   1 
ATOM   343  O O   . ALA B 2 7  ? -2.360  -25.375 -3.575  1.00 102.95 ? 329 ALA B O   1 
ATOM   344  C CB  . ALA B 2 7  ? -0.876  -28.077 -3.990  1.00 104.35 ? 329 ALA B CB  1 
ATOM   345  N N   . ASP B 2 8  ? -3.088  -26.699 -1.893  1.00 101.16 ? 330 ASP B N   1 
ATOM   346  C CA  . ASP B 2 8  ? -4.373  -26.023 -1.732  1.00 98.80  ? 330 ASP B CA  1 
ATOM   347  C C   . ASP B 2 8  ? -4.206  -24.926 -0.702  1.00 97.03  ? 330 ASP B C   1 
ATOM   348  O O   . ASP B 2 8  ? -4.896  -23.912 -0.752  1.00 97.57  ? 330 ASP B O   1 
ATOM   349  C CB  . ASP B 2 8  ? -5.465  -26.992 -1.270  1.00 99.24  ? 330 ASP B CB  1 
ATOM   350  C CG  . ASP B 2 8  ? -5.764  -28.062 -2.297  1.00 99.34  ? 330 ASP B CG  1 
ATOM   351  O OD1 . ASP B 2 8  ? -5.907  -27.717 -3.491  1.00 99.40  ? 330 ASP B OD1 1 
ATOM   352  O OD2 . ASP B 2 8  ? -5.865  -29.245 -1.905  1.00 99.14  ? 330 ASP B OD2 1 
ATOM   353  N N   . TYR B 2 9  ? -3.295  -25.139 0.243   1.00 95.18  ? 331 TYR B N   1 
ATOM   354  C CA  . TYR B 2 9  ? -3.018  -24.136 1.262   1.00 93.09  ? 331 TYR B CA  1 
ATOM   355  C C   . TYR B 2 9  ? -2.130  -23.056 0.642   1.00 90.25  ? 331 TYR B C   1 
ATOM   356  O O   . TYR B 2 9  ? -2.386  -21.856 0.783   1.00 90.14  ? 331 TYR B O   1 
ATOM   357  C CB  . TYR B 2 9  ? -2.294  -24.756 2.461   1.00 95.73  ? 331 TYR B CB  1 
ATOM   358  C CG  . TYR B 2 9  ? -1.463  -23.742 3.221   1.00 100.06 ? 331 TYR B CG  1 
ATOM   359  C CD1 . TYR B 2 9  ? -0.064  -23.816 3.230   1.00 102.25 ? 331 TYR B CD1 1 
ATOM   360  C CD2 . TYR B 2 9  ? -2.072  -22.671 3.886   1.00 101.71 ? 331 TYR B CD2 1 
ATOM   361  C CE1 . TYR B 2 9  ? 0.713   -22.840 3.884   1.00 103.70 ? 331 TYR B CE1 1 
ATOM   362  C CE2 . TYR B 2 9  ? -1.309  -21.689 4.542   1.00 103.34 ? 331 TYR B CE2 1 
ATOM   363  C CZ  . TYR B 2 9  ? 0.080   -21.778 4.538   1.00 104.08 ? 331 TYR B CZ  1 
ATOM   364  O OH  . TYR B 2 9  ? 0.826   -20.810 5.185   1.00 103.74 ? 331 TYR B OH  1 
ATOM   365  N N   . PHE B 2 10 ? -1.082  -23.496 -0.047  1.00 86.42  ? 332 PHE B N   1 
ATOM   366  C CA  . PHE B 2 10 ? -0.150  -22.584 -0.687  1.00 82.43  ? 332 PHE B CA  1 
ATOM   367  C C   . PHE B 2 10 ? -0.924  -21.660 -1.615  1.00 81.56  ? 332 PHE B C   1 
ATOM   368  O O   . PHE B 2 10 ? -0.906  -20.443 -1.437  1.00 81.76  ? 332 PHE B O   1 
ATOM   369  C CB  . PHE B 2 10 ? 0.914   -23.375 -1.470  1.00 78.76  ? 332 PHE B CB  1 
ATOM   370  C CG  . PHE B 2 10 ? 2.114   -22.550 -1.900  1.00 73.02  ? 332 PHE B CG  1 
ATOM   371  C CD1 . PHE B 2 10 ? 2.903   -21.889 -0.957  1.00 69.60  ? 332 PHE B CD1 1 
ATOM   372  C CD2 . PHE B 2 10 ? 2.458   -22.446 -3.249  1.00 70.02  ? 332 PHE B CD2 1 
ATOM   373  C CE1 . PHE B 2 10 ? 4.005   -21.135 -1.353  1.00 67.89  ? 332 PHE B CE1 1 
ATOM   374  C CE2 . PHE B 2 10 ? 3.560   -21.695 -3.654  1.00 68.31  ? 332 PHE B CE2 1 
ATOM   375  C CZ  . PHE B 2 10 ? 4.335   -21.041 -2.706  1.00 67.46  ? 332 PHE B CZ  1 
ATOM   376  N N   . ARG B 2 11 ? -1.617  -22.242 -2.587  1.00 81.66  ? 333 ARG B N   1 
ATOM   377  C CA  . ARG B 2 11 ? -2.394  -21.466 -3.553  1.00 82.69  ? 333 ARG B CA  1 
ATOM   378  C C   . ARG B 2 11 ? -3.215  -20.365 -2.886  1.00 80.88  ? 333 ARG B C   1 
ATOM   379  O O   . ARG B 2 11 ? -3.413  -19.293 -3.458  1.00 80.79  ? 333 ARG B O   1 
ATOM   380  C CB  . ARG B 2 11 ? -3.327  -22.387 -4.349  1.00 85.67  ? 333 ARG B CB  1 
ATOM   381  C CG  . ARG B 2 11 ? -4.395  -23.076 -3.507  1.00 91.29  ? 333 ARG B CG  1 
ATOM   382  C CD  . ARG B 2 11 ? -5.206  -24.103 -4.306  1.00 95.61  ? 333 ARG B CD  1 
ATOM   383  N NE  . ARG B 2 11 ? -6.144  -23.491 -5.246  1.00 99.62  ? 333 ARG B NE  1 
ATOM   384  C CZ  . ARG B 2 11 ? -6.972  -24.176 -6.032  1.00 102.48 ? 333 ARG B CZ  1 
ATOM   385  N NH1 . ARG B 2 11 ? -6.983  -25.506 -5.998  1.00 103.32 ? 333 ARG B NH1 1 
ATOM   386  N NH2 . ARG B 2 11 ? -7.800  -23.531 -6.847  1.00 103.05 ? 333 ARG B NH2 1 
ATOM   387  N N   . VAL B 2 12 ? -3.685  -20.632 -1.673  1.00 79.05  ? 334 VAL B N   1 
ATOM   388  C CA  . VAL B 2 12 ? -4.485  -19.663 -0.940  1.00 76.76  ? 334 VAL B CA  1 
ATOM   389  C C   . VAL B 2 12 ? -3.672  -18.473 -0.441  1.00 75.16  ? 334 VAL B C   1 
ATOM   390  O O   . VAL B 2 12 ? -3.997  -17.329 -0.767  1.00 75.61  ? 334 VAL B O   1 
ATOM   391  C CB  . VAL B 2 12 ? -5.214  -20.338 0.244   1.00 76.70  ? 334 VAL B CB  1 
ATOM   392  C CG1 . VAL B 2 12 ? -5.738  -19.291 1.213   1.00 75.91  ? 334 VAL B CG1 1 
ATOM   393  C CG2 . VAL B 2 12 ? -6.366  -21.181 -0.288  1.00 75.07  ? 334 VAL B CG2 1 
ATOM   394  N N   . LEU B 2 13 ? -2.627  -18.723 0.345   1.00 72.61  ? 335 LEU B N   1 
ATOM   395  C CA  . LEU B 2 13 ? -1.807  -17.620 0.845   1.00 70.12  ? 335 LEU B CA  1 
ATOM   396  C C   . LEU B 2 13 ? -1.270  -16.801 -0.335  1.00 66.29  ? 335 LEU B C   1 
ATOM   397  O O   . LEU B 2 13 ? -1.186  -15.576 -0.276  1.00 63.32  ? 335 LEU B O   1 
ATOM   398  C CB  . LEU B 2 13 ? -0.642  -18.146 1.682   1.00 72.43  ? 335 LEU B CB  1 
ATOM   399  C CG  . LEU B 2 13 ? 0.160   -17.051 2.397   1.00 75.54  ? 335 LEU B CG  1 
ATOM   400  C CD1 . LEU B 2 13 ? -0.728  -16.381 3.440   1.00 77.41  ? 335 LEU B CD1 1 
ATOM   401  C CD2 . LEU B 2 13 ? 1.396   -17.645 3.059   1.00 75.82  ? 335 LEU B CD2 1 
ATOM   402  N N   . VAL B 2 14 ? -0.918  -17.498 -1.406  1.00 62.84  ? 336 VAL B N   1 
ATOM   403  C CA  . VAL B 2 14 ? -0.413  -16.858 -2.610  1.00 61.12  ? 336 VAL B CA  1 
ATOM   404  C C   . VAL B 2 14 ? -1.497  -15.990 -3.225  1.00 60.09  ? 336 VAL B C   1 
ATOM   405  O O   . VAL B 2 14 ? -1.239  -14.860 -3.637  1.00 58.85  ? 336 VAL B O   1 
ATOM   406  C CB  . VAL B 2 14 ? 0.024   -17.912 -3.661  1.00 59.88  ? 336 VAL B CB  1 
ATOM   407  C CG1 . VAL B 2 14 ? 0.409   -17.236 -4.964  1.00 58.77  ? 336 VAL B CG1 1 
ATOM   408  C CG2 . VAL B 2 14 ? 1.187   -18.717 -3.128  1.00 58.08  ? 336 VAL B CG2 1 
ATOM   409  N N   . GLN B 2 15 ? -2.711  -16.535 -3.276  1.00 60.99  ? 337 GLN B N   1 
ATOM   410  C CA  . GLN B 2 15 ? -3.867  -15.851 -3.846  1.00 60.50  ? 337 GLN B CA  1 
ATOM   411  C C   . GLN B 2 15 ? -4.283  -14.599 -3.073  1.00 58.99  ? 337 GLN B C   1 
ATOM   412  O O   . GLN B 2 15 ? -4.610  -13.583 -3.675  1.00 58.24  ? 337 GLN B O   1 
ATOM   413  C CB  . GLN B 2 15 ? -5.048  -16.819 -3.946  1.00 63.92  ? 337 GLN B CB  1 
ATOM   414  C CG  . GLN B 2 15 ? -6.306  -16.194 -4.545  1.00 67.39  ? 337 GLN B CG  1 
ATOM   415  C CD  . GLN B 2 15 ? -6.106  -15.702 -5.973  1.00 67.33  ? 337 GLN B CD  1 
ATOM   416  O OE1 . GLN B 2 15 ? -6.126  -16.488 -6.922  1.00 67.64  ? 337 GLN B OE1 1 
ATOM   417  N NE2 . GLN B 2 15 ? -5.905  -14.394 -6.128  1.00 67.59  ? 337 GLN B NE2 1 
ATOM   418  N N   . GLN B 2 16 ? -4.280  -14.671 -1.747  1.00 58.52  ? 338 GLN B N   1 
ATOM   419  C CA  . GLN B 2 16 ? -4.629  -13.516 -0.927  1.00 58.73  ? 338 GLN B CA  1 
ATOM   420  C C   . GLN B 2 16 ? -3.590  -12.429 -1.149  1.00 59.00  ? 338 GLN B C   1 
ATOM   421  O O   . GLN B 2 16 ? -3.921  -11.251 -1.290  1.00 59.63  ? 338 GLN B O   1 
ATOM   422  C CB  . GLN B 2 16 ? -4.637  -13.887 0.549   1.00 59.87  ? 338 GLN B CB  1 
ATOM   423  C CG  . GLN B 2 16 ? -5.730  -14.840 0.939   1.00 64.07  ? 338 GLN B CG  1 
ATOM   424  C CD  . GLN B 2 16 ? -5.501  -15.424 2.315   1.00 67.11  ? 338 GLN B CD  1 
ATOM   425  O OE1 . GLN B 2 16 ? -6.372  -16.088 2.871   1.00 69.04  ? 338 GLN B OE1 1 
ATOM   426  N NE2 . GLN B 2 16 ? -4.315  -15.188 2.869   1.00 69.23  ? 338 GLN B NE2 1 
ATOM   427  N N   . PHE B 2 17 ? -2.325  -12.845 -1.167  1.00 57.46  ? 339 PHE B N   1 
ATOM   428  C CA  . PHE B 2 17 ? -1.207  -11.944 -1.375  1.00 53.91  ? 339 PHE B CA  1 
ATOM   429  C C   . PHE B 2 17 ? -1.381  -11.211 -2.696  1.00 54.09  ? 339 PHE B C   1 
ATOM   430  O O   . PHE B 2 17 ? -1.203  -9.998  -2.766  1.00 54.15  ? 339 PHE B O   1 
ATOM   431  C CB  . PHE B 2 17 ? 0.105   -12.735 -1.373  1.00 52.60  ? 339 PHE B CB  1 
ATOM   432  C CG  . PHE B 2 17 ? 1.318   -11.915 -1.723  1.00 49.69  ? 339 PHE B CG  1 
ATOM   433  C CD1 . PHE B 2 17 ? 1.586   -10.724 -1.055  1.00 47.00  ? 339 PHE B CD1 1 
ATOM   434  C CD2 . PHE B 2 17 ? 2.192   -12.337 -2.725  1.00 49.28  ? 339 PHE B CD2 1 
ATOM   435  C CE1 . PHE B 2 17 ? 2.707   -9.967  -1.373  1.00 47.58  ? 339 PHE B CE1 1 
ATOM   436  C CE2 . PHE B 2 17 ? 3.322   -11.589 -3.054  1.00 47.63  ? 339 PHE B CE2 1 
ATOM   437  C CZ  . PHE B 2 17 ? 3.578   -10.397 -2.380  1.00 48.34  ? 339 PHE B CZ  1 
ATOM   438  N N   . GLU B 2 18 ? -1.740  -11.955 -3.737  1.00 53.38  ? 340 GLU B N   1 
ATOM   439  C CA  . GLU B 2 18 ? -1.948  -11.381 -5.060  1.00 55.71  ? 340 GLU B CA  1 
ATOM   440  C C   . GLU B 2 18 ? -3.112  -10.371 -5.073  1.00 57.74  ? 340 GLU B C   1 
ATOM   441  O O   . GLU B 2 18 ? -3.128  -9.420  -5.873  1.00 58.05  ? 340 GLU B O   1 
ATOM   442  C CB  . GLU B 2 18 ? -2.204  -12.513 -6.061  1.00 56.56  ? 340 GLU B CB  1 
ATOM   443  C CG  . GLU B 2 18 ? -2.388  -12.090 -7.512  1.00 61.15  ? 340 GLU B CG  1 
ATOM   444  C CD  . GLU B 2 18 ? -3.751  -11.467 -7.776  1.00 65.06  ? 340 GLU B CD  1 
ATOM   445  O OE1 . GLU B 2 18 ? -4.715  -11.833 -7.058  1.00 64.83  ? 340 GLU B OE1 1 
ATOM   446  O OE2 . GLU B 2 18 ? -3.858  -10.627 -8.706  1.00 65.56  ? 340 GLU B OE2 1 
ATOM   447  N N   . VAL B 2 19 ? -4.086  -10.562 -4.187  1.00 57.06  ? 341 VAL B N   1 
ATOM   448  C CA  . VAL B 2 19 ? -5.212  -9.644  -4.147  1.00 56.69  ? 341 VAL B CA  1 
ATOM   449  C C   . VAL B 2 19 ? -4.849  -8.342  -3.447  1.00 55.63  ? 341 VAL B C   1 
ATOM   450  O O   . VAL B 2 19 ? -5.293  -7.271  -3.866  1.00 55.23  ? 341 VAL B O   1 
ATOM   451  C CB  . VAL B 2 19 ? -6.440  -10.262 -3.450  1.00 57.29  ? 341 VAL B CB  1 
ATOM   452  C CG1 . VAL B 2 19 ? -7.571  -9.234  -3.413  1.00 58.04  ? 341 VAL B CG1 1 
ATOM   453  C CG2 . VAL B 2 19 ? -6.888  -11.511 -4.195  1.00 54.51  ? 341 VAL B CG2 1 
ATOM   454  N N   . GLN B 2 20 ? -4.054  -8.426  -2.382  1.00 53.69  ? 342 GLN B N   1 
ATOM   455  C CA  . GLN B 2 20 ? -3.639  -7.219  -1.680  1.00 51.76  ? 342 GLN B CA  1 
ATOM   456  C C   . GLN B 2 20 ? -2.643  -6.478  -2.577  1.00 50.57  ? 342 GLN B C   1 
ATOM   457  O O   . GLN B 2 20 ? -2.531  -5.253  -2.529  1.00 49.57  ? 342 GLN B O   1 
ATOM   458  C CB  . GLN B 2 20 ? -3.004  -7.550  -0.325  1.00 51.90  ? 342 GLN B CB  1 
ATOM   459  C CG  . GLN B 2 20 ? -3.977  -8.082  0.749   1.00 54.28  ? 342 GLN B CG  1 
ATOM   460  C CD  . GLN B 2 20 ? -5.227  -7.210  0.929   1.00 58.87  ? 342 GLN B CD  1 
ATOM   461  O OE1 . GLN B 2 20 ? -6.348  -7.647  0.653   1.00 59.01  ? 342 GLN B OE1 1 
ATOM   462  N NE2 . GLN B 2 20 ? -5.037  -5.974  1.391   1.00 60.90  ? 342 GLN B NE2 1 
ATOM   463  N N   . LEU B 2 21 ? -1.927  -7.221  -3.412  1.00 49.49  ? 343 LEU B N   1 
ATOM   464  C CA  . LEU B 2 21 ? -0.977  -6.591  -4.318  1.00 49.45  ? 343 LEU B CA  1 
ATOM   465  C C   . LEU B 2 21 ? -1.746  -5.792  -5.356  1.00 48.79  ? 343 LEU B C   1 
ATOM   466  O O   . LEU B 2 21 ? -1.482  -4.614  -5.574  1.00 47.00  ? 343 LEU B O   1 
ATOM   467  C CB  . LEU B 2 21 ? -0.109  -7.643  -5.011  1.00 49.82  ? 343 LEU B CB  1 
ATOM   468  C CG  . LEU B 2 21 ? 1.267   -7.869  -4.382  1.00 49.75  ? 343 LEU B CG  1 
ATOM   469  C CD1 . LEU B 2 21 ? 2.022   -8.978  -5.121  1.00 49.33  ? 343 LEU B CD1 1 
ATOM   470  C CD2 . LEU B 2 21 ? 2.039   -6.559  -4.442  1.00 49.20  ? 343 LEU B CD2 1 
ATOM   471  N N   . GLN B 2 22 ? -2.711  -6.444  -5.992  1.00 50.48  ? 344 GLN B N   1 
ATOM   472  C CA  . GLN B 2 22 ? -3.530  -5.791  -6.998  1.00 50.51  ? 344 GLN B CA  1 
ATOM   473  C C   . GLN B 2 22 ? -4.288  -4.623  -6.364  1.00 49.34  ? 344 GLN B C   1 
ATOM   474  O O   . GLN B 2 22 ? -4.359  -3.529  -6.929  1.00 47.05  ? 344 GLN B O   1 
ATOM   475  C CB  . GLN B 2 22 ? -4.511  -6.794  -7.591  1.00 53.11  ? 344 GLN B CB  1 
ATOM   476  C CG  . GLN B 2 22 ? -5.273  -6.229  -8.751  1.00 57.10  ? 344 GLN B CG  1 
ATOM   477  C CD  . GLN B 2 22 ? -4.366  -5.829  -9.899  1.00 59.64  ? 344 GLN B CD  1 
ATOM   478  O OE1 . GLN B 2 22 ? -4.709  -4.948  -10.690 1.00 63.95  ? 344 GLN B OE1 1 
ATOM   479  N NE2 . GLN B 2 22 ? -3.211  -6.481  -10.005 1.00 58.83  ? 344 GLN B NE2 1 
ATOM   480  N N   . GLN B 2 23 ? -4.846  -4.866  -5.182  1.00 49.71  ? 345 GLN B N   1 
ATOM   481  C CA  . GLN B 2 23 ? -5.592  -3.855  -4.432  1.00 51.58  ? 345 GLN B CA  1 
ATOM   482  C C   . GLN B 2 23 ? -4.742  -2.597  -4.304  1.00 52.07  ? 345 GLN B C   1 
ATOM   483  O O   . GLN B 2 23 ? -5.085  -1.539  -4.831  1.00 53.34  ? 345 GLN B O   1 
ATOM   484  C CB  . GLN B 2 23 ? -5.903  -4.382  -3.030  1.00 54.82  ? 345 GLN B CB  1 
ATOM   485  C CG  . GLN B 2 23 ? -6.947  -3.599  -2.261  1.00 59.34  ? 345 GLN B CG  1 
ATOM   486  C CD  . GLN B 2 23 ? -8.343  -3.881  -2.775  1.00 65.02  ? 345 GLN B CD  1 
ATOM   487  O OE1 . GLN B 2 23 ? -8.667  -3.588  -3.935  1.00 66.90  ? 345 GLN B OE1 1 
ATOM   488  N NE2 . GLN B 2 23 ? -9.177  -4.468  -1.924  1.00 65.99  ? 345 GLN B NE2 1 
ATOM   489  N N   . TYR B 2 24 ? -3.633  -2.732  -3.581  1.00 52.59  ? 346 TYR B N   1 
ATOM   490  C CA  . TYR B 2 24 ? -2.691  -1.646  -3.352  1.00 51.99  ? 346 TYR B CA  1 
ATOM   491  C C   . TYR B 2 24 ? -2.292  -0.991  -4.673  1.00 52.11  ? 346 TYR B C   1 
ATOM   492  O O   . TYR B 2 24 ? -2.298  0.227   -4.798  1.00 52.17  ? 346 TYR B O   1 
ATOM   493  C CB  . TYR B 2 24 ? -1.441  -2.193  -2.666  1.00 51.02  ? 346 TYR B CB  1 
ATOM   494  C CG  . TYR B 2 24 ? -0.482  -1.136  -2.183  1.00 50.12  ? 346 TYR B CG  1 
ATOM   495  C CD1 . TYR B 2 24 ? -0.708  -0.462  -0.987  1.00 50.53  ? 346 TYR B CD1 1 
ATOM   496  C CD2 . TYR B 2 24 ? 0.665   -0.822  -2.912  1.00 51.00  ? 346 TYR B CD2 1 
ATOM   497  C CE1 . TYR B 2 24 ? 0.186   0.498   -0.518  1.00 52.33  ? 346 TYR B CE1 1 
ATOM   498  C CE2 . TYR B 2 24 ? 1.572   0.139   -2.456  1.00 51.36  ? 346 TYR B CE2 1 
ATOM   499  C CZ  . TYR B 2 24 ? 1.329   0.795   -1.257  1.00 53.43  ? 346 TYR B CZ  1 
ATOM   500  O OH  . TYR B 2 24 ? 2.230   1.732   -0.780  1.00 54.40  ? 346 TYR B OH  1 
ATOM   501  N N   . ARG B 2 25 ? -1.944  -1.811  -5.656  1.00 52.55  ? 347 ARG B N   1 
ATOM   502  C CA  . ARG B 2 25 ? -1.536  -1.309  -6.960  1.00 55.39  ? 347 ARG B CA  1 
ATOM   503  C C   . ARG B 2 25 ? -2.550  -0.351  -7.571  1.00 57.09  ? 347 ARG B C   1 
ATOM   504  O O   . ARG B 2 25 ? -2.198  0.753   -7.989  1.00 56.04  ? 347 ARG B O   1 
ATOM   505  C CB  . ARG B 2 25 ? -1.302  -2.473  -7.919  1.00 56.52  ? 347 ARG B CB  1 
ATOM   506  C CG  . ARG B 2 25 ? -0.959  -2.037  -9.323  1.00 59.79  ? 347 ARG B CG  1 
ATOM   507  C CD  . ARG B 2 25 ? -0.780  -3.250  -10.206 1.00 65.90  ? 347 ARG B CD  1 
ATOM   508  N NE  . ARG B 2 25 ? -0.293  -2.925  -11.544 1.00 68.15  ? 347 ARG B NE  1 
ATOM   509  C CZ  . ARG B 2 25 ? 0.235   -3.823  -12.374 1.00 71.10  ? 347 ARG B CZ  1 
ATOM   510  N NH1 . ARG B 2 25 ? 0.340   -5.091  -11.996 1.00 71.77  ? 347 ARG B NH1 1 
ATOM   511  N NH2 . ARG B 2 25 ? 0.660   -3.458  -13.578 1.00 71.99  ? 347 ARG B NH2 1 
ATOM   512  N N   . GLN B 2 26 ? -3.807  -0.783  -7.634  1.00 59.40  ? 348 GLN B N   1 
ATOM   513  C CA  . GLN B 2 26 ? -4.871  0.039   -8.202  1.00 61.56  ? 348 GLN B CA  1 
ATOM   514  C C   . GLN B 2 26 ? -4.994  1.363   -7.469  1.00 61.65  ? 348 GLN B C   1 
ATOM   515  O O   . GLN B 2 26 ? -4.960  2.436   -8.075  1.00 61.89  ? 348 GLN B O   1 
ATOM   516  C CB  . GLN B 2 26 ? -6.204  -0.696  -8.119  1.00 63.20  ? 348 GLN B CB  1 
ATOM   517  C CG  . GLN B 2 26 ? -6.288  -1.910  -9.018  1.00 68.01  ? 348 GLN B CG  1 
ATOM   518  C CD  . GLN B 2 26 ? -7.528  -2.732  -8.749  1.00 68.60  ? 348 GLN B CD  1 
ATOM   519  O OE1 . GLN B 2 26 ? -7.791  -3.723  -9.435  1.00 70.32  ? 348 GLN B OE1 1 
ATOM   520  N NE2 . GLN B 2 26 ? -8.298  -2.328  -7.742  1.00 69.54  ? 348 GLN B NE2 1 
ATOM   521  N N   . GLN B 2 27 ? -5.147  1.267   -6.154  1.00 61.30  ? 349 GLN B N   1 
ATOM   522  C CA  . GLN B 2 27 ? -5.290  2.432   -5.301  1.00 61.12  ? 349 GLN B CA  1 
ATOM   523  C C   . GLN B 2 27 ? -4.169  3.447   -5.501  1.00 61.19  ? 349 GLN B C   1 
ATOM   524  O O   . GLN B 2 27 ? -4.424  4.634   -5.698  1.00 61.31  ? 349 GLN B O   1 
ATOM   525  C CB  . GLN B 2 27 ? -5.319  1.994   -3.838  1.00 61.13  ? 349 GLN B CB  1 
ATOM   526  C CG  . GLN B 2 27 ? -6.472  1.087   -3.476  1.00 62.66  ? 349 GLN B CG  1 
ATOM   527  C CD  . GLN B 2 27 ? -6.418  0.653   -2.023  1.00 65.60  ? 349 GLN B CD  1 
ATOM   528  O OE1 . GLN B 2 27 ? -7.389  0.129   -1.483  1.00 67.90  ? 349 GLN B OE1 1 
ATOM   529  N NE2 . GLN B 2 27 ? -5.273  0.864   -1.381  1.00 65.99  ? 349 GLN B NE2 1 
ATOM   530  N N   . ILE B 2 28 ? -2.930  2.976   -5.438  1.00 60.94  ? 350 ILE B N   1 
ATOM   531  C CA  . ILE B 2 28 ? -1.781  3.850   -5.591  1.00 61.39  ? 350 ILE B CA  1 
ATOM   532  C C   . ILE B 2 28 ? -1.802  4.549   -6.936  1.00 62.62  ? 350 ILE B C   1 
ATOM   533  O O   . ILE B 2 28 ? -1.639  5.764   -7.000  1.00 62.26  ? 350 ILE B O   1 
ATOM   534  C CB  . ILE B 2 28 ? -0.446  3.062   -5.386  1.00 60.90  ? 350 ILE B CB  1 
ATOM   535  C CG1 . ILE B 2 28 ? 0.099   3.334   -3.982  1.00 60.60  ? 350 ILE B CG1 1 
ATOM   536  C CG2 . ILE B 2 28 ? 0.598   3.476   -6.403  1.00 60.82  ? 350 ILE B CG2 1 
ATOM   537  C CD1 . ILE B 2 28 ? -0.907  3.102   -2.869  1.00 61.18  ? 350 ILE B CD1 1 
ATOM   538  N N   . GLU B 2 29 ? -2.013  3.794   -8.006  1.00 64.55  ? 351 GLU B N   1 
ATOM   539  C CA  . GLU B 2 29 ? -2.049  4.389   -9.332  1.00 67.66  ? 351 GLU B CA  1 
ATOM   540  C C   . GLU B 2 29 ? -3.172  5.418   -9.372  1.00 68.69  ? 351 GLU B C   1 
ATOM   541  O O   . GLU B 2 29 ? -3.019  6.502   -9.937  1.00 67.99  ? 351 GLU B O   1 
ATOM   542  C CB  . GLU B 2 29 ? -2.287  3.314   -10.399 1.00 69.62  ? 351 GLU B CB  1 
ATOM   543  C CG  . GLU B 2 29 ? -1.234  2.211   -10.433 1.00 73.99  ? 351 GLU B CG  1 
ATOM   544  C CD  . GLU B 2 29 ? -1.420  1.248   -11.605 1.00 76.65  ? 351 GLU B CD  1 
ATOM   545  O OE1 . GLU B 2 29 ? -2.547  0.733   -11.788 1.00 77.85  ? 351 GLU B OE1 1 
ATOM   546  O OE2 . GLU B 2 29 ? -0.439  1.001   -12.344 1.00 78.94  ? 351 GLU B OE2 1 
ATOM   547  N N   . GLU B 2 30 ? -4.297  5.063   -8.759  1.00 69.91  ? 352 GLU B N   1 
ATOM   548  C CA  . GLU B 2 30 ? -5.471  5.928   -8.696  1.00 72.04  ? 352 GLU B CA  1 
ATOM   549  C C   . GLU B 2 30 ? -5.088  7.253   -8.045  1.00 71.12  ? 352 GLU B C   1 
ATOM   550  O O   . GLU B 2 30 ? -5.306  8.326   -8.609  1.00 71.45  ? 352 GLU B O   1 
ATOM   551  C CB  . GLU B 2 30 ? -6.568  5.250   -7.863  1.00 75.58  ? 352 GLU B CB  1 
ATOM   552  C CG  . GLU B 2 30 ? -7.918  5.956   -7.863  1.00 79.99  ? 352 GLU B CG  1 
ATOM   553  C CD  . GLU B 2 30 ? -8.828  5.477   -8.989  1.00 83.83  ? 352 GLU B CD  1 
ATOM   554  O OE1 . GLU B 2 30 ? -9.132  4.262   -9.030  1.00 85.77  ? 352 GLU B OE1 1 
ATOM   555  O OE2 . GLU B 2 30 ? -9.240  6.311   -9.830  1.00 84.33  ? 352 GLU B OE2 1 
ATOM   556  N N   . LEU B 2 31 ? -4.511  7.163   -6.852  1.00 69.79  ? 353 LEU B N   1 
ATOM   557  C CA  . LEU B 2 31 ? -4.103  8.339   -6.106  1.00 69.49  ? 353 LEU B CA  1 
ATOM   558  C C   . LEU B 2 31 ? -3.003  9.135   -6.806  1.00 70.29  ? 353 LEU B C   1 
ATOM   559  O O   . LEU B 2 31 ? -2.936  10.350  -6.663  1.00 69.04  ? 353 LEU B O   1 
ATOM   560  C CB  . LEU B 2 31 ? -3.660  7.928   -4.695  1.00 67.93  ? 353 LEU B CB  1 
ATOM   561  C CG  . LEU B 2 31 ? -3.301  9.044   -3.706  1.00 67.84  ? 353 LEU B CG  1 
ATOM   562  C CD1 . LEU B 2 31 ? -4.074  10.303  -4.028  1.00 67.07  ? 353 LEU B CD1 1 
ATOM   563  C CD2 . LEU B 2 31 ? -3.609  8.590   -2.287  1.00 67.46  ? 353 LEU B CD2 1 
ATOM   564  N N   . GLU B 2 32 ? -2.146  8.456   -7.564  1.00 72.35  ? 354 GLU B N   1 
ATOM   565  C CA  . GLU B 2 32 ? -1.072  9.133   -8.287  1.00 74.44  ? 354 GLU B CA  1 
ATOM   566  C C   . GLU B 2 32 ? -1.713  10.095  -9.269  1.00 74.26  ? 354 GLU B C   1 
ATOM   567  O O   . GLU B 2 32 ? -1.395  11.278  -9.299  1.00 74.24  ? 354 GLU B O   1 
ATOM   568  C CB  . GLU B 2 32 ? -0.218  8.129   -9.075  1.00 78.11  ? 354 GLU B CB  1 
ATOM   569  C CG  . GLU B 2 32 ? 0.572   7.117   -8.241  1.00 83.36  ? 354 GLU B CG  1 
ATOM   570  C CD  . GLU B 2 32 ? 1.803   7.710   -7.564  1.00 85.86  ? 354 GLU B CD  1 
ATOM   571  O OE1 . GLU B 2 32 ? 1.645   8.579   -6.675  1.00 86.59  ? 354 GLU B OE1 1 
ATOM   572  O OE2 . GLU B 2 32 ? 2.931   7.303   -7.928  1.00 87.23  ? 354 GLU B OE2 1 
ATOM   573  N N   . ASN B 2 33 ? -2.628  9.566   -10.071 1.00 74.99  ? 355 ASN B N   1 
ATOM   574  C CA  . ASN B 2 33 ? -3.333  10.349  -11.074 1.00 75.39  ? 355 ASN B CA  1 
ATOM   575  C C   . ASN B 2 33 ? -4.065  11.562  -10.510 1.00 75.41  ? 355 ASN B C   1 
ATOM   576  O O   . ASN B 2 33 ? -4.072  12.624  -11.131 1.00 75.67  ? 355 ASN B O   1 
ATOM   577  C CB  . ASN B 2 33 ? -4.335  9.470   -11.815 1.00 76.03  ? 355 ASN B CB  1 
ATOM   578  C CG  . ASN B 2 33 ? -5.177  10.257  -12.793 1.00 77.12  ? 355 ASN B CG  1 
ATOM   579  O OD1 . ASN B 2 33 ? -4.667  10.790  -13.785 1.00 76.96  ? 355 ASN B OD1 1 
ATOM   580  N ND2 . ASN B 2 33 ? -6.474  10.347  -12.516 1.00 77.29  ? 355 ASN B ND2 1 
ATOM   581  N N   . HIS B 2 34 ? -4.690  11.404  -9.346  1.00 75.78  ? 356 HIS B N   1 
ATOM   582  C CA  . HIS B 2 34 ? -5.422  12.507  -8.732  1.00 76.73  ? 356 HIS B CA  1 
ATOM   583  C C   . HIS B 2 34 ? -4.500  13.630  -8.274  1.00 76.83  ? 356 HIS B C   1 
ATOM   584  O O   . HIS B 2 34 ? -4.902  14.792  -8.222  1.00 76.42  ? 356 HIS B O   1 
ATOM   585  C CB  . HIS B 2 34 ? -6.251  12.017  -7.541  1.00 77.75  ? 356 HIS B CB  1 
ATOM   586  C CG  . HIS B 2 34 ? -7.350  11.075  -7.915  1.00 80.24  ? 356 HIS B CG  1 
ATOM   587  N ND1 . HIS B 2 34 ? -7.993  11.125  -9.136  1.00 80.67  ? 356 HIS B ND1 1 
ATOM   588  C CD2 . HIS B 2 34 ? -7.939  10.068  -7.224  1.00 81.22  ? 356 HIS B CD2 1 
ATOM   589  C CE1 . HIS B 2 34 ? -8.925  10.191  -9.181  1.00 81.21  ? 356 HIS B CE1 1 
ATOM   590  N NE2 . HIS B 2 34 ? -8.913  9.535   -8.033  1.00 82.05  ? 356 HIS B NE2 1 
ATOM   591  N N   . LEU B 2 35 ? -3.261  13.283  -7.949  1.00 76.81  ? 357 LEU B N   1 
ATOM   592  C CA  . LEU B 2 35 ? -2.300  14.273  -7.502  1.00 77.34  ? 357 LEU B CA  1 
ATOM   593  C C   . LEU B 2 35 ? -1.298  14.600  -8.596  1.00 79.54  ? 357 LEU B C   1 
ATOM   594  O O   . LEU B 2 35 ? -0.362  15.370  -8.380  1.00 81.06  ? 357 LEU B O   1 
ATOM   595  C CB  . LEU B 2 35 ? -1.572  13.774  -6.250  1.00 75.08  ? 357 LEU B CB  1 
ATOM   596  C CG  . LEU B 2 35 ? -2.481  13.480  -5.053  1.00 74.73  ? 357 LEU B CG  1 
ATOM   597  C CD1 . LEU B 2 35 ? -1.645  13.238  -3.807  1.00 73.68  ? 357 LEU B CD1 1 
ATOM   598  C CD2 . LEU B 2 35 ? -3.424  14.654  -4.825  1.00 75.42  ? 357 LEU B CD2 1 
ATOM   599  N N   . ALA B 2 36 ? -1.501  14.021  -9.775  1.00 81.79  ? 358 ALA B N   1 
ATOM   600  C CA  . ALA B 2 36 ? -0.605  14.247  -10.907 1.00 84.05  ? 358 ALA B CA  1 
ATOM   601  C C   . ALA B 2 36 ? -0.579  15.714  -11.330 1.00 86.29  ? 358 ALA B C   1 
ATOM   602  O O   . ALA B 2 36 ? 0.462   16.239  -11.736 1.00 86.59  ? 358 ALA B O   1 
ATOM   603  C CB  . ALA B 2 36 ? -1.021  13.375  -12.081 1.00 83.61  ? 358 ALA B CB  1 
ATOM   604  N N   . THR B 2 37 ? -1.729  16.374  -11.239 1.00 88.55  ? 359 THR B N   1 
ATOM   605  C CA  . THR B 2 37 ? -1.830  17.779  -11.614 1.00 90.79  ? 359 THR B CA  1 
ATOM   606  C C   . THR B 2 37 ? -2.958  18.452  -10.850 1.00 92.15  ? 359 THR B C   1 
ATOM   607  O O   . THR B 2 37 ? -3.764  17.786  -10.199 1.00 91.51  ? 359 THR B O   1 
ATOM   608  C CB  . THR B 2 37 ? -2.110  17.948  -13.127 1.00 90.74  ? 359 THR B CB  1 
ATOM   609  O OG1 . THR B 2 37 ? -3.325  17.271  -13.467 1.00 90.25  ? 359 THR B OG1 1 
ATOM   610  C CG2 . THR B 2 37 ? -0.968  17.376  -13.958 1.00 91.86  ? 359 THR B CG2 1 
ATOM   611  N N   . GLN B 2 38 ? -3.005  19.778  -10.929 1.00 94.40  ? 360 GLN B N   1 
ATOM   612  C CA  . GLN B 2 38 ? -4.050  20.542  -10.261 1.00 96.81  ? 360 GLN B CA  1 
ATOM   613  C C   . GLN B 2 38 ? -5.331  20.437  -11.082 1.00 97.99  ? 360 GLN B C   1 
ATOM   614  O O   . GLN B 2 38 ? -6.430  20.616  -10.558 1.00 98.24  ? 360 GLN B O   1 
ATOM   615  C CB  . GLN B 2 38 ? -3.642  22.006  -10.136 1.00 97.41  ? 360 GLN B CB  1 
ATOM   616  C CG  . GLN B 2 38 ? -2.398  22.233  -9.313  1.00 99.02  ? 360 GLN B CG  1 
ATOM   617  C CD  . GLN B 2 38 ? -1.991  23.690  -9.291  1.00 100.24 ? 360 GLN B CD  1 
ATOM   618  O OE1 . GLN B 2 38 ? -1.780  24.300  -10.339 1.00 100.56 ? 360 GLN B OE1 1 
ATOM   619  N NE2 . GLN B 2 38 ? -1.876  24.258  -8.095  1.00 100.82 ? 360 GLN B NE2 1 
ATOM   620  N N   . ALA B 2 39 ? -5.178  20.149  -12.373 1.00 99.01  ? 361 ALA B N   1 
ATOM   621  C CA  . ALA B 2 39 ? -6.317  20.008  -13.274 1.00 99.71  ? 361 ALA B CA  1 
ATOM   622  C C   . ALA B 2 39 ? -7.142  18.780  -12.885 1.00 100.31 ? 361 ALA B C   1 
ATOM   623  O O   . ALA B 2 39 ? -8.375  18.806  -12.922 1.00 100.70 ? 361 ALA B O   1 
ATOM   624  C CB  . ALA B 2 39 ? -5.831  19.880  -14.716 1.00 98.97  ? 361 ALA B CB  1 
ATOM   625  N N   . ASN B 2 40 ? -6.452  17.709  -12.504 1.00 100.30 ? 362 ASN B N   1 
ATOM   626  C CA  . ASN B 2 40 ? -7.111  16.471  -12.109 1.00 100.12 ? 362 ASN B CA  1 
ATOM   627  C C   . ASN B 2 40 ? -7.493  16.540  -10.641 1.00 99.29  ? 362 ASN B C   1 
ATOM   628  O O   . ASN B 2 40 ? -8.440  15.887  -10.199 1.00 98.65  ? 362 ASN B O   1 
ATOM   629  C CB  . ASN B 2 40 ? -6.176  15.282  -12.327 1.00 101.07 ? 362 ASN B CB  1 
ATOM   630  C CG  . ASN B 2 40 ? -5.454  15.346  -13.657 1.00 102.26 ? 362 ASN B CG  1 
ATOM   631  O OD1 . ASN B 2 40 ? -6.039  15.718  -14.678 1.00 103.47 ? 362 ASN B OD1 1 
ATOM   632  N ND2 . ASN B 2 40 ? -4.178  14.973  -13.655 1.00 102.33 ? 362 ASN B ND2 1 
ATOM   633  N N   . ASN B 2 41 ? -6.740  17.342  -9.896  1.00 98.57  ? 363 ASN B N   1 
ATOM   634  C CA  . ASN B 2 41 ? -6.953  17.524  -8.464  1.00 98.15  ? 363 ASN B CA  1 
ATOM   635  C C   . ASN B 2 41 ? -8.253  18.294  -8.184  1.00 96.63  ? 363 ASN B C   1 
ATOM   636  O O   . ASN B 2 41 ? -8.844  18.170  -7.107  1.00 96.43  ? 363 ASN B O   1 
ATOM   637  C CB  . ASN B 2 41 ? -5.748  18.271  -7.871  1.00 99.98  ? 363 ASN B CB  1 
ATOM   638  C CG  . ASN B 2 41 ? -5.690  18.202  -6.349  1.00 101.88 ? 363 ASN B CG  1 
ATOM   639  O OD1 . ASN B 2 41 ? -4.766  18.740  -5.730  1.00 102.73 ? 363 ASN B OD1 1 
ATOM   640  N ND2 . ASN B 2 41 ? -6.671  17.536  -5.740  1.00 102.60 ? 363 ASN B ND2 1 
ATOM   641  N N   . SER B 2 42 ? -8.699  19.076  -9.164  1.00 94.42  ? 364 SER B N   1 
ATOM   642  C CA  . SER B 2 42 ? -9.916  19.875  -9.033  1.00 91.49  ? 364 SER B CA  1 
ATOM   643  C C   . SER B 2 42 ? -11.189 19.039  -9.150  1.00 89.13  ? 364 SER B C   1 
ATOM   644  O O   . SER B 2 42 ? -12.274 19.506  -8.811  1.00 88.58  ? 364 SER B O   1 
ATOM   645  C CB  . SER B 2 42 ? -9.937  20.967  -10.100 1.00 91.92  ? 364 SER B CB  1 
ATOM   646  O OG  . SER B 2 42 ? -9.949  20.392  -11.397 1.00 92.03  ? 364 SER B OG  1 
ATOM   647  N N   . HIS B 2 43 ? -11.057 17.812  -9.642  1.00 86.25  ? 365 HIS B N   1 
ATOM   648  C CA  . HIS B 2 43 ? -12.205 16.927  -9.793  1.00 83.38  ? 365 HIS B CA  1 
ATOM   649  C C   . HIS B 2 43 ? -12.383 16.088  -8.533  1.00 80.44  ? 365 HIS B C   1 
ATOM   650  O O   . HIS B 2 43 ? -13.276 15.246  -8.458  1.00 79.30  ? 365 HIS B O   1 
ATOM   651  C CB  . HIS B 2 43 ? -12.009 16.016  -11.005 1.00 84.70  ? 365 HIS B CB  1 
ATOM   652  C CG  . HIS B 2 43 ? -11.724 16.757  -12.275 1.00 87.10  ? 365 HIS B CG  1 
ATOM   653  N ND1 . HIS B 2 43 ? -11.391 16.118  -13.451 1.00 87.73  ? 365 HIS B ND1 1 
ATOM   654  C CD2 . HIS B 2 43 ? -11.712 18.083  -12.552 1.00 87.76  ? 365 HIS B CD2 1 
ATOM   655  C CE1 . HIS B 2 43 ? -11.183 17.019  -14.396 1.00 88.47  ? 365 HIS B CE1 1 
ATOM   656  N NE2 . HIS B 2 43 ? -11.373 18.219  -13.876 1.00 88.37  ? 365 HIS B NE2 1 
ATOM   657  N N   . ILE B 2 44 ? -11.527 16.336  -7.545  1.00 77.56  ? 366 ILE B N   1 
ATOM   658  C CA  . ILE B 2 44 ? -11.559 15.618  -6.276  1.00 74.81  ? 366 ILE B CA  1 
ATOM   659  C C   . ILE B 2 44 ? -11.575 16.624  -5.125  1.00 72.05  ? 366 ILE B C   1 
ATOM   660  O O   . ILE B 2 44 ? -11.293 17.799  -5.317  1.00 70.65  ? 366 ILE B O   1 
ATOM   661  C CB  . ILE B 2 44 ? -10.310 14.707  -6.126  1.00 76.28  ? 366 ILE B CB  1 
ATOM   662  C CG1 . ILE B 2 44 ? -10.597 13.572  -5.149  1.00 76.20  ? 366 ILE B CG1 1 
ATOM   663  C CG2 . ILE B 2 44 ? -9.123  15.509  -5.606  1.00 76.64  ? 366 ILE B CG2 1 
ATOM   664  C CD1 . ILE B 2 44 ? -11.527 12.527  -5.702  1.00 76.19  ? 366 ILE B CD1 1 
ATOM   665  N N   . THR B 2 45 ? -11.904 16.160  -3.931  1.00 70.57  ? 367 THR B N   1 
ATOM   666  C CA  . THR B 2 45 ? -11.928 17.037  -2.771  1.00 70.12  ? 367 THR B CA  1 
ATOM   667  C C   . THR B 2 45 ? -10.899 16.580  -1.736  1.00 70.36  ? 367 THR B C   1 
ATOM   668  O O   . THR B 2 45 ? -10.392 15.461  -1.791  1.00 69.94  ? 367 THR B O   1 
ATOM   669  C CB  . THR B 2 45 ? -13.332 17.071  -2.102  1.00 70.58  ? 367 THR B CB  1 
ATOM   670  O OG1 . THR B 2 45 ? -13.595 15.829  -1.439  1.00 67.79  ? 367 THR B OG1 1 
ATOM   671  C CG2 . THR B 2 45 ? -14.407 17.317  -3.148  1.00 71.88  ? 367 THR B CG2 1 
ATOM   672  N N   . PRO B 2 46 ? -10.564 17.458  -0.783  1.00 70.13  ? 368 PRO B N   1 
ATOM   673  C CA  . PRO B 2 46 ? -9.589  17.101  0.249   1.00 68.93  ? 368 PRO B CA  1 
ATOM   674  C C   . PRO B 2 46 ? -10.155 16.050  1.207   1.00 66.62  ? 368 PRO B C   1 
ATOM   675  O O   . PRO B 2 46 ? -9.463  15.566  2.105   1.00 66.33  ? 368 PRO B O   1 
ATOM   676  C CB  . PRO B 2 46 ? -9.318  18.439  0.936   1.00 69.74  ? 368 PRO B CB  1 
ATOM   677  C CG  . PRO B 2 46 ? -10.657 19.131  0.830   1.00 70.72  ? 368 PRO B CG  1 
ATOM   678  C CD  . PRO B 2 46 ? -11.032 18.846  -0.608  1.00 71.10  ? 368 PRO B CD  1 
ATOM   679  N N   . GLN B 2 47 ? -11.419 15.699  1.014   1.00 63.77  ? 369 GLN B N   1 
ATOM   680  C CA  . GLN B 2 47 ? -12.035 14.709  1.869   1.00 62.01  ? 369 GLN B CA  1 
ATOM   681  C C   . GLN B 2 47 ? -12.049 13.369  1.137   1.00 60.42  ? 369 GLN B C   1 
ATOM   682  O O   . GLN B 2 47 ? -12.332 12.322  1.727   1.00 57.27  ? 369 GLN B O   1 
ATOM   683  C CB  . GLN B 2 47 ? -13.447 15.153  2.253   1.00 63.76  ? 369 GLN B CB  1 
ATOM   684  C CG  . GLN B 2 47 ? -13.921 14.602  3.590   1.00 68.45  ? 369 GLN B CG  1 
ATOM   685  C CD  . GLN B 2 47 ? -12.934 14.877  4.730   1.00 71.77  ? 369 GLN B CD  1 
ATOM   686  O OE1 . GLN B 2 47 ? -13.118 14.401  5.858   1.00 72.62  ? 369 GLN B OE1 1 
ATOM   687  N NE2 . GLN B 2 47 ? -11.885 15.646  4.440   1.00 72.62  ? 369 GLN B NE2 1 
ATOM   688  N N   . ASP B 2 48 ? -11.730 13.412  -0.153  1.00 59.00  ? 370 ASP B N   1 
ATOM   689  C CA  . ASP B 2 48 ? -11.674 12.200  -0.955  1.00 60.89  ? 370 ASP B CA  1 
ATOM   690  C C   . ASP B 2 48 ? -10.286 11.629  -0.757  1.00 62.01  ? 370 ASP B C   1 
ATOM   691  O O   . ASP B 2 48 ? -10.122 10.426  -0.514  1.00 61.57  ? 370 ASP B O   1 
ATOM   692  C CB  . ASP B 2 48 ? -11.896 12.492  -2.443  1.00 62.22  ? 370 ASP B CB  1 
ATOM   693  C CG  . ASP B 2 48 ? -13.334 12.892  -2.764  1.00 65.09  ? 370 ASP B CG  1 
ATOM   694  O OD1 . ASP B 2 48 ? -14.270 12.398  -2.088  1.00 64.36  ? 370 ASP B OD1 1 
ATOM   695  O OD2 . ASP B 2 48 ? -13.528 13.691  -3.709  1.00 66.49  ? 370 ASP B OD2 1 
ATOM   696  N N   . LEU B 2 49 ? -9.287  12.506  -0.873  1.00 62.44  ? 371 LEU B N   1 
ATOM   697  C CA  . LEU B 2 49 ? -7.900  12.121  -0.674  1.00 61.06  ? 371 LEU B CA  1 
ATOM   698  C C   . LEU B 2 49 ? -7.830  11.532  0.723   1.00 60.23  ? 371 LEU B C   1 
ATOM   699  O O   . LEU B 2 49 ? -7.253  10.474  0.931   1.00 60.15  ? 371 LEU B O   1 
ATOM   700  C CB  . LEU B 2 49 ? -6.990  13.340  -0.758  1.00 61.60  ? 371 LEU B CB  1 
ATOM   701  C CG  . LEU B 2 49 ? -6.868  14.035  -2.112  1.00 62.50  ? 371 LEU B CG  1 
ATOM   702  C CD1 . LEU B 2 49 ? -6.067  15.323  -1.940  1.00 62.97  ? 371 LEU B CD1 1 
ATOM   703  C CD2 . LEU B 2 49 ? -6.192  13.119  -3.111  1.00 60.66  ? 371 LEU B CD2 1 
ATOM   704  N N   . SER B 2 50 ? -8.437  12.216  1.682   1.00 59.32  ? 372 SER B N   1 
ATOM   705  C CA  . SER B 2 50 ? -8.431  11.716  3.046   1.00 60.69  ? 372 SER B CA  1 
ATOM   706  C C   . SER B 2 50 ? -8.990  10.297  3.093   1.00 61.51  ? 372 SER B C   1 
ATOM   707  O O   . SER B 2 50 ? -8.525  9.462   3.870   1.00 60.06  ? 372 SER B O   1 
ATOM   708  C CB  . SER B 2 50 ? -9.254  12.626  3.952   1.00 61.04  ? 372 SER B CB  1 
ATOM   709  O OG  . SER B 2 50 ? -9.466  12.010  5.210   1.00 62.56  ? 372 SER B OG  1 
ATOM   710  N N   . MET B 2 51 ? -9.992  10.032  2.259   1.00 62.17  ? 373 MET B N   1 
ATOM   711  C CA  . MET B 2 51 ? -10.606 8.708   2.193   1.00 63.26  ? 373 MET B CA  1 
ATOM   712  C C   . MET B 2 51 ? -9.611  7.712   1.606   1.00 62.81  ? 373 MET B C   1 
ATOM   713  O O   . MET B 2 51 ? -9.373  6.647   2.177   1.00 62.12  ? 373 MET B O   1 
ATOM   714  C CB  . MET B 2 51 ? -11.851 8.737   1.307   1.00 65.50  ? 373 MET B CB  1 
ATOM   715  C CG  . MET B 2 51 ? -13.129 8.286   1.994   1.00 68.90  ? 373 MET B CG  1 
ATOM   716  S SD  . MET B 2 51 ? -13.048 6.624   2.672   1.00 71.10  ? 373 MET B SD  1 
ATOM   717  C CE  . MET B 2 51 ? -12.954 6.992   4.453   1.00 71.53  ? 373 MET B CE  1 
ATOM   718  N N   . ALA B 2 52 ? -9.043  8.072   0.458   1.00 61.38  ? 374 ALA B N   1 
ATOM   719  C CA  . ALA B 2 52 ? -8.074  7.236   -0.230  1.00 61.78  ? 374 ALA B CA  1 
ATOM   720  C C   . ALA B 2 52 ? -6.852  6.931   0.650   1.00 63.15  ? 374 ALA B C   1 
ATOM   721  O O   . ALA B 2 52 ? -6.412  5.783   0.731   1.00 63.04  ? 374 ALA B O   1 
ATOM   722  C CB  . ALA B 2 52 ? -7.640  7.917   -1.539  1.00 59.69  ? 374 ALA B CB  1 
ATOM   723  N N   . MET B 2 53 ? -6.308  7.958   1.303   1.00 64.46  ? 375 MET B N   1 
ATOM   724  C CA  . MET B 2 53 ? -5.147  7.784   2.172   1.00 67.20  ? 375 MET B CA  1 
ATOM   725  C C   . MET B 2 53 ? -5.425  6.690   3.196   1.00 69.31  ? 375 MET B C   1 
ATOM   726  O O   . MET B 2 53 ? -4.509  5.990   3.633   1.00 69.70  ? 375 MET B O   1 
ATOM   727  C CB  . MET B 2 53 ? -4.809  9.083   2.916   1.00 68.25  ? 375 MET B CB  1 
ATOM   728  C CG  . MET B 2 53 ? -4.378  10.245  2.038   1.00 69.67  ? 375 MET B CG  1 
ATOM   729  S SD  . MET B 2 53 ? -2.987  9.834   0.985   1.00 73.34  ? 375 MET B SD  1 
ATOM   730  C CE  . MET B 2 53 ? -1.662  9.702   2.212   1.00 72.09  ? 375 MET B CE  1 
ATOM   731  N N   . GLN B 2 54 ? -6.686  6.558   3.600   1.00 70.43  ? 376 GLN B N   1 
ATOM   732  C CA  . GLN B 2 54 ? -7.046  5.528   4.558   1.00 72.91  ? 376 GLN B CA  1 
ATOM   733  C C   . GLN B 2 54 ? -7.097  4.190   3.838   1.00 71.48  ? 376 GLN B C   1 
ATOM   734  O O   . GLN B 2 54 ? -6.432  3.235   4.234   1.00 72.15  ? 376 GLN B O   1 
ATOM   735  C CB  . GLN B 2 54 ? -8.400  5.832   5.201   1.00 76.83  ? 376 GLN B CB  1 
ATOM   736  C CG  . GLN B 2 54 ? -8.350  6.933   6.247   1.00 84.04  ? 376 GLN B CG  1 
ATOM   737  C CD  . GLN B 2 54 ? -7.337  6.646   7.352   1.00 87.60  ? 376 GLN B CD  1 
ATOM   738  O OE1 . GLN B 2 54 ? -7.350  5.570   7.957   1.00 89.58  ? 376 GLN B OE1 1 
ATOM   739  N NE2 . GLN B 2 54 ? -6.458  7.612   7.624   1.00 89.15  ? 376 GLN B NE2 1 
ATOM   740  N N   . LYS B 2 55 ? -7.882  4.125   2.769   1.00 70.13  ? 377 LYS B N   1 
ATOM   741  C CA  . LYS B 2 55 ? -8.008  2.892   2.004   1.00 68.98  ? 377 LYS B CA  1 
ATOM   742  C C   . LYS B 2 55 ? -6.615  2.340   1.705   1.00 67.11  ? 377 LYS B C   1 
ATOM   743  O O   . LYS B 2 55 ? -6.354  1.156   1.891   1.00 66.95  ? 377 LYS B O   1 
ATOM   744  C CB  . LYS B 2 55 ? -8.754  3.147   0.688   1.00 69.80  ? 377 LYS B CB  1 
ATOM   745  C CG  . LYS B 2 55 ? -10.178 3.662   0.838   1.00 69.93  ? 377 LYS B CG  1 
ATOM   746  C CD  . LYS B 2 55 ? -11.113 2.632   1.443   1.00 71.95  ? 377 LYS B CD  1 
ATOM   747  C CE  . LYS B 2 55 ? -12.550 3.156   1.454   1.00 72.86  ? 377 LYS B CE  1 
ATOM   748  N NZ  . LYS B 2 55 ? -13.563 2.137   1.865   1.00 73.06  ? 377 LYS B NZ  1 
ATOM   749  N N   . ILE B 2 56 ? -5.723  3.214   1.254   1.00 64.91  ? 378 ILE B N   1 
ATOM   750  C CA  . ILE B 2 56 ? -4.361  2.822   0.922   1.00 63.22  ? 378 ILE B CA  1 
ATOM   751  C C   . ILE B 2 56 ? -3.541  2.334   2.112   1.00 61.75  ? 378 ILE B C   1 
ATOM   752  O O   . ILE B 2 56 ? -2.852  1.330   2.015   1.00 61.58  ? 378 ILE B O   1 
ATOM   753  C CB  . ILE B 2 56 ? -3.612  3.977   0.239   1.00 62.54  ? 378 ILE B CB  1 
ATOM   754  C CG1 . ILE B 2 56 ? -4.258  4.260   -1.116  1.00 63.62  ? 378 ILE B CG1 1 
ATOM   755  C CG2 . ILE B 2 56 ? -2.148  3.625   0.069   1.00 60.98  ? 378 ILE B CG2 1 
ATOM   756  C CD1 . ILE B 2 56 ? -3.657  5.433   -1.871  1.00 64.66  ? 378 ILE B CD1 1 
ATOM   757  N N   . TYR B 2 57 ? -3.610  3.037   3.232   1.00 61.19  ? 379 TYR B N   1 
ATOM   758  C CA  . TYR B 2 57 ? -2.848  2.638   4.404   1.00 61.51  ? 379 TYR B CA  1 
ATOM   759  C C   . TYR B 2 57 ? -3.344  1.300   4.962   1.00 62.32  ? 379 TYR B C   1 
ATOM   760  O O   . TYR B 2 57 ? -2.574  0.541   5.567   1.00 62.65  ? 379 TYR B O   1 
ATOM   761  C CB  . TYR B 2 57 ? -2.942  3.713   5.479   1.00 60.60  ? 379 TYR B CB  1 
ATOM   762  C CG  . TYR B 2 57 ? -2.071  3.438   6.673   1.00 59.40  ? 379 TYR B CG  1 
ATOM   763  C CD1 . TYR B 2 57 ? -0.698  3.649   6.623   1.00 59.07  ? 379 TYR B CD1 1 
ATOM   764  C CD2 . TYR B 2 57 ? -2.622  2.958   7.858   1.00 60.79  ? 379 TYR B CD2 1 
ATOM   765  C CE1 . TYR B 2 57 ? 0.113   3.395   7.733   1.00 59.82  ? 379 TYR B CE1 1 
ATOM   766  C CE2 . TYR B 2 57 ? -1.825  2.696   8.971   1.00 60.86  ? 379 TYR B CE2 1 
ATOM   767  C CZ  . TYR B 2 57 ? -0.461  2.917   8.903   1.00 59.93  ? 379 TYR B CZ  1 
ATOM   768  O OH  . TYR B 2 57 ? 0.315   2.670   10.012  1.00 61.06  ? 379 TYR B OH  1 
ATOM   769  N N   . GLN B 2 58 ? -4.628  1.018   4.762   1.00 61.25  ? 380 GLN B N   1 
ATOM   770  C CA  . GLN B 2 58 ? -5.209  -0.234  5.231   1.00 62.23  ? 380 GLN B CA  1 
ATOM   771  C C   . GLN B 2 58 ? -4.661  -1.418  4.424   1.00 60.82  ? 380 GLN B C   1 
ATOM   772  O O   . GLN B 2 58 ? -4.356  -2.474  4.987   1.00 60.04  ? 380 GLN B O   1 
ATOM   773  C CB  . GLN B 2 58 ? -6.739  -0.164  5.140   1.00 64.39  ? 380 GLN B CB  1 
ATOM   774  C CG  . GLN B 2 58 ? -7.381  0.473   6.379   1.00 70.25  ? 380 GLN B CG  1 
ATOM   775  C CD  . GLN B 2 58 ? -8.753  1.089   6.108   1.00 72.81  ? 380 GLN B CD  1 
ATOM   776  O OE1 . GLN B 2 58 ? -9.629  0.452   5.510   1.00 75.07  ? 380 GLN B OE1 1 
ATOM   777  N NE2 . GLN B 2 58 ? -8.945  2.333   6.555   1.00 72.27  ? 380 GLN B NE2 1 
ATOM   778  N N   . THR B 2 59 ? -4.534  -1.231  3.110   1.00 58.09  ? 381 THR B N   1 
ATOM   779  C CA  . THR B 2 59 ? -3.998  -2.260  2.229   1.00 57.23  ? 381 THR B CA  1 
ATOM   780  C C   . THR B 2 59 ? -2.525  -2.478  2.584   1.00 56.28  ? 381 THR B C   1 
ATOM   781  O O   . THR B 2 59 ? -2.072  -3.620  2.741   1.00 56.69  ? 381 THR B O   1 
ATOM   782  C CB  . THR B 2 59 ? -4.077  -1.837  0.754   1.00 57.01  ? 381 THR B CB  1 
ATOM   783  O OG1 . THR B 2 59 ? -5.430  -1.525  0.419   1.00 59.89  ? 381 THR B OG1 1 
ATOM   784  C CG2 . THR B 2 59 ? -3.593  -2.957  -0.149  1.00 56.91  ? 381 THR B CG2 1 
ATOM   785  N N   . PHE B 2 60 ? -1.791  -1.373  2.706   1.00 53.45  ? 382 PHE B N   1 
ATOM   786  C CA  . PHE B 2 60 ? -0.380  -1.403  3.056   1.00 51.91  ? 382 PHE B CA  1 
ATOM   787  C C   . PHE B 2 60 ? -0.202  -2.280  4.278   1.00 51.20  ? 382 PHE B C   1 
ATOM   788  O O   . PHE B 2 60 ? 0.614   -3.198  4.278   1.00 50.24  ? 382 PHE B O   1 
ATOM   789  C CB  . PHE B 2 60 ? 0.118   0.009   3.362   1.00 52.05  ? 382 PHE B CB  1 
ATOM   790  C CG  . PHE B 2 60 ? 1.441   0.052   4.085   1.00 51.48  ? 382 PHE B CG  1 
ATOM   791  C CD1 . PHE B 2 60 ? 2.638   -0.104  3.395   1.00 53.47  ? 382 PHE B CD1 1 
ATOM   792  C CD2 . PHE B 2 60 ? 1.485   0.245   5.466   1.00 51.68  ? 382 PHE B CD2 1 
ATOM   793  C CE1 . PHE B 2 60 ? 3.877   -0.067  4.077   1.00 52.93  ? 382 PHE B CE1 1 
ATOM   794  C CE2 . PHE B 2 60 ? 2.701   0.283   6.154   1.00 51.42  ? 382 PHE B CE2 1 
ATOM   795  C CZ  . PHE B 2 60 ? 3.904   0.126   5.457   1.00 52.37  ? 382 PHE B CZ  1 
ATOM   796  N N   . VAL B 2 61 ? -0.976  -2.000  5.318   1.00 50.87  ? 383 VAL B N   1 
ATOM   797  C CA  . VAL B 2 61 ? -0.884  -2.778  6.547   1.00 51.72  ? 383 VAL B CA  1 
ATOM   798  C C   . VAL B 2 61 ? -1.137  -4.272  6.334   1.00 52.35  ? 383 VAL B C   1 
ATOM   799  O O   . VAL B 2 61 ? -0.431  -5.112  6.910   1.00 52.25  ? 383 VAL B O   1 
ATOM   800  C CB  . VAL B 2 61 ? -1.856  -2.242  7.609   1.00 52.66  ? 383 VAL B CB  1 
ATOM   801  C CG1 . VAL B 2 61 ? -1.927  -3.200  8.788   1.00 52.53  ? 383 VAL B CG1 1 
ATOM   802  C CG2 . VAL B 2 61 ? -1.388  -0.874  8.082   1.00 52.69  ? 383 VAL B CG2 1 
ATOM   803  N N   . ALA B 2 62 ? -2.134  -4.601  5.511   1.00 51.02  ? 384 ALA B N   1 
ATOM   804  C CA  . ALA B 2 62 ? -2.461  -5.999  5.229   1.00 50.41  ? 384 ALA B CA  1 
ATOM   805  C C   . ALA B 2 62 ? -1.384  -6.635  4.338   1.00 50.27  ? 384 ALA B C   1 
ATOM   806  O O   . ALA B 2 62 ? -1.040  -7.813  4.495   1.00 50.00  ? 384 ALA B O   1 
ATOM   807  C CB  . ALA B 2 62 ? -3.840  -6.097  4.549   1.00 49.08  ? 384 ALA B CB  1 
ATOM   808  N N   . LEU B 2 63 ? -0.861  -5.847  3.406   1.00 48.52  ? 385 LEU B N   1 
ATOM   809  C CA  . LEU B 2 63 ? 0.172   -6.309  2.483   1.00 47.10  ? 385 LEU B CA  1 
ATOM   810  C C   . LEU B 2 63 ? 1.461   -6.569  3.264   1.00 47.02  ? 385 LEU B C   1 
ATOM   811  O O   . LEU B 2 63 ? 2.138   -7.585  3.078   1.00 46.72  ? 385 LEU B O   1 
ATOM   812  C CB  . LEU B 2 63 ? 0.407   -5.239  1.413   1.00 44.86  ? 385 LEU B CB  1 
ATOM   813  C CG  . LEU B 2 63 ? 1.019   -5.657  0.086   1.00 43.57  ? 385 LEU B CG  1 
ATOM   814  C CD1 . LEU B 2 63 ? 0.280   -6.863  -0.490  1.00 44.10  ? 385 LEU B CD1 1 
ATOM   815  C CD2 . LEU B 2 63 ? 0.941   -4.485  -0.868  1.00 39.95  ? 385 LEU B CD2 1 
ATOM   816  N N   . ALA B 2 64 ? 1.786   -5.636  4.147   1.00 47.10  ? 386 ALA B N   1 
ATOM   817  C CA  . ALA B 2 64 ? 2.973   -5.751  4.968   1.00 48.44  ? 386 ALA B CA  1 
ATOM   818  C C   . ALA B 2 64 ? 2.866   -6.992  5.852   1.00 49.64  ? 386 ALA B C   1 
ATOM   819  O O   . ALA B 2 64 ? 3.875   -7.591  6.219   1.00 51.63  ? 386 ALA B O   1 
ATOM   820  C CB  . ALA B 2 64 ? 3.137   -4.500  5.827   1.00 46.70  ? 386 ALA B CB  1 
ATOM   821  N N   . ALA B 2 65 ? 1.641   -7.372  6.198   1.00 49.38  ? 387 ALA B N   1 
ATOM   822  C CA  . ALA B 2 65 ? 1.433   -8.544  7.036   1.00 49.16  ? 387 ALA B CA  1 
ATOM   823  C C   . ALA B 2 65 ? 1.696   -9.793  6.203   1.00 48.61  ? 387 ALA B C   1 
ATOM   824  O O   . ALA B 2 65 ? 2.334   -10.735 6.659   1.00 46.41  ? 387 ALA B O   1 
ATOM   825  C CB  . ALA B 2 65 ? -0.003  -8.556  7.584   1.00 48.23  ? 387 ALA B CB  1 
ATOM   826  N N   . GLN B 2 66 ? 1.204   -9.787  4.969   1.00 50.35  ? 388 GLN B N   1 
ATOM   827  C CA  . GLN B 2 66 ? 1.385   -10.919 4.081   1.00 50.92  ? 388 GLN B CA  1 
ATOM   828  C C   . GLN B 2 66 ? 2.844   -11.126 3.712   1.00 48.50  ? 388 GLN B C   1 
ATOM   829  O O   . GLN B 2 66 ? 3.290   -12.264 3.587   1.00 50.14  ? 388 GLN B O   1 
ATOM   830  C CB  . GLN B 2 66 ? 0.524   -10.754 2.833   1.00 53.22  ? 388 GLN B CB  1 
ATOM   831  C CG  . GLN B 2 66 ? -0.959  -10.838 3.151   1.00 58.75  ? 388 GLN B CG  1 
ATOM   832  C CD  . GLN B 2 66 ? -1.824  -10.848 1.911   1.00 63.71  ? 388 GLN B CD  1 
ATOM   833  O OE1 . GLN B 2 66 ? -1.739  -9.944  1.077   1.00 65.88  ? 388 GLN B OE1 1 
ATOM   834  N NE2 . GLN B 2 66 ? -2.671  -11.872 1.780   1.00 66.17  ? 388 GLN B NE2 1 
ATOM   835  N N   . LEU B 2 67 ? 3.590   -10.038 3.548   1.00 45.19  ? 389 LEU B N   1 
ATOM   836  C CA  . LEU B 2 67 ? 5.006   -10.161 3.223   1.00 43.75  ? 389 LEU B CA  1 
ATOM   837  C C   . LEU B 2 67 ? 5.725   -10.725 4.428   1.00 44.65  ? 389 LEU B C   1 
ATOM   838  O O   . LEU B 2 67 ? 6.643   -11.528 4.295   1.00 45.86  ? 389 LEU B O   1 
ATOM   839  C CB  . LEU B 2 67 ? 5.614   -8.804  2.873   1.00 42.95  ? 389 LEU B CB  1 
ATOM   840  C CG  . LEU B 2 67 ? 5.285   -8.263  1.482   1.00 41.83  ? 389 LEU B CG  1 
ATOM   841  C CD1 . LEU B 2 67 ? 5.689   -6.811  1.399   1.00 39.99  ? 389 LEU B CD1 1 
ATOM   842  C CD2 . LEU B 2 67 ? 5.986   -9.102  0.429   1.00 39.75  ? 389 LEU B CD2 1 
ATOM   843  N N   . GLN B 2 68 ? 5.295   -10.304 5.610   1.00 45.55  ? 390 GLN B N   1 
ATOM   844  C CA  . GLN B 2 68 ? 5.894   -10.773 6.852   1.00 46.51  ? 390 GLN B CA  1 
ATOM   845  C C   . GLN B 2 68 ? 5.710   -12.278 7.053   1.00 46.38  ? 390 GLN B C   1 
ATOM   846  O O   . GLN B 2 68 ? 6.662   -12.999 7.363   1.00 45.87  ? 390 GLN B O   1 
ATOM   847  C CB  . GLN B 2 68 ? 5.290   -10.027 8.041   1.00 47.43  ? 390 GLN B CB  1 
ATOM   848  C CG  . GLN B 2 68 ? 5.853   -10.447 9.393   1.00 53.02  ? 390 GLN B CG  1 
ATOM   849  C CD  . GLN B 2 68 ? 7.330   -10.101 9.560   1.00 55.97  ? 390 GLN B CD  1 
ATOM   850  O OE1 . GLN B 2 68 ? 7.716   -8.930  9.487   1.00 58.00  ? 390 GLN B OE1 1 
ATOM   851  N NE2 . GLN B 2 68 ? 8.159   -11.117 9.792   1.00 54.93  ? 390 GLN B NE2 1 
ATOM   852  N N   . SER B 2 69 ? 4.489   -12.758 6.871   1.00 46.45  ? 391 SER B N   1 
ATOM   853  C CA  . SER B 2 69 ? 4.234   -14.174 7.067   1.00 46.07  ? 391 SER B CA  1 
ATOM   854  C C   . SER B 2 69 ? 4.861   -14.987 5.950   1.00 45.59  ? 391 SER B C   1 
ATOM   855  O O   . SER B 2 69 ? 5.119   -16.174 6.126   1.00 46.87  ? 391 SER B O   1 
ATOM   856  C CB  . SER B 2 69 ? 2.733   -14.441 7.155   1.00 46.26  ? 391 SER B CB  1 
ATOM   857  O OG  . SER B 2 69 ? 2.084   -14.088 5.952   1.00 50.77  ? 391 SER B OG  1 
ATOM   858  N N   . ILE B 2 70 ? 5.097   -14.359 4.797   1.00 44.58  ? 392 ILE B N   1 
ATOM   859  C CA  . ILE B 2 70 ? 5.748   -15.060 3.691   1.00 42.42  ? 392 ILE B CA  1 
ATOM   860  C C   . ILE B 2 70 ? 7.194   -15.263 4.121   1.00 41.90  ? 392 ILE B C   1 
ATOM   861  O O   . ILE B 2 70 ? 7.796   -16.300 3.859   1.00 40.41  ? 392 ILE B O   1 
ATOM   862  C CB  . ILE B 2 70 ? 5.729   -14.241 2.377   1.00 42.93  ? 392 ILE B CB  1 
ATOM   863  C CG1 . ILE B 2 70 ? 4.370   -14.398 1.690   1.00 40.99  ? 392 ILE B CG1 1 
ATOM   864  C CG2 . ILE B 2 70 ? 6.868   -14.698 1.443   1.00 39.72  ? 392 ILE B CG2 1 
ATOM   865  C CD1 . ILE B 2 70 ? 4.279   -13.700 0.357   1.00 40.38  ? 392 ILE B CD1 1 
ATOM   866  N N   . HIS B 2 71 ? 7.737   -14.263 4.800   1.00 42.15  ? 393 HIS B N   1 
ATOM   867  C CA  . HIS B 2 71 ? 9.100   -14.339 5.287   1.00 46.63  ? 393 HIS B CA  1 
ATOM   868  C C   . HIS B 2 71 ? 9.200   -15.495 6.285   1.00 48.62  ? 393 HIS B C   1 
ATOM   869  O O   . HIS B 2 71 ? 10.099  -16.339 6.180   1.00 49.36  ? 393 HIS B O   1 
ATOM   870  C CB  . HIS B 2 71 ? 9.498   -13.008 5.935   1.00 48.27  ? 393 HIS B CB  1 
ATOM   871  C CG  . HIS B 2 71 ? 10.727  -13.084 6.784   1.00 51.73  ? 393 HIS B CG  1 
ATOM   872  N ND1 . HIS B 2 71 ? 11.892  -13.694 6.363   1.00 54.98  ? 393 HIS B ND1 1 
ATOM   873  C CD2 . HIS B 2 71 ? 10.982  -12.617 8.031   1.00 52.76  ? 393 HIS B CD2 1 
ATOM   874  C CE1 . HIS B 2 71 ? 12.807  -13.598 7.311   1.00 54.25  ? 393 HIS B CE1 1 
ATOM   875  N NE2 . HIS B 2 71 ? 12.281  -12.948 8.335   1.00 53.73  ? 393 HIS B NE2 1 
ATOM   876  N N   . GLU B 2 72 ? 8.263   -15.550 7.231   1.00 48.82  ? 394 GLU B N   1 
ATOM   877  C CA  . GLU B 2 72 ? 8.265   -16.612 8.228   1.00 50.11  ? 394 GLU B CA  1 
ATOM   878  C C   . GLU B 2 72 ? 8.121   -17.968 7.548   1.00 48.61  ? 394 GLU B C   1 
ATOM   879  O O   . GLU B 2 72 ? 8.729   -18.948 7.986   1.00 47.84  ? 394 GLU B O   1 
ATOM   880  C CB  . GLU B 2 72 ? 7.137   -16.422 9.259   1.00 53.78  ? 394 GLU B CB  1 
ATOM   881  C CG  . GLU B 2 72 ? 7.271   -15.199 10.207  1.00 59.73  ? 394 GLU B CG  1 
ATOM   882  C CD  . GLU B 2 72 ? 8.597   -15.142 11.002  1.00 65.61  ? 394 GLU B CD  1 
ATOM   883  O OE1 . GLU B 2 72 ? 9.092   -16.206 11.449  1.00 66.52  ? 394 GLU B OE1 1 
ATOM   884  O OE2 . GLU B 2 72 ? 9.136   -14.019 11.202  1.00 67.51  ? 394 GLU B OE2 1 
ATOM   885  N N   . ASN B 2 73 ? 7.321   -18.031 6.483   1.00 47.38  ? 395 ASN B N   1 
ATOM   886  C CA  . ASN B 2 73 ? 7.148   -19.288 5.755   1.00 46.83  ? 395 ASN B CA  1 
ATOM   887  C C   . ASN B 2 73 ? 8.442   -19.737 5.086   1.00 43.03  ? 395 ASN B C   1 
ATOM   888  O O   . ASN B 2 73 ? 8.726   -20.925 5.028   1.00 42.07  ? 395 ASN B O   1 
ATOM   889  C CB  . ASN B 2 73 ? 6.057   -19.185 4.681   1.00 49.86  ? 395 ASN B CB  1 
ATOM   890  C CG  . ASN B 2 73 ? 4.671   -18.998 5.270   1.00 54.42  ? 395 ASN B CG  1 
ATOM   891  O OD1 . ASN B 2 73 ? 4.340   -19.564 6.317   1.00 57.31  ? 395 ASN B OD1 1 
ATOM   892  N ND2 . ASN B 2 73 ? 3.843   -18.209 4.587   1.00 56.78  ? 395 ASN B ND2 1 
ATOM   893  N N   . VAL B 2 74 ? 9.214   -18.789 4.566   1.00 40.80  ? 396 VAL B N   1 
ATOM   894  C CA  . VAL B 2 74 ? 10.467  -19.134 3.917   1.00 39.66  ? 396 VAL B CA  1 
ATOM   895  C C   . VAL B 2 74 ? 11.471  -19.557 4.981   1.00 39.43  ? 396 VAL B C   1 
ATOM   896  O O   . VAL B 2 74 ? 12.307  -20.428 4.745   1.00 39.05  ? 396 VAL B O   1 
ATOM   897  C CB  . VAL B 2 74 ? 11.012  -17.964 3.082   1.00 39.74  ? 396 VAL B CB  1 
ATOM   898  C CG1 . VAL B 2 74 ? 12.450  -18.254 2.648   1.00 33.77  ? 396 VAL B CG1 1 
ATOM   899  C CG2 . VAL B 2 74 ? 10.118  -17.764 1.852   1.00 36.10  ? 396 VAL B CG2 1 
ATOM   900  N N   . LYS B 2 75 ? 11.374  -18.951 6.158   1.00 38.95  ? 397 LYS B N   1 
ATOM   901  C CA  . LYS B 2 75 ? 12.245  -19.327 7.260   1.00 40.58  ? 397 LYS B CA  1 
ATOM   902  C C   . LYS B 2 75 ? 11.997  -20.804 7.584   1.00 40.59  ? 397 LYS B C   1 
ATOM   903  O O   . LYS B 2 75 ? 12.917  -21.552 7.930   1.00 41.82  ? 397 LYS B O   1 
ATOM   904  C CB  . LYS B 2 75 ? 11.936  -18.489 8.500   1.00 42.60  ? 397 LYS B CB  1 
ATOM   905  C CG  . LYS B 2 75 ? 12.839  -17.283 8.696   1.00 48.98  ? 397 LYS B CG  1 
ATOM   906  C CD  . LYS B 2 75 ? 12.499  -16.532 9.985   1.00 52.82  ? 397 LYS B CD  1 
ATOM   907  C CE  . LYS B 2 75 ? 12.542  -17.454 11.215  1.00 57.36  ? 397 LYS B CE  1 
ATOM   908  N NZ  . LYS B 2 75 ? 12.002  -16.811 12.474  1.00 59.15  ? 397 LYS B NZ  1 
ATOM   909  N N   . VAL B 2 76 ? 10.747  -21.231 7.462   1.00 41.59  ? 398 VAL B N   1 
ATOM   910  C CA  . VAL B 2 76 ? 10.407  -22.610 7.768   1.00 42.75  ? 398 VAL B CA  1 
ATOM   911  C C   . VAL B 2 76 ? 10.882  -23.567 6.694   1.00 40.86  ? 398 VAL B C   1 
ATOM   912  O O   . VAL B 2 76 ? 11.287  -24.687 6.997   1.00 41.53  ? 398 VAL B O   1 
ATOM   913  C CB  . VAL B 2 76 ? 8.890   -22.776 8.003   1.00 43.50  ? 398 VAL B CB  1 
ATOM   914  C CG1 . VAL B 2 76 ? 8.574   -24.220 8.377   1.00 43.66  ? 398 VAL B CG1 1 
ATOM   915  C CG2 . VAL B 2 76 ? 8.447   -21.851 9.116   1.00 40.04  ? 398 VAL B CG2 1 
ATOM   916  N N   . LEU B 2 77 ? 10.842  -23.137 5.442   1.00 40.96  ? 399 LEU B N   1 
ATOM   917  C CA  . LEU B 2 77 ? 11.335  -23.995 4.371   1.00 40.46  ? 399 LEU B CA  1 
ATOM   918  C C   . LEU B 2 77 ? 12.812  -24.252 4.620   1.00 37.95  ? 399 LEU B C   1 
ATOM   919  O O   . LEU B 2 77 ? 13.278  -25.381 4.535   1.00 37.69  ? 399 LEU B O   1 
ATOM   920  C CB  . LEU B 2 77 ? 11.177  -23.324 3.015   1.00 43.14  ? 399 LEU B CB  1 
ATOM   921  C CG  . LEU B 2 77 ? 9.755   -23.111 2.521   1.00 45.29  ? 399 LEU B CG  1 
ATOM   922  C CD1 . LEU B 2 77 ? 9.828   -22.566 1.107   1.00 47.33  ? 399 LEU B CD1 1 
ATOM   923  C CD2 . LEU B 2 77 ? 8.983   -24.421 2.530   1.00 46.17  ? 399 LEU B CD2 1 
ATOM   924  N N   . LYS B 2 78 ? 13.549  -23.200 4.946   1.00 37.82  ? 400 LYS B N   1 
ATOM   925  C CA  . LYS B 2 78 ? 14.969  -23.355 5.198   1.00 40.21  ? 400 LYS B CA  1 
ATOM   926  C C   . LYS B 2 78 ? 15.264  -24.283 6.376   1.00 40.82  ? 400 LYS B C   1 
ATOM   927  O O   . LYS B 2 78 ? 16.077  -25.201 6.260   1.00 39.94  ? 400 LYS B O   1 
ATOM   928  C CB  . LYS B 2 78 ? 15.614  -22.002 5.443   1.00 41.44  ? 400 LYS B CB  1 
ATOM   929  C CG  . LYS B 2 78 ? 17.119  -22.077 5.472   1.00 43.38  ? 400 LYS B CG  1 
ATOM   930  C CD  . LYS B 2 78 ? 17.702  -20.716 5.750   1.00 48.64  ? 400 LYS B CD  1 
ATOM   931  C CE  . LYS B 2 78 ? 19.192  -20.703 5.488   1.00 51.39  ? 400 LYS B CE  1 
ATOM   932  N NZ  . LYS B 2 78 ? 19.775  -19.421 5.951   1.00 54.25  ? 400 LYS B NZ  1 
ATOM   933  N N   . GLU B 2 79 ? 14.605  -24.056 7.509   1.00 42.18  ? 401 GLU B N   1 
ATOM   934  C CA  . GLU B 2 79 ? 14.833  -24.909 8.676   1.00 43.91  ? 401 GLU B CA  1 
ATOM   935  C C   . GLU B 2 79 ? 14.637  -26.386 8.338   1.00 41.52  ? 401 GLU B C   1 
ATOM   936  O O   . GLU B 2 79 ? 15.491  -27.215 8.650   1.00 42.15  ? 401 GLU B O   1 
ATOM   937  C CB  . GLU B 2 79 ? 13.883  -24.552 9.823   1.00 49.91  ? 401 GLU B CB  1 
ATOM   938  C CG  . GLU B 2 79 ? 13.942  -23.109 10.296  1.00 59.30  ? 401 GLU B CG  1 
ATOM   939  C CD  . GLU B 2 79 ? 12.920  -22.818 11.408  1.00 65.08  ? 401 GLU B CD  1 
ATOM   940  O OE1 . GLU B 2 79 ? 11.720  -23.159 11.232  1.00 66.82  ? 401 GLU B OE1 1 
ATOM   941  O OE2 . GLU B 2 79 ? 13.319  -22.244 12.454  1.00 67.52  ? 401 GLU B OE2 1 
ATOM   942  N N   . GLN B 2 80 ? 13.519  -26.705 7.696   1.00 38.50  ? 402 GLN B N   1 
ATOM   943  C CA  . GLN B 2 80 ? 13.204  -28.084 7.358   1.00 37.55  ? 402 GLN B CA  1 
ATOM   944  C C   . GLN B 2 80 ? 14.102  -28.648 6.274   1.00 36.68  ? 402 GLN B C   1 
ATOM   945  O O   . GLN B 2 80 ? 14.409  -29.835 6.282   1.00 36.84  ? 402 GLN B O   1 
ATOM   946  C CB  . GLN B 2 80 ? 11.732  -28.201 6.937   1.00 39.66  ? 402 GLN B CB  1 
ATOM   947  C CG  . GLN B 2 80 ? 10.774  -27.434 7.849   1.00 39.92  ? 402 GLN B CG  1 
ATOM   948  C CD  . GLN B 2 80 ? 9.325   -27.889 7.729   1.00 41.32  ? 402 GLN B CD  1 
ATOM   949  O OE1 . GLN B 2 80 ? 8.886   -28.384 6.684   1.00 39.48  ? 402 GLN B OE1 1 
ATOM   950  N NE2 . GLN B 2 80 ? 8.568   -27.708 8.811   1.00 44.06  ? 402 GLN B NE2 1 
ATOM   951  N N   . TYR B 2 81 ? 14.498  -27.808 5.322   1.00 35.86  ? 403 TYR B N   1 
ATOM   952  C CA  . TYR B 2 81 ? 15.392  -28.244 4.259   1.00 32.09  ? 403 TYR B CA  1 
ATOM   953  C C   . TYR B 2 81 ? 16.753  -28.508 4.899   1.00 32.05  ? 403 TYR B C   1 
ATOM   954  O O   . TYR B 2 81 ? 17.443  -29.460 4.566   1.00 31.56  ? 403 TYR B O   1 
ATOM   955  C CB  . TYR B 2 81 ? 15.518  -27.152 3.207   1.00 32.58  ? 403 TYR B CB  1 
ATOM   956  C CG  . TYR B 2 81 ? 16.672  -27.335 2.247   1.00 31.09  ? 403 TYR B CG  1 
ATOM   957  C CD1 . TYR B 2 81 ? 16.853  -28.530 1.563   1.00 31.02  ? 403 TYR B CD1 1 
ATOM   958  C CD2 . TYR B 2 81 ? 17.552  -26.282 1.981   1.00 33.04  ? 403 TYR B CD2 1 
ATOM   959  C CE1 . TYR B 2 81 ? 17.879  -28.681 0.632   1.00 34.68  ? 403 TYR B CE1 1 
ATOM   960  C CE2 . TYR B 2 81 ? 18.582  -26.413 1.047   1.00 33.76  ? 403 TYR B CE2 1 
ATOM   961  C CZ  . TYR B 2 81 ? 18.738  -27.616 0.371   1.00 35.04  ? 403 TYR B CZ  1 
ATOM   962  O OH  . TYR B 2 81 ? 19.726  -27.751 -0.576  1.00 33.60  ? 403 TYR B OH  1 
ATOM   963  N N   . LEU B 2 82 ? 17.136  -27.647 5.826   1.00 31.95  ? 404 LEU B N   1 
ATOM   964  C CA  . LEU B 2 82 ? 18.398  -27.814 6.528   1.00 35.78  ? 404 LEU B CA  1 
ATOM   965  C C   . LEU B 2 82 ? 18.389  -29.089 7.383   1.00 36.77  ? 404 LEU B C   1 
ATOM   966  O O   . LEU B 2 82 ? 19.397  -29.798 7.483   1.00 36.20  ? 404 LEU B O   1 
ATOM   967  C CB  . LEU B 2 82 ? 18.648  -26.612 7.427   1.00 35.93  ? 404 LEU B CB  1 
ATOM   968  C CG  . LEU B 2 82 ? 19.684  -25.644 6.899   1.00 42.30  ? 404 LEU B CG  1 
ATOM   969  C CD1 . LEU B 2 82 ? 19.682  -24.384 7.751   1.00 43.40  ? 404 LEU B CD1 1 
ATOM   970  C CD2 . LEU B 2 82 ? 21.048  -26.332 6.918   1.00 46.12  ? 404 LEU B CD2 1 
ATOM   971  N N   . SER B 2 83 ? 17.248  -29.371 8.004   1.00 34.47  ? 405 SER B N   1 
ATOM   972  C CA  . SER B 2 83 ? 17.151  -30.540 8.854   1.00 37.26  ? 405 SER B CA  1 
ATOM   973  C C   . SER B 2 83 ? 17.280  -31.799 8.027   1.00 38.92  ? 405 SER B C   1 
ATOM   974  O O   . SER B 2 83 ? 18.065  -32.704 8.360   1.00 38.79  ? 405 SER B O   1 
ATOM   975  C CB  . SER B 2 83 ? 15.836  -30.519 9.630   1.00 35.44  ? 405 SER B CB  1 
ATOM   976  O OG  . SER B 2 83 ? 15.858  -29.433 10.547  1.00 36.40  ? 405 SER B OG  1 
ATOM   977  N N   . TYR B 2 84 ? 16.521  -31.849 6.937   1.00 38.60  ? 406 TYR B N   1 
ATOM   978  C CA  . TYR B 2 84 ? 16.579  -32.993 6.050   1.00 38.36  ? 406 TYR B CA  1 
ATOM   979  C C   . TYR B 2 84 ? 18.000  -33.224 5.548   1.00 36.58  ? 406 TYR B C   1 
ATOM   980  O O   . TYR B 2 84 ? 18.447  -34.357 5.437   1.00 38.89  ? 406 TYR B O   1 
ATOM   981  C CB  . TYR B 2 84 ? 15.643  -32.791 4.866   1.00 37.22  ? 406 TYR B CB  1 
ATOM   982  C CG  . TYR B 2 84 ? 14.196  -32.991 5.196   1.00 37.81  ? 406 TYR B CG  1 
ATOM   983  C CD1 . TYR B 2 84 ? 13.769  -34.121 5.893   1.00 37.72  ? 406 TYR B CD1 1 
ATOM   984  C CD2 . TYR B 2 84 ? 13.233  -32.082 4.756   1.00 39.49  ? 406 TYR B CD2 1 
ATOM   985  C CE1 . TYR B 2 84 ? 12.422  -34.346 6.133   1.00 39.00  ? 406 TYR B CE1 1 
ATOM   986  C CE2 . TYR B 2 84 ? 11.882  -32.295 4.989   1.00 39.51  ? 406 TYR B CE2 1 
ATOM   987  C CZ  . TYR B 2 84 ? 11.479  -33.428 5.677   1.00 41.29  ? 406 TYR B CZ  1 
ATOM   988  O OH  . TYR B 2 84 ? 10.133  -33.652 5.883   1.00 44.53  ? 406 TYR B OH  1 
ATOM   989  N N   . ARG B 2 85 ? 18.709  -32.149 5.241   1.00 36.09  ? 407 ARG B N   1 
ATOM   990  C CA  . ARG B 2 85 ? 20.071  -32.276 4.753   1.00 37.12  ? 407 ARG B CA  1 
ATOM   991  C C   . ARG B 2 85 ? 20.974  -32.935 5.790   1.00 36.84  ? 407 ARG B C   1 
ATOM   992  O O   . ARG B 2 85 ? 21.801  -33.773 5.445   1.00 34.41  ? 407 ARG B O   1 
ATOM   993  C CB  . ARG B 2 85 ? 20.629  -30.902 4.383   1.00 36.75  ? 407 ARG B CB  1 
ATOM   994  C CG  . ARG B 2 85 ? 20.106  -30.339 3.084   1.00 35.56  ? 407 ARG B CG  1 
ATOM   995  C CD  . ARG B 2 85 ? 20.756  -29.003 2.781   1.00 37.74  ? 407 ARG B CD  1 
ATOM   996  N NE  . ARG B 2 85 ? 22.166  -29.156 2.437   1.00 39.55  ? 407 ARG B NE  1 
ATOM   997  C CZ  . ARG B 2 85 ? 22.616  -29.531 1.242   1.00 40.49  ? 407 ARG B CZ  1 
ATOM   998  N NH1 . ARG B 2 85 ? 21.769  -29.787 0.248   1.00 40.34  ? 407 ARG B NH1 1 
ATOM   999  N NH2 . ARG B 2 85 ? 23.919  -29.667 1.048   1.00 37.89  ? 407 ARG B NH2 1 
ATOM   1000 N N   . LYS B 2 86 ? 20.809  -32.552 7.058   1.00 39.32  ? 408 LYS B N   1 
ATOM   1001 C CA  . LYS B 2 86 ? 21.609  -33.117 8.144   1.00 40.26  ? 408 LYS B CA  1 
ATOM   1002 C C   . LYS B 2 86 ? 21.285  -34.585 8.340   1.00 40.02  ? 408 LYS B C   1 
ATOM   1003 O O   . LYS B 2 86 ? 22.156  -35.381 8.683   1.00 41.55  ? 408 LYS B O   1 
ATOM   1004 C CB  . LYS B 2 86 ? 21.367  -32.376 9.460   1.00 41.27  ? 408 LYS B CB  1 
ATOM   1005 C CG  . LYS B 2 86 ? 21.738  -30.899 9.430   1.00 46.81  ? 408 LYS B CG  1 
ATOM   1006 C CD  . LYS B 2 86 ? 21.917  -30.347 10.845  1.00 50.39  ? 408 LYS B CD  1 
ATOM   1007 C CE  . LYS B 2 86 ? 22.157  -28.835 10.855  1.00 53.89  ? 408 LYS B CE  1 
ATOM   1008 N NZ  . LYS B 2 86 ? 20.880  -28.030 10.782  1.00 59.18  ? 408 LYS B NZ  1 
ATOM   1009 N N   . MET B 2 87 ? 20.032  -34.947 8.111   1.00 39.63  ? 409 MET B N   1 
ATOM   1010 C CA  . MET B 2 87 ? 19.612  -36.335 8.273   1.00 41.70  ? 409 MET B CA  1 
ATOM   1011 C C   . MET B 2 87 ? 20.110  -37.224 7.144   1.00 41.07  ? 409 MET B C   1 
ATOM   1012 O O   . MET B 2 87 ? 20.620  -38.314 7.369   1.00 40.23  ? 409 MET B O   1 
ATOM   1013 C CB  . MET B 2 87 ? 18.083  -36.440 8.302   1.00 42.54  ? 409 MET B CB  1 
ATOM   1014 C CG  . MET B 2 87 ? 17.376  -35.848 9.507   1.00 44.15  ? 409 MET B CG  1 
ATOM   1015 S SD  . MET B 2 87 ? 15.570  -35.767 9.190   1.00 48.80  ? 409 MET B SD  1 
ATOM   1016 C CE  . MET B 2 87 ? 15.252  -37.433 8.756   1.00 47.81  ? 409 MET B CE  1 
ATOM   1017 N N   . PHE B 2 88 ? 19.964  -36.737 5.917   1.00 43.82  ? 410 PHE B N   1 
ATOM   1018 C CA  . PHE B 2 88 ? 20.320  -37.522 4.744   1.00 43.14  ? 410 PHE B CA  1 
ATOM   1019 C C   . PHE B 2 88 ? 21.636  -37.266 4.025   1.00 42.97  ? 410 PHE B C   1 
ATOM   1020 O O   . PHE B 2 88 ? 22.125  -38.153 3.341   1.00 42.90  ? 410 PHE B O   1 
ATOM   1021 C CB  . PHE B 2 88 ? 19.166  -37.430 3.739   1.00 40.80  ? 410 PHE B CB  1 
ATOM   1022 C CG  . PHE B 2 88 ? 17.879  -38.010 4.252   1.00 39.10  ? 410 PHE B CG  1 
ATOM   1023 C CD1 . PHE B 2 88 ? 17.691  -39.391 4.296   1.00 39.32  ? 410 PHE B CD1 1 
ATOM   1024 C CD2 . PHE B 2 88 ? 16.867  -37.180 4.735   1.00 37.44  ? 410 PHE B CD2 1 
ATOM   1025 C CE1 . PHE B 2 88 ? 16.505  -39.936 4.824   1.00 40.57  ? 410 PHE B CE1 1 
ATOM   1026 C CE2 . PHE B 2 88 ? 15.686  -37.711 5.261   1.00 35.44  ? 410 PHE B CE2 1 
ATOM   1027 C CZ  . PHE B 2 88 ? 15.502  -39.089 5.306   1.00 36.83  ? 410 PHE B CZ  1 
ATOM   1028 N N   . LEU B 2 89 ? 22.224  -36.088 4.182   1.00 46.16  ? 411 LEU B N   1 
ATOM   1029 C CA  . LEU B 2 89 ? 23.457  -35.782 3.461   1.00 49.99  ? 411 LEU B CA  1 
ATOM   1030 C C   . LEU B 2 89 ? 24.762  -35.669 4.261   1.00 54.87  ? 411 LEU B C   1 
ATOM   1031 O O   . LEU B 2 89 ? 25.834  -36.014 3.749   1.00 55.58  ? 411 LEU B O   1 
ATOM   1032 C CB  . LEU B 2 89 ? 23.246  -34.512 2.621   1.00 46.61  ? 411 LEU B CB  1 
ATOM   1033 C CG  . LEU B 2 89 ? 22.125  -34.615 1.578   1.00 44.84  ? 411 LEU B CG  1 
ATOM   1034 C CD1 . LEU B 2 89 ? 21.894  -33.280 0.913   1.00 45.53  ? 411 LEU B CD1 1 
ATOM   1035 C CD2 . LEU B 2 89 ? 22.493  -35.636 0.550   1.00 44.42  ? 411 LEU B CD2 1 
ATOM   1036 N N   . GLY B 2 90 ? 24.688  -35.194 5.501   1.00 59.29  ? 412 GLY B N   1 
ATOM   1037 C CA  . GLY B 2 90 ? 25.899  -35.058 6.303   1.00 64.26  ? 412 GLY B CA  1 
ATOM   1038 C C   . GLY B 2 90 ? 26.883  -36.210 6.120   1.00 66.45  ? 412 GLY B C   1 
ATOM   1039 O O   . GLY B 2 90 ? 28.029  -35.967 5.674   1.00 67.94  ? 412 GLY B O   1 
ATOM   1040 N N   . TYR C 1 14 ? 10.300  3.155   10.084  1.00 83.00  ? 457 TYR C N   1 
ATOM   1041 C CA  . TYR C 1 14 ? 9.324   2.285   9.358   1.00 83.37  ? 457 TYR C CA  1 
ATOM   1042 C C   . TYR C 1 14 ? 8.230   3.162   8.754   1.00 81.91  ? 457 TYR C C   1 
ATOM   1043 O O   . TYR C 1 14 ? 8.229   3.428   7.551   1.00 82.81  ? 457 TYR C O   1 
ATOM   1044 C CB  . TYR C 1 14 ? 8.696   1.274   10.321  1.00 85.42  ? 457 TYR C CB  1 
ATOM   1045 C CG  . TYR C 1 14 ? 7.907   0.167   9.648   1.00 88.53  ? 457 TYR C CG  1 
ATOM   1046 C CD1 . TYR C 1 14 ? 8.555   -0.849  8.937   1.00 89.04  ? 457 TYR C CD1 1 
ATOM   1047 C CD2 . TYR C 1 14 ? 6.512   0.104   9.767   1.00 89.62  ? 457 TYR C CD2 1 
ATOM   1048 C CE1 . TYR C 1 14 ? 7.833   -1.908  8.371   1.00 89.70  ? 457 TYR C CE1 1 
ATOM   1049 C CE2 . TYR C 1 14 ? 5.782   -0.952  9.205   1.00 89.63  ? 457 TYR C CE2 1 
ATOM   1050 C CZ  . TYR C 1 14 ? 6.449   -1.955  8.514   1.00 89.82  ? 457 TYR C CZ  1 
ATOM   1051 O OH  . TYR C 1 14 ? 5.740   -3.022  8.009   1.00 89.37  ? 457 TYR C OH  1 
ATOM   1052 N N   . ILE C 1 15 ? 7.296   3.598   9.595   1.00 78.71  ? 458 ILE C N   1 
ATOM   1053 C CA  . ILE C 1 15 ? 6.209   4.469   9.165   1.00 75.62  ? 458 ILE C CA  1 
ATOM   1054 C C   . ILE C 1 15 ? 6.052   5.553   10.207  1.00 73.44  ? 458 ILE C C   1 
ATOM   1055 O O   . ILE C 1 15 ? 5.909   5.262   11.391  1.00 73.00  ? 458 ILE C O   1 
ATOM   1056 C CB  . ILE C 1 15 ? 4.869   3.698   9.007   1.00 75.77  ? 458 ILE C CB  1 
ATOM   1057 C CG1 . ILE C 1 15 ? 4.606   3.424   7.528   1.00 75.85  ? 458 ILE C CG1 1 
ATOM   1058 C CG2 . ILE C 1 15 ? 3.704   4.514   9.560   1.00 75.43  ? 458 ILE C CG2 1 
ATOM   1059 C CD1 . ILE C 1 15 ? 4.377   4.679   6.704   1.00 74.24  ? 458 ILE C CD1 1 
ATOM   1060 N N   . ASP C 1 16 ? 6.079   6.803   9.765   1.00 71.49  ? 459 ASP C N   1 
ATOM   1061 C CA  . ASP C 1 16 ? 5.956   7.929   10.677  1.00 70.66  ? 459 ASP C CA  1 
ATOM   1062 C C   . ASP C 1 16 ? 4.507   8.273   11.006  1.00 69.78  ? 459 ASP C C   1 
ATOM   1063 O O   . ASP C 1 16 ? 3.774   8.812   10.174  1.00 67.46  ? 459 ASP C O   1 
ATOM   1064 C CB  . ASP C 1 16 ? 6.659   9.147   10.090  1.00 71.66  ? 459 ASP C CB  1 
ATOM   1065 C CG  . ASP C 1 16 ? 6.855   10.244  11.107  1.00 72.02  ? 459 ASP C CG  1 
ATOM   1066 O OD1 . ASP C 1 16 ? 5.845   10.800  11.579  1.00 72.23  ? 459 ASP C OD1 1 
ATOM   1067 O OD2 . ASP C 1 16 ? 8.022   10.545  11.441  1.00 73.97  ? 459 ASP C OD2 1 
ATOM   1068 N N   . ALA C 1 17 ? 4.111   7.959   12.238  1.00 69.53  ? 460 ALA C N   1 
ATOM   1069 C CA  . ALA C 1 17 ? 2.757   8.207   12.715  1.00 68.42  ? 460 ALA C CA  1 
ATOM   1070 C C   . ALA C 1 17 ? 2.410   9.690   12.708  1.00 68.62  ? 460 ALA C C   1 
ATOM   1071 O O   . ALA C 1 17 ? 1.357   10.079  12.204  1.00 69.28  ? 460 ALA C O   1 
ATOM   1072 C CB  . ALA C 1 17 ? 2.594   7.638   14.122  1.00 66.87  ? 460 ALA C CB  1 
ATOM   1073 N N   . ASP C 1 18 ? 3.293   10.515  13.264  1.00 68.76  ? 461 ASP C N   1 
ATOM   1074 C CA  . ASP C 1 18 ? 3.062   11.958  13.322  1.00 69.83  ? 461 ASP C CA  1 
ATOM   1075 C C   . ASP C 1 18 ? 2.693   12.581  11.975  1.00 68.55  ? 461 ASP C C   1 
ATOM   1076 O O   . ASP C 1 18 ? 1.861   13.491  11.917  1.00 68.59  ? 461 ASP C O   1 
ATOM   1077 C CB  . ASP C 1 18 ? 4.297   12.695  13.857  1.00 73.58  ? 461 ASP C CB  1 
ATOM   1078 C CG  . ASP C 1 18 ? 4.728   12.215  15.230  1.00 77.65  ? 461 ASP C CG  1 
ATOM   1079 O OD1 . ASP C 1 18 ? 3.845   11.988  16.091  1.00 79.37  ? 461 ASP C OD1 1 
ATOM   1080 O OD2 . ASP C 1 18 ? 5.957   12.082  15.451  1.00 80.06  ? 461 ASP C OD2 1 
ATOM   1081 N N   . LEU C 1 19 ? 3.316   12.097  10.901  1.00 65.47  ? 462 LEU C N   1 
ATOM   1082 C CA  . LEU C 1 19 ? 3.077   12.623  9.562   1.00 62.89  ? 462 LEU C CA  1 
ATOM   1083 C C   . LEU C 1 19 ? 1.693   12.293  9.022   1.00 63.73  ? 462 LEU C C   1 
ATOM   1084 O O   . LEU C 1 19 ? 0.998   13.175  8.518   1.00 63.23  ? 462 LEU C O   1 
ATOM   1085 C CB  . LEU C 1 19 ? 4.145   12.098  8.603   1.00 60.78  ? 462 LEU C CB  1 
ATOM   1086 C CG  . LEU C 1 19 ? 4.109   12.583  7.152   1.00 59.47  ? 462 LEU C CG  1 
ATOM   1087 C CD1 . LEU C 1 19 ? 4.415   14.068  7.082   1.00 56.25  ? 462 LEU C CD1 1 
ATOM   1088 C CD2 . LEU C 1 19 ? 5.121   11.796  6.343   1.00 57.88  ? 462 LEU C CD2 1 
ATOM   1089 N N   . LEU C 1 20 ? 1.293   11.028  9.113   1.00 65.03  ? 463 LEU C N   1 
ATOM   1090 C CA  . LEU C 1 20 ? -0.019  10.619  8.620   1.00 66.61  ? 463 LEU C CA  1 
ATOM   1091 C C   . LEU C 1 20 ? -1.079  11.402  9.380   1.00 67.73  ? 463 LEU C C   1 
ATOM   1092 O O   . LEU C 1 20 ? -2.101  11.809  8.825   1.00 67.63  ? 463 LEU C O   1 
ATOM   1093 C CB  . LEU C 1 20 ? -0.226  9.117   8.823   1.00 65.21  ? 463 LEU C CB  1 
ATOM   1094 C CG  . LEU C 1 20 ? -1.579  8.578   8.345   1.00 64.04  ? 463 LEU C CG  1 
ATOM   1095 C CD1 . LEU C 1 20 ? -1.870  9.039   6.927   1.00 63.00  ? 463 LEU C CD1 1 
ATOM   1096 C CD2 . LEU C 1 20 ? -1.564  7.066   8.422   1.00 63.85  ? 463 LEU C CD2 1 
ATOM   1097 N N   . ARG C 1 21 ? -0.814  11.602  10.662  1.00 68.50  ? 464 ARG C N   1 
ATOM   1098 C CA  . ARG C 1 21 ? -1.696  12.356  11.535  1.00 70.63  ? 464 ARG C CA  1 
ATOM   1099 C C   . ARG C 1 21 ? -1.760  13.760  10.949  1.00 70.56  ? 464 ARG C C   1 
ATOM   1100 O O   . ARG C 1 21 ? -2.832  14.272  10.634  1.00 72.12  ? 464 ARG C O   1 
ATOM   1101 C CB  . ARG C 1 21 ? -1.084  12.381  12.933  1.00 71.78  ? 464 ARG C CB  1 
ATOM   1102 C CG  . ARG C 1 21 ? -1.845  13.121  14.005  1.00 73.45  ? 464 ARG C CG  1 
ATOM   1103 C CD  . ARG C 1 21 ? -1.048  12.987  15.293  1.00 75.24  ? 464 ARG C CD  1 
ATOM   1104 N NE  . ARG C 1 21 ? -0.668  11.591  15.520  1.00 77.04  ? 464 ARG C NE  1 
ATOM   1105 C CZ  . ARG C 1 21 ? 0.363   11.199  16.264  1.00 78.10  ? 464 ARG C CZ  1 
ATOM   1106 N NH1 . ARG C 1 21 ? 1.129   12.105  16.861  1.00 79.55  ? 464 ARG C NH1 1 
ATOM   1107 N NH2 . ARG C 1 21 ? 0.634   9.905   16.411  1.00 76.59  ? 464 ARG C NH2 1 
ATOM   1108 N N   . GLU C 1 22 ? -0.591  14.368  10.791  1.00 70.54  ? 465 GLU C N   1 
ATOM   1109 C CA  . GLU C 1 22 ? -0.474  15.707  10.232  1.00 69.54  ? 465 GLU C CA  1 
ATOM   1110 C C   . GLU C 1 22 ? -1.203  15.810  8.901   1.00 68.28  ? 465 GLU C C   1 
ATOM   1111 O O   . GLU C 1 22 ? -1.917  16.772  8.654   1.00 68.46  ? 465 GLU C O   1 
ATOM   1112 C CB  . GLU C 1 22 ? 0.996   16.051  10.039  1.00 69.79  ? 465 GLU C CB  1 
ATOM   1113 C CG  . GLU C 1 22 ? 1.242   17.355  9.325   1.00 72.41  ? 465 GLU C CG  1 
ATOM   1114 C CD  . GLU C 1 22 ? 2.720   17.605  9.090   1.00 74.47  ? 465 GLU C CD  1 
ATOM   1115 O OE1 . GLU C 1 22 ? 3.060   18.650  8.495   1.00 76.79  ? 465 GLU C OE1 1 
ATOM   1116 O OE2 . GLU C 1 22 ? 3.542   16.757  9.500   1.00 75.50  ? 465 GLU C OE2 1 
ATOM   1117 N N   . ILE C 1 23 ? -1.017  14.816  8.043   1.00 68.74  ? 466 ILE C N   1 
ATOM   1118 C CA  . ILE C 1 23 ? -1.678  14.812  6.745   1.00 70.30  ? 466 ILE C CA  1 
ATOM   1119 C C   . ILE C 1 23 ? -3.193  14.785  6.914   1.00 71.77  ? 466 ILE C C   1 
ATOM   1120 O O   . ILE C 1 23 ? -3.915  15.390  6.129   1.00 71.17  ? 466 ILE C O   1 
ATOM   1121 C CB  . ILE C 1 23 ? -1.255  13.597  5.896   1.00 68.41  ? 466 ILE C CB  1 
ATOM   1122 C CG1 . ILE C 1 23 ? 0.251   13.643  5.637   1.00 66.90  ? 466 ILE C CG1 1 
ATOM   1123 C CG2 . ILE C 1 23 ? -2.010  13.601  4.576   1.00 67.18  ? 466 ILE C CG2 1 
ATOM   1124 C CD1 . ILE C 1 23 ? 0.764   12.490  4.808   1.00 63.88  ? 466 ILE C CD1 1 
ATOM   1125 N N   . LYS C 1 24 ? -3.664  14.077  7.939   1.00 74.61  ? 467 LYS C N   1 
ATOM   1126 C CA  . LYS C 1 24 ? -5.095  13.976  8.229   1.00 77.40  ? 467 LYS C CA  1 
ATOM   1127 C C   . LYS C 1 24 ? -5.608  15.354  8.612   1.00 78.75  ? 467 LYS C C   1 
ATOM   1128 O O   . LYS C 1 24 ? -6.506  15.903  7.968   1.00 79.18  ? 467 LYS C O   1 
ATOM   1129 C CB  . LYS C 1 24 ? -5.345  13.012  9.396   1.00 78.14  ? 467 LYS C CB  1 
ATOM   1130 C CG  . LYS C 1 24 ? -5.080  11.545  9.094   1.00 79.19  ? 467 LYS C CG  1 
ATOM   1131 C CD  . LYS C 1 24 ? -5.267  10.688  10.343  1.00 79.22  ? 467 LYS C CD  1 
ATOM   1132 C CE  . LYS C 1 24 ? -5.018  9.219   10.042  1.00 78.93  ? 467 LYS C CE  1 
ATOM   1133 N NZ  . LYS C 1 24 ? -5.028  8.386   11.272  1.00 78.75  ? 467 LYS C NZ  1 
ATOM   1134 N N   . GLN C 1 25 ? -5.022  15.886  9.683   1.00 80.21  ? 468 GLN C N   1 
ATOM   1135 C CA  . GLN C 1 25 ? -5.336  17.205  10.227  1.00 81.07  ? 468 GLN C CA  1 
ATOM   1136 C C   . GLN C 1 25 ? -5.388  18.262  9.124   1.00 80.39  ? 468 GLN C C   1 
ATOM   1137 O O   . GLN C 1 25 ? -6.348  19.014  9.027   1.00 79.95  ? 468 GLN C O   1 
ATOM   1138 C CB  . GLN C 1 25 ? -4.264  17.576  11.253  1.00 82.82  ? 468 GLN C CB  1 
ATOM   1139 C CG  . GLN C 1 25 ? -4.308  19.002  11.753  1.00 86.75  ? 468 GLN C CG  1 
ATOM   1140 C CD  . GLN C 1 25 ? -2.914  19.542  12.063  1.00 89.81  ? 468 GLN C CD  1 
ATOM   1141 O OE1 . GLN C 1 25 ? -2.124  18.897  12.763  1.00 90.75  ? 468 GLN C OE1 1 
ATOM   1142 N NE2 . GLN C 1 25 ? -2.609  20.729  11.543  1.00 89.82  ? 468 GLN C NE2 1 
ATOM   1143 N N   . HIS C 1 26 ? -4.348  18.302  8.297   1.00 80.94  ? 469 HIS C N   1 
ATOM   1144 C CA  . HIS C 1 26 ? -4.242  19.252  7.189   1.00 81.38  ? 469 HIS C CA  1 
ATOM   1145 C C   . HIS C 1 26 ? -5.398  19.196  6.191   1.00 81.32  ? 469 HIS C C   1 
ATOM   1146 O O   . HIS C 1 26 ? -5.940  20.227  5.804   1.00 80.55  ? 469 HIS C O   1 
ATOM   1147 C CB  . HIS C 1 26 ? -2.927  19.028  6.435   1.00 81.57  ? 469 HIS C CB  1 
ATOM   1148 C CG  . HIS C 1 26 ? -1.757  19.755  7.022   1.00 82.41  ? 469 HIS C CG  1 
ATOM   1149 N ND1 . HIS C 1 26 ? -1.482  19.759  8.372   1.00 83.11  ? 469 HIS C ND1 1 
ATOM   1150 C CD2 . HIS C 1 26 ? -0.772  20.478  6.434   1.00 82.55  ? 469 HIS C CD2 1 
ATOM   1151 C CE1 . HIS C 1 26 ? -0.378  20.453  8.591   1.00 82.97  ? 469 HIS C CE1 1 
ATOM   1152 N NE2 . HIS C 1 26 ? 0.071   20.898  7.433   1.00 82.58  ? 469 HIS C NE2 1 
ATOM   1153 N N   . LEU C 1 27 ? -5.759  17.992  5.762   1.00 82.75  ? 470 LEU C N   1 
ATOM   1154 C CA  . LEU C 1 27 ? -6.844  17.815  4.797   1.00 84.85  ? 470 LEU C CA  1 
ATOM   1155 C C   . LEU C 1 27 ? -8.212  18.164  5.386   1.00 86.46  ? 470 LEU C C   1 
ATOM   1156 O O   . LEU C 1 27 ? -9.090  18.675  4.689   1.00 85.52  ? 470 LEU C O   1 
ATOM   1157 C CB  . LEU C 1 27 ? -6.848  16.371  4.278   1.00 83.39  ? 470 LEU C CB  1 
ATOM   1158 C CG  . LEU C 1 27 ? -5.664  15.990  3.383   1.00 81.90  ? 470 LEU C CG  1 
ATOM   1159 C CD1 . LEU C 1 27 ? -5.657  14.495  3.129   1.00 81.40  ? 470 LEU C CD1 1 
ATOM   1160 C CD2 . LEU C 1 27 ? -5.748  16.755  2.077   1.00 79.37  ? 470 LEU C CD2 1 
ATOM   1161 N N   . LYS C 1 28 ? -8.379  17.878  6.673   1.00 88.58  ? 471 LYS C N   1 
ATOM   1162 C CA  . LYS C 1 28 ? -9.620  18.161  7.376   1.00 91.01  ? 471 LYS C CA  1 
ATOM   1163 C C   . LYS C 1 28 ? -9.801  19.672  7.450   1.00 92.70  ? 471 LYS C C   1 
ATOM   1164 O O   . LYS C 1 28 ? -10.905 20.188  7.259   1.00 93.67  ? 471 LYS C O   1 
ATOM   1165 C CB  . LYS C 1 28 ? -9.558  17.574  8.787   1.00 91.30  ? 471 LYS C CB  1 
ATOM   1166 C CG  . LYS C 1 28 ? -10.854 17.641  9.566   1.00 91.86  ? 471 LYS C CG  1 
ATOM   1167 C CD  . LYS C 1 28 ? -10.700 16.917  10.889  1.00 92.94  ? 471 LYS C CD  1 
ATOM   1168 C CE  . LYS C 1 28 ? -12.020 16.813  11.630  1.00 94.70  ? 471 LYS C CE  1 
ATOM   1169 N NZ  . LYS C 1 28 ? -11.865 16.038  12.898  1.00 95.50  ? 471 LYS C NZ  1 
ATOM   1170 N N   . GLN C 1 29 ? -8.704  20.374  7.719   1.00 94.00  ? 472 GLN C N   1 
ATOM   1171 C CA  . GLN C 1 29 ? -8.711  21.828  7.827   1.00 95.16  ? 472 GLN C CA  1 
ATOM   1172 C C   . GLN C 1 29 ? -8.860  22.480  6.470   1.00 95.17  ? 472 GLN C C   1 
ATOM   1173 O O   . GLN C 1 29 ? -9.174  23.669  6.373   1.00 95.25  ? 472 GLN C O   1 
ATOM   1174 C CB  . GLN C 1 29 ? -7.426  22.312  8.496   1.00 96.52  ? 472 GLN C CB  1 
ATOM   1175 C CG  . GLN C 1 29 ? -7.240  21.785  9.905   1.00 98.30  ? 472 GLN C CG  1 
ATOM   1176 C CD  . GLN C 1 29 ? -5.871  22.096  10.458  1.00 99.20  ? 472 GLN C CD  1 
ATOM   1177 O OE1 . GLN C 1 29 ? -5.533  21.694  11.573  1.00 100.39 ? 472 GLN C OE1 1 
ATOM   1178 N NE2 . GLN C 1 29 ? -5.067  22.815  9.680   1.00 98.36  ? 472 GLN C NE2 1 
ATOM   1179 N N   . GLN C 1 30 ? -8.613  21.712  5.416   1.00 95.49  ? 473 GLN C N   1 
ATOM   1180 C CA  . GLN C 1 30 ? -8.781  22.247  4.076   1.00 96.22  ? 473 GLN C CA  1 
ATOM   1181 C C   . GLN C 1 30 ? -10.299 22.429  3.980   1.00 96.22  ? 473 GLN C C   1 
ATOM   1182 O O   . GLN C 1 30 ? -11.051 21.646  4.552   1.00 95.95  ? 473 GLN C O   1 
ATOM   1183 C CB  . GLN C 1 30 ? -8.308  21.236  3.034   1.00 97.26  ? 473 GLN C CB  1 
ATOM   1184 C CG  . GLN C 1 30 ? -8.590  21.673  1.606   1.00 99.51  ? 473 GLN C CG  1 
ATOM   1185 C CD  . GLN C 1 30 ? -7.839  22.924  1.229   1.00 100.06 ? 473 GLN C CD  1 
ATOM   1186 O OE1 . GLN C 1 30 ? -6.613  22.909  1.115   1.00 100.60 ? 473 GLN C OE1 1 
ATOM   1187 N NE2 . GLN C 1 30 ? -8.568  24.022  1.031   1.00 100.53 ? 473 GLN C NE2 1 
ATOM   1188 N N   . GLN C 1 31 ? -10.754 23.451  3.266   1.00 96.16  ? 474 GLN C N   1 
ATOM   1189 C CA  . GLN C 1 31 ? -12.177 23.676  3.176   1.00 95.62  ? 474 GLN C CA  1 
ATOM   1190 C C   . GLN C 1 31 ? -12.866 23.519  1.838   1.00 94.56  ? 474 GLN C C   1 
ATOM   1191 O O   . GLN C 1 31 ? -12.287 23.702  0.765   1.00 94.97  ? 474 GLN C O   1 
ATOM   1192 C CB  . GLN C 1 31 ? -12.537 25.028  3.819   1.00 96.47  ? 474 GLN C CB  1 
ATOM   1193 C CG  . GLN C 1 31 ? -13.215 24.867  5.175   1.00 98.24  ? 474 GLN C CG  1 
ATOM   1194 C CD  . GLN C 1 31 ? -13.114 26.102  6.053   1.00 99.57  ? 474 GLN C CD  1 
ATOM   1195 O OE1 . GLN C 1 31 ? -13.499 27.209  5.654   1.00 100.59 ? 474 GLN C OE1 1 
ATOM   1196 N NE2 . GLN C 1 31 ? -12.603 25.915  7.266   1.00 99.68  ? 474 GLN C NE2 1 
ATOM   1197 N N   . GLU C 1 32 ? -14.145 23.177  1.959   1.00 93.37  ? 475 GLU C N   1 
ATOM   1198 C CA  . GLU C 1 32 ? -15.075 22.916  0.859   1.00 91.29  ? 475 GLU C CA  1 
ATOM   1199 C C   . GLU C 1 32 ? -15.770 24.147  0.287   1.00 87.85  ? 475 GLU C C   1 
ATOM   1200 O O   . GLU C 1 32 ? -16.359 24.925  1.020   1.00 89.38  ? 475 GLU C O   1 
ATOM   1201 C CB  . GLU C 1 32 ? -16.141 21.893  1.350   1.00 92.82  ? 475 GLU C CB  1 
ATOM   1202 C CG  . GLU C 1 32 ? -16.825 22.259  2.692   1.00 94.46  ? 475 GLU C CG  1 
ATOM   1203 C CD  . GLU C 1 32 ? -17.919 23.326  2.581   1.00 95.54  ? 475 GLU C CD  1 
ATOM   1204 O OE1 . GLU C 1 32 ? -19.004 23.037  2.028   1.00 97.23  ? 475 GLU C OE1 1 
ATOM   1205 O OE2 . GLU C 1 32 ? -17.686 24.462  3.042   1.00 95.28  ? 475 GLU C OE2 1 
ATOM   1206 N N   . GLY C 1 33 ? -15.696 24.313  -1.025  1.00 83.64  ? 476 GLY C N   1 
ATOM   1207 C CA  . GLY C 1 33 ? -16.377 25.416  -1.665  1.00 78.44  ? 476 GLY C CA  1 
ATOM   1208 C C   . GLY C 1 33 ? -17.669 24.799  -2.150  1.00 74.85  ? 476 GLY C C   1 
ATOM   1209 O O   . GLY C 1 33 ? -17.665 24.132  -3.181  1.00 75.02  ? 476 GLY C O   1 
ATOM   1210 N N   . LEU C 1 34 ? -18.759 24.987  -1.405  1.00 69.78  ? 477 LEU C N   1 
ATOM   1211 C CA  . LEU C 1 34 ? -20.044 24.391  -1.775  1.00 66.23  ? 477 LEU C CA  1 
ATOM   1212 C C   . LEU C 1 34 ? -20.317 24.424  -3.278  1.00 64.67  ? 477 LEU C C   1 
ATOM   1213 O O   . LEU C 1 34 ? -20.773 23.436  -3.870  1.00 61.84  ? 477 LEU C O   1 
ATOM   1214 C CB  . LEU C 1 34 ? -21.182 25.089  -1.055  1.00 65.02  ? 477 LEU C CB  1 
ATOM   1215 C CG  . LEU C 1 34 ? -22.477 24.282  -1.119  1.00 64.59  ? 477 LEU C CG  1 
ATOM   1216 C CD1 . LEU C 1 34 ? -22.289 22.976  -0.341  1.00 63.00  ? 477 LEU C CD1 1 
ATOM   1217 C CD2 . LEU C 1 34 ? -23.628 25.085  -0.542  1.00 64.81  ? 477 LEU C CD2 1 
ATOM   1218 N N   . SER C 1 35 ? -20.049 25.576  -3.883  1.00 63.72  ? 478 SER C N   1 
ATOM   1219 C CA  . SER C 1 35 ? -20.228 25.746  -5.307  1.00 63.78  ? 478 SER C CA  1 
ATOM   1220 C C   . SER C 1 35 ? -19.479 24.641  -6.029  1.00 62.92  ? 478 SER C C   1 
ATOM   1221 O O   . SER C 1 35 ? -20.038 23.953  -6.886  1.00 63.64  ? 478 SER C O   1 
ATOM   1222 C CB  . SER C 1 35 ? -19.672 27.095  -5.741  1.00 66.53  ? 478 SER C CB  1 
ATOM   1223 O OG  . SER C 1 35 ? -19.473 27.124  -7.148  1.00 71.05  ? 478 SER C OG  1 
ATOM   1224 N N   . HIS C 1 36 ? -18.202 24.497  -5.676  1.00 61.24  ? 479 HIS C N   1 
ATOM   1225 C CA  . HIS C 1 36 ? -17.307 23.493  -6.248  1.00 58.93  ? 479 HIS C CA  1 
ATOM   1226 C C   . HIS C 1 36 ? -17.812 22.087  -5.924  1.00 56.52  ? 479 HIS C C   1 
ATOM   1227 O O   . HIS C 1 36 ? -17.891 21.229  -6.798  1.00 55.83  ? 479 HIS C O   1 
ATOM   1228 C CB  . HIS C 1 36 ? -15.895 23.697  -5.675  1.00 61.55  ? 479 HIS C CB  1 
ATOM   1229 C CG  . HIS C 1 36 ? -14.847 22.810  -6.279  1.00 63.60  ? 479 HIS C CG  1 
ATOM   1230 N ND1 . HIS C 1 36 ? -14.623 22.733  -7.636  1.00 63.06  ? 479 HIS C ND1 1 
ATOM   1231 C CD2 . HIS C 1 36 ? -13.921 22.008  -5.696  1.00 64.17  ? 479 HIS C CD2 1 
ATOM   1232 C CE1 . HIS C 1 36 ? -13.600 21.927  -7.866  1.00 63.94  ? 479 HIS C CE1 1 
ATOM   1233 N NE2 . HIS C 1 36 ? -13.156 21.475  -6.707  1.00 65.36  ? 479 HIS C NE2 1 
ATOM   1234 N N   . LEU C 1 37 ? -18.140 21.856  -4.661  1.00 54.86  ? 480 LEU C N   1 
ATOM   1235 C CA  . LEU C 1 37 ? -18.648 20.562  -4.231  1.00 55.17  ? 480 LEU C CA  1 
ATOM   1236 C C   . LEU C 1 37 ? -19.766 20.109  -5.152  1.00 54.56  ? 480 LEU C C   1 
ATOM   1237 O O   . LEU C 1 37 ? -19.688 19.049  -5.783  1.00 54.37  ? 480 LEU C O   1 
ATOM   1238 C CB  . LEU C 1 37 ? -19.201 20.649  -2.810  1.00 58.05  ? 480 LEU C CB  1 
ATOM   1239 C CG  . LEU C 1 37 ? -18.367 20.057  -1.673  1.00 60.40  ? 480 LEU C CG  1 
ATOM   1240 C CD1 . LEU C 1 37 ? -19.162 20.150  -0.366  1.00 60.76  ? 480 LEU C CD1 1 
ATOM   1241 C CD2 . LEU C 1 37 ? -18.022 18.604  -1.997  1.00 60.26  ? 480 LEU C CD2 1 
ATOM   1242 N N   . ILE C 1 38 ? -20.807 20.937  -5.211  1.00 53.97  ? 481 ILE C N   1 
ATOM   1243 C CA  . ILE C 1 38 ? -21.985 20.683  -6.027  1.00 51.95  ? 481 ILE C CA  1 
ATOM   1244 C C   . ILE C 1 38 ? -21.645 20.357  -7.465  1.00 51.12  ? 481 ILE C C   1 
ATOM   1245 O O   . ILE C 1 38 ? -22.175 19.404  -8.022  1.00 50.04  ? 481 ILE C O   1 
ATOM   1246 C CB  . ILE C 1 38 ? -22.944 21.895  -6.004  1.00 53.72  ? 481 ILE C CB  1 
ATOM   1247 C CG1 . ILE C 1 38 ? -23.593 22.014  -4.617  1.00 53.06  ? 481 ILE C CG1 1 
ATOM   1248 C CG2 . ILE C 1 38 ? -24.006 21.742  -7.085  1.00 52.53  ? 481 ILE C CG2 1 
ATOM   1249 C CD1 . ILE C 1 38 ? -24.422 23.266  -4.426  1.00 52.74  ? 481 ILE C CD1 1 
ATOM   1250 N N   . SER C 1 39 ? -20.752 21.138  -8.067  1.00 52.25  ? 482 SER C N   1 
ATOM   1251 C CA  . SER C 1 39 ? -20.372 20.903  -9.459  1.00 54.04  ? 482 SER C CA  1 
ATOM   1252 C C   . SER C 1 39 ? -19.760 19.511  -9.646  1.00 53.39  ? 482 SER C C   1 
ATOM   1253 O O   . SER C 1 39 ? -19.964 18.875  -10.680 1.00 53.41  ? 482 SER C O   1 
ATOM   1254 C CB  . SER C 1 39 ? -19.394 21.986  -9.944  1.00 54.43  ? 482 SER C CB  1 
ATOM   1255 O OG  . SER C 1 39 ? -18.127 21.876  -9.311  1.00 59.06  ? 482 SER C OG  1 
ATOM   1256 N N   . ILE C 1 40 ? -19.020 19.040  -8.644  1.00 51.99  ? 483 ILE C N   1 
ATOM   1257 C CA  . ILE C 1 40 ? -18.396 17.720  -8.708  1.00 51.68  ? 483 ILE C CA  1 
ATOM   1258 C C   . ILE C 1 40 ? -19.469 16.645  -8.631  1.00 49.88  ? 483 ILE C C   1 
ATOM   1259 O O   . ILE C 1 40 ? -19.439 15.664  -9.369  1.00 46.89  ? 483 ILE C O   1 
ATOM   1260 C CB  . ILE C 1 40 ? -17.380 17.501  -7.543  1.00 52.55  ? 483 ILE C CB  1 
ATOM   1261 C CG1 . ILE C 1 40 ? -16.118 18.339  -7.784  1.00 53.80  ? 483 ILE C CG1 1 
ATOM   1262 C CG2 . ILE C 1 40 ? -17.013 16.022  -7.426  1.00 50.42  ? 483 ILE C CG2 1 
ATOM   1263 C CD1 . ILE C 1 40 ? -15.088 18.245  -6.661  1.00 55.82  ? 483 ILE C CD1 1 
ATOM   1264 N N   . ILE C 1 41 ? -20.411 16.830  -7.715  1.00 50.25  ? 484 ILE C N   1 
ATOM   1265 C CA  . ILE C 1 41 ? -21.505 15.882  -7.547  1.00 50.10  ? 484 ILE C CA  1 
ATOM   1266 C C   . ILE C 1 41 ? -22.318 15.805  -8.838  1.00 50.36  ? 484 ILE C C   1 
ATOM   1267 O O   . ILE C 1 41 ? -22.595 14.722  -9.347  1.00 48.71  ? 484 ILE C O   1 
ATOM   1268 C CB  . ILE C 1 41 ? -22.420 16.314  -6.382  1.00 48.44  ? 484 ILE C CB  1 
ATOM   1269 C CG1 . ILE C 1 41 ? -21.687 16.091  -5.054  1.00 44.32  ? 484 ILE C CG1 1 
ATOM   1270 C CG2 . ILE C 1 41 ? -23.752 15.571  -6.452  1.00 45.33  ? 484 ILE C CG2 1 
ATOM   1271 C CD1 . ILE C 1 41 ? -22.403 16.660  -3.837  1.00 41.93  ? 484 ILE C CD1 1 
ATOM   1272 N N   . LYS C 1 42 ? -22.678 16.961  -9.375  1.00 53.07  ? 485 LYS C N   1 
ATOM   1273 C CA  . LYS C 1 42 ? -23.455 16.997  -10.600 1.00 58.47  ? 485 LYS C CA  1 
ATOM   1274 C C   . LYS C 1 42 ? -22.776 16.235  -11.736 1.00 61.71  ? 485 LYS C C   1 
ATOM   1275 O O   . LYS C 1 42 ? -23.435 15.522  -12.493 1.00 63.11  ? 485 LYS C O   1 
ATOM   1276 C CB  . LYS C 1 42 ? -23.728 18.446  -11.022 1.00 57.54  ? 485 LYS C CB  1 
ATOM   1277 C CG  . LYS C 1 42 ? -24.263 18.550  -12.430 1.00 61.10  ? 485 LYS C CG  1 
ATOM   1278 C CD  . LYS C 1 42 ? -24.932 19.885  -12.712 1.00 63.54  ? 485 LYS C CD  1 
ATOM   1279 C CE  . LYS C 1 42 ? -25.290 19.999  -14.194 1.00 65.13  ? 485 LYS C CE  1 
ATOM   1280 N NZ  . LYS C 1 42 ? -25.946 18.764  -14.735 1.00 65.85  ? 485 LYS C NZ  1 
ATOM   1281 N N   . ASP C 1 43 ? -21.458 16.368  -11.853 1.00 66.01  ? 486 ASP C N   1 
ATOM   1282 C CA  . ASP C 1 43 ? -20.737 15.676  -12.915 1.00 68.63  ? 486 ASP C CA  1 
ATOM   1283 C C   . ASP C 1 43 ? -20.573 14.191  -12.583 1.00 69.03  ? 486 ASP C C   1 
ATOM   1284 O O   . ASP C 1 43 ? -20.445 13.351  -13.475 1.00 68.15  ? 486 ASP C O   1 
ATOM   1285 C CB  . ASP C 1 43 ? -19.370 16.325  -13.139 1.00 71.44  ? 486 ASP C CB  1 
ATOM   1286 C CG  . ASP C 1 43 ? -18.787 15.991  -14.507 1.00 76.96  ? 486 ASP C CG  1 
ATOM   1287 O OD1 . ASP C 1 43 ? -18.448 14.805  -14.753 1.00 78.42  ? 486 ASP C OD1 1 
ATOM   1288 O OD2 . ASP C 1 43 ? -18.678 16.922  -15.342 1.00 78.82  ? 486 ASP C OD2 1 
ATOM   1289 N N   . ASP C 1 44 ? -20.576 13.879  -11.292 1.00 69.42  ? 487 ASP C N   1 
ATOM   1290 C CA  . ASP C 1 44 ? -20.456 12.505  -10.843 1.00 70.42  ? 487 ASP C CA  1 
ATOM   1291 C C   . ASP C 1 44 ? -21.747 11.771  -11.180 1.00 71.03  ? 487 ASP C C   1 
ATOM   1292 O O   . ASP C 1 44 ? -21.726 10.686  -11.766 1.00 70.44  ? 487 ASP C O   1 
ATOM   1293 C CB  . ASP C 1 44 ? -20.212 12.463  -9.335  1.00 71.14  ? 487 ASP C CB  1 
ATOM   1294 C CG  . ASP C 1 44 ? -18.737 12.493  -8.980  1.00 71.96  ? 487 ASP C CG  1 
ATOM   1295 O OD1 . ASP C 1 44 ? -17.955 13.122  -9.723  1.00 73.99  ? 487 ASP C OD1 1 
ATOM   1296 O OD2 . ASP C 1 44 ? -18.362 11.896  -7.947  1.00 72.45  ? 487 ASP C OD2 1 
ATOM   1297 N N   . LEU C 1 45 ? -22.875 12.368  -10.813 1.00 71.02  ? 488 LEU C N   1 
ATOM   1298 C CA  . LEU C 1 45 ? -24.165 11.754  -11.085 1.00 71.75  ? 488 LEU C CA  1 
ATOM   1299 C C   . LEU C 1 45 ? -24.336 11.562  -12.582 1.00 75.63  ? 488 LEU C C   1 
ATOM   1300 O O   . LEU C 1 45 ? -24.768 10.507  -13.033 1.00 76.62  ? 488 LEU C O   1 
ATOM   1301 C CB  . LEU C 1 45 ? -25.290 12.628  -10.534 1.00 65.80  ? 488 LEU C CB  1 
ATOM   1302 C CG  . LEU C 1 45 ? -25.256 12.789  -9.015  1.00 61.90  ? 488 LEU C CG  1 
ATOM   1303 C CD1 . LEU C 1 45 ? -26.327 13.756  -8.562  1.00 57.82  ? 488 LEU C CD1 1 
ATOM   1304 C CD2 . LEU C 1 45 ? -25.441 11.430  -8.367  1.00 58.95  ? 488 LEU C CD2 1 
ATOM   1305 N N   . GLU C 1 46 ? -23.978 12.587  -13.347 1.00 80.21  ? 489 GLU C N   1 
ATOM   1306 C CA  . GLU C 1 46 ? -24.083 12.551  -14.801 1.00 84.77  ? 489 GLU C CA  1 
ATOM   1307 C C   . GLU C 1 46 ? -23.224 11.445  -15.421 1.00 86.22  ? 489 GLU C C   1 
ATOM   1308 O O   . GLU C 1 46 ? -23.679 10.708  -16.299 1.00 86.62  ? 489 GLU C O   1 
ATOM   1309 C CB  . GLU C 1 46 ? -23.672 13.915  -15.366 1.00 87.91  ? 489 GLU C CB  1 
ATOM   1310 C CG  . GLU C 1 46 ? -23.349 13.934  -16.858 1.00 92.31  ? 489 GLU C CG  1 
ATOM   1311 C CD  . GLU C 1 46 ? -22.957 15.323  -17.353 1.00 94.78  ? 489 GLU C CD  1 
ATOM   1312 O OE1 . GLU C 1 46 ? -22.480 15.432  -18.506 1.00 94.77  ? 489 GLU C OE1 1 
ATOM   1313 O OE2 . GLU C 1 46 ? -23.131 16.305  -16.587 1.00 95.85  ? 489 GLU C OE2 1 
ATOM   1314 N N   . ASP C 1 47 ? -21.984 11.340  -14.955 1.00 87.51  ? 490 ASP C N   1 
ATOM   1315 C CA  . ASP C 1 47 ? -21.035 10.342  -15.440 1.00 88.78  ? 490 ASP C CA  1 
ATOM   1316 C C   . ASP C 1 47 ? -21.470 8.906   -15.127 1.00 89.06  ? 490 ASP C C   1 
ATOM   1317 O O   . ASP C 1 47 ? -20.799 7.948   -15.520 1.00 88.87  ? 490 ASP C O   1 
ATOM   1318 C CB  . ASP C 1 47 ? -19.658 10.616  -14.816 1.00 90.70  ? 490 ASP C CB  1 
ATOM   1319 C CG  . ASP C 1 47 ? -18.594 9.611   -15.246 1.00 92.29  ? 490 ASP C CG  1 
ATOM   1320 O OD1 . ASP C 1 47 ? -17.517 9.590   -14.615 1.00 91.78  ? 490 ASP C OD1 1 
ATOM   1321 O OD2 . ASP C 1 47 ? -18.818 8.848   -16.212 1.00 93.96  ? 490 ASP C OD2 1 
ATOM   1322 N N   . ILE C 1 48 ? -22.593 8.743   -14.434 1.00 89.56  ? 491 ILE C N   1 
ATOM   1323 C CA  . ILE C 1 48 ? -23.045 7.402   -14.078 1.00 89.12  ? 491 ILE C CA  1 
ATOM   1324 C C   . ILE C 1 48 ? -24.482 7.040   -14.464 1.00 89.10  ? 491 ILE C C   1 
ATOM   1325 O O   . ILE C 1 48 ? -24.685 6.254   -15.386 1.00 90.45  ? 491 ILE C O   1 
ATOM   1326 C CB  . ILE C 1 48 ? -22.860 7.144   -12.564 1.00 88.83  ? 491 ILE C CB  1 
ATOM   1327 C CG1 . ILE C 1 48 ? -21.434 7.515   -12.140 1.00 88.27  ? 491 ILE C CG1 1 
ATOM   1328 C CG2 . ILE C 1 48 ? -23.103 5.677   -12.255 1.00 89.45  ? 491 ILE C CG2 1 
ATOM   1329 C CD1 . ILE C 1 48 ? -20.343 6.756   -12.878 1.00 87.98  ? 491 ILE C CD1 1 
ATOM   1330 N N   . LYS C 1 49 ? -25.469 7.601   -13.764 1.00 88.88  ? 492 LYS C N   1 
ATOM   1331 C CA  . LYS C 1 49 ? -26.883 7.300   -14.027 1.00 87.84  ? 492 LYS C CA  1 
ATOM   1332 C C   . LYS C 1 49 ? -27.281 7.429   -15.498 1.00 87.71  ? 492 LYS C C   1 
ATOM   1333 O O   . LYS C 1 49 ? -26.463 7.923   -16.301 1.00 87.87  ? 492 LYS C O   1 
ATOM   1334 C CB  . LYS C 1 49 ? -27.790 8.210   -13.193 1.00 86.42  ? 492 LYS C CB  1 
ATOM   1335 C CG  . LYS C 1 49 ? -27.811 9.639   -13.692 1.00 86.52  ? 492 LYS C CG  1 
ATOM   1336 C CD  . LYS C 1 49 ? -28.754 10.516  -12.901 1.00 84.30  ? 492 LYS C CD  1 
ATOM   1337 C CE  . LYS C 1 49 ? -28.690 11.939  -13.419 1.00 82.87  ? 492 LYS C CE  1 
ATOM   1338 N NZ  . LYS C 1 49 ? -29.541 12.859  -12.628 1.00 81.35  ? 492 LYS C NZ  1 
HETATM 1339 O O   . HOH D 3 .  ? 6.085   9.486   -3.090  1.00 47.74  ? 10  HOH A O   1 
HETATM 1340 O O   . HOH D 3 .  ? 10.743  15.131  1.710   1.00 55.14  ? 23  HOH A O   1 
HETATM 1341 O O   . HOH D 3 .  ? 21.707  -17.292 -3.934  1.00 35.14  ? 24  HOH A O   1 
HETATM 1342 O O   . HOH D 3 .  ? 14.556  7.447   3.094   1.00 56.36  ? 46  HOH A O   1 
HETATM 1343 O O   . HOH D 3 .  ? 4.363   8.564   7.524   1.00 42.23  ? 60  HOH A O   1 
HETATM 1344 O O   . HOH D 3 .  ? 8.962   12.161  -0.838  1.00 48.04  ? 82  HOH A O   1 
HETATM 1345 O O   . HOH D 3 .  ? 15.051  -2.412  -0.227  1.00 50.97  ? 102 HOH A O   1 
HETATM 1346 O O   . HOH D 3 .  ? 9.741   -9.945  5.233   1.00 63.21  ? 110 HOH A O   1 
HETATM 1347 O O   . HOH D 3 .  ? 5.170   20.349  4.745   1.00 54.69  ? 111 HOH A O   1 
HETATM 1348 O O   . HOH D 3 .  ? -1.218  22.097  -4.940  1.00 60.29  ? 115 HOH A O   1 
HETATM 1349 O O   . HOH D 3 .  ? 10.588  -3.453  7.448   1.00 55.33  ? 116 HOH A O   1 
HETATM 1350 O O   . HOH D 3 .  ? 20.969  -25.434 -0.971  1.00 51.23  ? 117 HOH A O   1 
HETATM 1351 O O   . HOH D 3 .  ? 25.269  -25.457 1.610   1.00 46.94  ? 118 HOH A O   1 
HETATM 1352 O O   . HOH D 3 .  ? 6.837   21.878  3.039   1.00 75.11  ? 163 HOH A O   1 
HETATM 1353 O O   . HOH D 3 .  ? 4.499   16.147  -2.927  1.00 97.70  ? 169 HOH A O   1 
HETATM 1354 O O   . HOH D 3 .  ? 3.278   22.590  7.041   1.00 54.62  ? 170 HOH A O   1 
HETATM 1355 O O   . HOH E 3 .  ? -4.888  5.695   9.222   1.00 51.70  ? 14  HOH B O   1 
HETATM 1356 O O   . HOH E 3 .  ? 8.457   -31.522 5.438   1.00 63.22  ? 28  HOH B O   1 
HETATM 1357 O O   . HOH E 3 .  ? 23.742  -31.016 -1.962  1.00 36.65  ? 42  HOH B O   1 
HETATM 1358 O O   . HOH E 3 .  ? 18.289  -28.337 12.183  1.00 62.55  ? 43  HOH B O   1 
HETATM 1359 O O   . HOH E 3 .  ? -12.772 -0.942  2.537   0.50 50.22  ? 44  HOH B O   1 
HETATM 1360 O O   . HOH E 3 .  ? 24.414  -39.737 3.142   1.00 47.97  ? 49  HOH B O   1 
HETATM 1361 O O   . HOH E 3 .  ? 2.352   -11.187 9.425   1.00 51.00  ? 52  HOH B O   1 
HETATM 1362 O O   . HOH E 3 .  ? -8.619  13.445  -11.554 1.00 62.49  ? 83  HOH B O   1 
HETATM 1363 O O   . HOH E 3 .  ? -1.031  -12.638 6.116   1.00 65.89  ? 85  HOH B O   1 
HETATM 1364 O O   . HOH E 3 .  ? 17.115  -25.608 11.009  1.00 74.92  ? 88  HOH B O   1 
HETATM 1365 O O   . HOH E 3 .  ? 25.973  -38.257 0.162   1.00 62.72  ? 94  HOH B O   1 
HETATM 1366 O O   . HOH E 3 .  ? -8.268  7.129   10.571  1.00 78.88  ? 98  HOH B O   1 
HETATM 1367 O O   . HOH E 3 .  ? 11.074  -11.754 11.556  1.00 55.78  ? 104 HOH B O   1 
HETATM 1368 O O   . HOH E 3 .  ? 5.374   -7.204  8.693   1.00 62.04  ? 106 HOH B O   1 
HETATM 1369 O O   . HOH E 3 .  ? 26.338  -35.772 0.924   1.00 69.49  ? 108 HOH B O   1 
HETATM 1370 O O   . HOH E 3 .  ? 0.766   -20.617 1.389   1.00 63.69  ? 109 HOH B O   1 
HETATM 1371 O O   . HOH E 3 .  ? 25.216  -33.409 -1.383  1.00 52.40  ? 114 HOH B O   1 
HETATM 1372 O O   . HOH E 3 .  ? -8.596  -16.494 -7.375  1.00 58.54  ? 119 HOH B O   1 
HETATM 1373 O O   . HOH E 3 .  ? 18.338  -23.857 11.565  1.00 68.62  ? 138 HOH B O   1 
HETATM 1374 O O   . HOH E 3 .  ? -6.521  -11.448 1.688   1.00 55.67  ? 141 HOH B O   1 
HETATM 1375 O O   . HOH E 3 .  ? -7.131  -10.863 -0.855  1.00 59.13  ? 144 HOH B O   1 
HETATM 1376 O O   . HOH E 3 .  ? 15.595  -20.542 8.942   1.00 51.55  ? 145 HOH B O   1 
HETATM 1377 O O   . HOH E 3 .  ? -8.996  -5.952  0.337   1.00 71.40  ? 158 HOH B O   1 
HETATM 1378 O O   . HOH E 3 .  ? -9.142  3.006   -6.204  1.00 74.32  ? 160 HOH B O   1 
HETATM 1379 O O   . HOH F 3 .  ? -30.717 6.114   -16.782 1.00 52.19  ? 40  HOH C O   1 
HETATM 1380 O O   . HOH F 3 .  ? -24.035 6.742   -17.875 1.00 52.08  ? 41  HOH C O   1 
HETATM 1381 O O   . HOH F 3 .  ? -19.249 28.496  -2.895  1.00 52.85  ? 47  HOH C O   1 
HETATM 1382 O O   . HOH F 3 .  ? -19.067 27.529  1.003   1.00 59.19  ? 61  HOH C O   1 
HETATM 1383 O O   . HOH F 3 .  ? -22.586 24.917  -8.811  1.00 59.73  ? 63  HOH C O   1 
HETATM 1384 O O   . HOH F 3 .  ? 11.205  0.455   6.625   1.00 42.83  ? 79  HOH C O   1 
HETATM 1385 O O   . HOH F 3 .  ? 10.750  6.524   10.640  1.00 69.30  ? 95  HOH C O   1 
HETATM 1386 O O   . HOH F 3 .  ? -25.881 7.719   -11.175 1.00 59.79  ? 96  HOH C O   1 
HETATM 1387 O O   . HOH F 3 .  ? -27.438 17.937  -17.206 1.00 67.39  ? 99  HOH C O   1 
HETATM 1388 O O   . HOH F 3 .  ? -25.381 15.194  -19.446 1.00 70.23  ? 101 HOH C O   1 
HETATM 1389 O O   . HOH F 3 .  ? 9.988   3.143   5.608   1.00 59.55  ? 103 HOH C O   1 
HETATM 1390 O O   . HOH F 3 .  ? 4.955   4.260   13.370  1.00 65.30  ? 112 HOH C O   1 
HETATM 1391 O O   . HOH F 3 .  ? -13.833 21.470  -2.092  1.00 64.09  ? 126 HOH C O   1 
HETATM 1392 O O   . HOH F 3 .  ? -31.921 9.554   -12.548 1.00 61.54  ? 127 HOH C O   1 
HETATM 1393 O O   . HOH F 3 .  ? -4.939  23.974  7.357   1.00 78.74  ? 139 HOH C O   1 
HETATM 1394 O O   . HOH F 3 .  ? -13.447 25.013  -2.872  1.00 70.72  ? 143 HOH C O   1 
# 
